data_8OVB
#
_entry.id   8OVB
#
loop_
_entity.id
_entity.type
_entity.pdbx_description
1 polymer 'Complement C3f fragment'
2 polymer 'Complement C3'
3 polymer 'ISG65 G'
#
loop_
_entity_poly.entity_id
_entity_poly.type
_entity_poly.pdbx_seq_one_letter_code
_entity_poly.pdbx_strand_id
1 'polypeptide(L)'
;SPMYSIITPNILRLESEETMVLEAHDAQGDVPVTVTVHDFPGKKLVLSSEKTVLTPATNHMGNVTFTIPANREFKSEKGR
NKFVTVQATFGTQVVEKVVLVSLQSGYLFIQTDKTIYTPGSTVLYRIFTVNHKLLPVGRTVMVNIENPEGIPVKQDSLSS
QNQLGVLPLSWDIPELVNMGQWKIRAYYENSPQQVFSTEFEVKEYVLPSFEVIVEPTEKFYYIYNEKGLEVTITARFLYG
KKVEGTAFVIFGIQDGEQRISLPESLKRIPIEDGSGEVVLSRKVLLDGVQNPRAEDLVGKSLYVSATVILHSGSDMVQAE
RSGIPIVTSPYQIHFTKTPKYFKPGMPFDLMVFVTNPDGSPAYRVPVAVQGEDTVQSLTQGDGVAKLSINTHPSQKPLSI
TVRTKKQELSEAEQATRTMQALPYSTVGNSNNYLHLSVLRTELRPGETLNVNFLLRMDRAHEAKIRYYTYLIMNKGRLLK
AGRQVREPGQDLVVLPLSITTDFIPSFRLVAYYTLIGASGQREVVADSVWVDVKDSCVGSLVVKSGQSEDRQPVPGQQMT
LKIEGDHGARVVLVAVDKGVFVLNKKNKLTQSKIWDVVEKADIGCTPGSGKDYAGVFSDAGLTFTSSSGQQTAQRAELQC
PQ
;
A
2 'polypeptide(L)'
;SNLDEDIIAEENIVSRSEFPESWLWNVEDLKEPPKNGISTKLMNIFLKDSITTWEILAVSMSDKKGICVADPFEVTVMQD
FFIDLRLPYSVVRNEQVEIRAVLYNYRQNQELKVRVELLHNPAFCSLATTKRRHQQTVTIPPKSSLSVPYVIVPLKTGLQ
EVEVKAAVYHHFISDGVRKSLKVVPEGIRMNKTVAVRTLDPERLGREGVQKEDIPPADLSDQVPDTESETRILLQGTPVA
QMTEDAVDAERLKHLIVTPSGCGEQNMIGMTPTVIAVHYLDETEQWEKFGLEKRQGALELIKKGYTQQLAFRQPSSAFAA
FVKRAPSTWLTAYVVKVFSLAVNLIAIDSQVLCGAVKWLILEKQKPDGVFQEDAPVIHQEMIGGLRNNNEKDMALTAFVL
ISLQEAKDICEEQVNSLPGSITKAGDFLEANYMNLQRSYTVAIAGYALAQMGRLKGPLLNKFLTTAKDKNRWEDPGKQLY
NVEATSYALLALLQLKDFDFVPPVVRWLNEQRYYGGGYGSTQATFMVFQALAQYQKDAPDHQELNLDVSLQLPSRSSKIT
HRIHWESASLLRSEETKENEGFTVTAEGKGQGTLSVVTMYHAKAKDQLTCNKFDLKVTIKPAPETEKRPQDAKNTMILEI
CTRYRGDQDATMSILDISMMTGFAPDTDDLKQLANGVDRYISKYELDKAFSDRNTLIIYLDKVSHSEDDCLAFKVHQYFN
VELIQPGAVKVYAYYNLEESCTRFYHPEKEDGKLNKLCRDELCRCAEENCFIQKSDDKVTLEERLDKACEPGVDYVYKTR
LVKVQLSNDFDEYIMAIEQTIKSGSDEVQVGQQRTFISPIKCREALKLEEKKHYLMWGLSSDFWGEKPNLSYIIGKDTWV
EHWPEEDECQDEENQKQCQDLGAFTESMVVFGCPN
;
B
3 'polypeptide(L)'
;DNRVPGDKNLTKEGAAALCKMKHLADKVAEKRSQELKDRTQNFAGYIEFELYRIDYWLEKLNGPKGRKDGYAKLSDSDIE
KVKEIFDKAKDGIAKQLPEAKKAGEDAEKLHTEVKEAAANARGQDLDDHKQKSTGLYRVLNWYCITKEESHNATPNCDGI
QFRNHYLSVNRSAIDCSSTGYEENYDWSANALQVALNSWENVKPKKLESAGSDENCNIGQSSESHPCTMTEEWQTHYKET
VKKLKELEGAHEKGRRAHDAMLGYANTAYAVNTKVEQEKPLAEVIAAAK
;
C
#
# COMPACT_ATOMS: atom_id res chain seq x y z
N SER A 1 -40.02 31.20 -1.82
CA SER A 1 -38.81 31.06 -2.68
C SER A 1 -38.36 29.60 -2.74
N PRO A 2 -38.01 29.12 -3.93
CA PRO A 2 -37.59 27.72 -4.05
C PRO A 2 -36.30 27.46 -3.31
N MET A 3 -36.15 26.23 -2.84
CA MET A 3 -34.97 25.77 -2.12
C MET A 3 -34.40 24.59 -2.90
N TYR A 4 -33.35 24.85 -3.66
CA TYR A 4 -32.67 23.79 -4.39
C TYR A 4 -31.66 23.13 -3.49
N SER A 5 -31.59 21.79 -3.54
CA SER A 5 -30.68 21.06 -2.68
C SER A 5 -30.23 19.79 -3.39
N ILE A 6 -29.06 19.31 -3.01
CA ILE A 6 -28.47 18.10 -3.58
C ILE A 6 -27.97 17.22 -2.46
N ILE A 7 -28.15 15.92 -2.60
CA ILE A 7 -27.72 14.95 -1.60
C ILE A 7 -26.83 13.92 -2.29
N THR A 8 -25.64 13.71 -1.75
CA THR A 8 -24.69 12.78 -2.33
C THR A 8 -23.88 12.15 -1.21
N PRO A 9 -23.35 10.94 -1.42
CA PRO A 9 -22.52 10.33 -0.38
C PRO A 9 -21.33 11.22 -0.04
N ASN A 10 -20.96 11.23 1.24
CA ASN A 10 -19.85 12.06 1.68
C ASN A 10 -18.50 11.46 1.34
N ILE A 11 -18.46 10.26 0.77
CA ILE A 11 -17.24 9.68 0.24
C ILE A 11 -17.52 9.15 -1.16
N LEU A 12 -16.79 9.65 -2.14
CA LEU A 12 -16.91 9.19 -3.52
C LEU A 12 -15.75 8.27 -3.83
N ARG A 13 -16.00 7.26 -4.65
CA ARG A 13 -15.01 6.26 -4.99
C ARG A 13 -14.64 6.37 -6.46
N LEU A 14 -13.33 6.34 -6.74
CA LEU A 14 -12.86 6.48 -8.10
C LEU A 14 -13.42 5.38 -8.98
N GLU A 15 -13.84 5.75 -10.19
CA GLU A 15 -14.34 4.82 -11.19
C GLU A 15 -15.45 3.95 -10.61
N SER A 16 -16.55 4.61 -10.25
CA SER A 16 -17.74 3.92 -9.79
C SER A 16 -18.93 4.82 -10.06
N GLU A 17 -20.09 4.20 -10.29
CA GLU A 17 -21.29 4.92 -10.70
C GLU A 17 -22.02 5.48 -9.49
N GLU A 18 -21.34 6.41 -8.81
CA GLU A 18 -21.95 7.08 -7.67
C GLU A 18 -23.18 7.85 -8.12
N THR A 19 -24.21 7.83 -7.28
CA THR A 19 -25.50 8.44 -7.60
C THR A 19 -25.70 9.68 -6.75
N MET A 20 -26.29 10.71 -7.34
CA MET A 20 -26.60 11.95 -6.65
C MET A 20 -28.06 12.31 -6.93
N VAL A 21 -28.76 12.78 -5.91
CA VAL A 21 -30.18 13.08 -6.00
C VAL A 21 -30.37 14.58 -5.82
N LEU A 22 -31.12 15.18 -6.73
CA LEU A 22 -31.38 16.61 -6.74
C LEU A 22 -32.86 16.85 -6.48
N GLU A 23 -33.17 17.97 -5.82
CA GLU A 23 -34.54 18.30 -5.47
C GLU A 23 -34.73 19.80 -5.53
N ALA A 24 -35.97 20.23 -5.78
CA ALA A 24 -36.32 21.64 -5.85
C ALA A 24 -37.61 21.85 -5.06
N HIS A 25 -37.47 22.12 -3.77
CA HIS A 25 -38.63 22.31 -2.92
C HIS A 25 -39.32 23.62 -3.27
N ASP A 26 -40.64 23.56 -3.42
CA ASP A 26 -41.47 24.75 -3.67
C ASP A 26 -41.19 25.37 -5.04
N ALA A 27 -40.59 24.62 -5.95
CA ALA A 27 -40.31 25.15 -7.28
C ALA A 27 -41.54 25.05 -8.17
N GLN A 28 -41.61 25.96 -9.13
CA GLN A 28 -42.72 26.01 -10.08
C GLN A 28 -42.18 25.89 -11.50
N GLY A 29 -42.78 24.99 -12.27
CA GLY A 29 -42.33 24.75 -13.63
C GLY A 29 -41.04 23.95 -13.67
N ASP A 30 -40.68 23.53 -14.88
CA ASP A 30 -39.47 22.76 -15.06
C ASP A 30 -38.24 23.63 -14.79
N VAL A 31 -37.20 23.01 -14.25
CA VAL A 31 -35.94 23.67 -13.96
C VAL A 31 -34.82 22.79 -14.52
N PRO A 32 -34.02 23.27 -15.46
CA PRO A 32 -32.88 22.48 -15.92
C PRO A 32 -31.77 22.51 -14.89
N VAL A 33 -31.12 21.37 -14.70
CA VAL A 33 -30.08 21.20 -13.70
C VAL A 33 -28.85 20.62 -14.39
N THR A 34 -27.69 21.22 -14.10
CA THR A 34 -26.41 20.76 -14.65
C THR A 34 -25.51 20.41 -13.49
N VAL A 35 -24.91 19.22 -13.55
CA VAL A 35 -24.01 18.74 -12.51
C VAL A 35 -22.61 18.62 -13.11
N THR A 36 -21.63 19.19 -12.43
CA THR A 36 -20.25 19.13 -12.86
C THR A 36 -19.37 18.79 -11.66
N VAL A 37 -18.34 17.99 -11.89
CA VAL A 37 -17.41 17.57 -10.85
C VAL A 37 -16.03 18.07 -11.24
N HIS A 38 -15.40 18.83 -10.34
CA HIS A 38 -14.10 19.41 -10.60
C HIS A 38 -13.11 18.94 -9.55
N ASP A 39 -11.84 18.90 -9.93
CA ASP A 39 -10.79 18.60 -8.99
C ASP A 39 -10.70 19.71 -7.95
N PHE A 40 -10.24 19.35 -6.75
CA PHE A 40 -10.07 20.32 -5.68
C PHE A 40 -8.65 20.29 -5.16
N PRO A 41 -8.04 21.45 -4.87
CA PRO A 41 -8.56 22.81 -5.01
C PRO A 41 -8.30 23.37 -6.40
N GLY A 42 -7.78 22.55 -7.32
CA GLY A 42 -7.40 23.06 -8.61
C GLY A 42 -8.55 23.68 -9.38
N LYS A 43 -9.69 22.99 -9.42
CA LYS A 43 -10.83 23.45 -10.19
C LYS A 43 -10.44 23.67 -11.65
N LYS A 44 -9.65 22.75 -12.18
CA LYS A 44 -9.10 22.85 -13.53
C LYS A 44 -9.61 21.78 -14.48
N LEU A 45 -9.93 20.60 -13.98
CA LEU A 45 -10.36 19.48 -14.80
C LEU A 45 -11.80 19.12 -14.46
N VAL A 46 -12.63 18.95 -15.50
CA VAL A 46 -14.02 18.55 -15.33
C VAL A 46 -14.05 17.02 -15.39
N LEU A 47 -13.93 16.39 -14.23
CA LEU A 47 -13.89 14.93 -14.19
C LEU A 47 -15.16 14.31 -14.72
N SER A 48 -16.27 15.04 -14.67
CA SER A 48 -17.53 14.51 -15.17
C SER A 48 -18.51 15.64 -15.35
N SER A 49 -19.52 15.41 -16.19
CA SER A 49 -20.57 16.37 -16.43
C SER A 49 -21.87 15.63 -16.71
N GLU A 50 -22.96 16.10 -16.13
CA GLU A 50 -24.27 15.49 -16.31
C GLU A 50 -25.32 16.58 -16.42
N LYS A 51 -26.44 16.24 -17.05
CA LYS A 51 -27.52 17.18 -17.24
C LYS A 51 -28.85 16.44 -17.18
N THR A 52 -29.84 17.11 -16.60
CA THR A 52 -31.19 16.56 -16.53
C THR A 52 -32.15 17.70 -16.18
N VAL A 53 -33.44 17.37 -16.15
CA VAL A 53 -34.48 18.35 -15.89
C VAL A 53 -35.40 17.81 -14.81
N LEU A 54 -35.76 18.68 -13.86
CA LEU A 54 -36.70 18.34 -12.81
C LEU A 54 -38.06 18.93 -13.17
N THR A 55 -39.08 18.09 -13.18
CA THR A 55 -40.40 18.47 -13.64
C THR A 55 -41.44 18.07 -12.61
N PRO A 56 -42.60 18.69 -12.63
CA PRO A 56 -43.65 18.31 -11.69
C PRO A 56 -44.03 16.84 -11.79
N ALA A 57 -43.95 16.25 -12.98
CA ALA A 57 -44.28 14.84 -13.12
C ALA A 57 -43.44 13.98 -12.19
N THR A 58 -42.21 14.41 -11.90
CA THR A 58 -41.33 13.71 -10.97
C THR A 58 -41.34 14.37 -9.59
N ASN A 59 -42.28 15.26 -9.33
CA ASN A 59 -42.36 15.97 -8.06
C ASN A 59 -41.14 16.83 -7.83
N HIS A 60 -40.52 17.31 -8.90
CA HIS A 60 -39.32 18.13 -8.83
C HIS A 60 -38.20 17.41 -8.09
N MET A 61 -38.11 16.09 -8.29
CA MET A 61 -37.03 15.30 -7.73
C MET A 61 -36.47 14.39 -8.81
N GLY A 62 -35.15 14.32 -8.88
CA GLY A 62 -34.50 13.49 -9.87
C GLY A 62 -33.07 13.16 -9.50
N ASN A 63 -32.59 12.01 -9.96
CA ASN A 63 -31.24 11.57 -9.65
C ASN A 63 -30.34 11.75 -10.86
N VAL A 64 -29.05 11.93 -10.59
CA VAL A 64 -28.04 12.07 -11.63
C VAL A 64 -26.88 11.14 -11.30
N THR A 65 -26.46 10.36 -12.28
CA THR A 65 -25.41 9.36 -12.09
C THR A 65 -24.16 9.80 -12.85
N PHE A 66 -23.02 9.70 -12.19
CA PHE A 66 -21.74 10.06 -12.78
C PHE A 66 -20.67 9.17 -12.20
N THR A 67 -19.57 9.02 -12.95
CA THR A 67 -18.44 8.20 -12.51
C THR A 67 -17.17 9.00 -12.78
N ILE A 68 -16.43 9.30 -11.72
CA ILE A 68 -15.21 10.09 -11.82
C ILE A 68 -14.07 9.18 -12.29
N PRO A 69 -13.41 9.48 -13.41
CA PRO A 69 -12.31 8.63 -13.86
C PRO A 69 -11.15 8.68 -12.88
N ALA A 70 -10.36 7.61 -12.86
CA ALA A 70 -9.21 7.48 -11.95
C ALA A 70 -7.98 8.15 -12.56
N ASN A 71 -8.01 9.48 -12.60
CA ASN A 71 -6.88 10.23 -13.11
C ASN A 71 -5.66 10.04 -12.23
N ARG A 72 -4.48 10.07 -12.86
CA ARG A 72 -3.23 9.87 -12.14
C ARG A 72 -2.93 10.99 -11.15
N GLU A 73 -3.61 12.13 -11.26
CA GLU A 73 -3.39 13.20 -10.31
C GLU A 73 -3.73 12.76 -8.88
N PHE A 74 -4.60 11.77 -8.74
CA PHE A 74 -5.02 11.30 -7.43
C PHE A 74 -3.95 10.37 -6.89
N LYS A 75 -3.15 10.87 -5.94
CA LYS A 75 -2.10 10.09 -5.32
C LYS A 75 -1.98 10.51 -3.86
N SER A 76 -1.45 9.59 -3.05
CA SER A 76 -1.11 9.91 -1.66
C SER A 76 0.26 10.58 -1.62
N GLU A 77 0.29 11.82 -2.11
CA GLU A 77 1.55 12.54 -2.27
C GLU A 77 2.33 12.55 -0.96
N LYS A 78 1.68 12.97 0.13
CA LYS A 78 2.29 12.98 1.44
C LYS A 78 1.30 12.48 2.48
N GLY A 79 0.45 11.53 2.09
CA GLY A 79 -0.57 11.00 2.96
C GLY A 79 -1.83 11.83 3.04
N ARG A 80 -1.87 12.98 2.38
CA ARG A 80 -3.05 13.83 2.44
C ARG A 80 -4.14 13.28 1.55
N ASN A 81 -5.39 13.58 1.91
CA ASN A 81 -6.53 13.11 1.15
C ASN A 81 -6.70 13.95 -0.12
N LYS A 82 -7.77 13.65 -0.85
CA LYS A 82 -8.13 14.40 -2.04
C LYS A 82 -9.62 14.67 -2.03
N PHE A 83 -10.02 15.73 -2.73
CA PHE A 83 -11.40 16.19 -2.70
C PHE A 83 -11.83 16.59 -4.11
N VAL A 84 -13.14 16.62 -4.31
CA VAL A 84 -13.73 17.07 -5.57
C VAL A 84 -14.92 17.96 -5.23
N THR A 85 -15.04 19.07 -5.96
CA THR A 85 -16.09 20.05 -5.70
C THR A 85 -17.30 19.71 -6.55
N VAL A 86 -18.18 18.86 -6.03
CA VAL A 86 -19.46 18.63 -6.68
C VAL A 86 -20.15 19.97 -6.84
N GLN A 87 -20.55 20.29 -8.06
CA GLN A 87 -21.16 21.58 -8.36
C GLN A 87 -22.40 21.33 -9.21
N ALA A 88 -23.55 21.80 -8.74
CA ALA A 88 -24.81 21.65 -9.45
C ALA A 88 -25.36 23.03 -9.74
N THR A 89 -25.81 23.24 -10.98
CA THR A 89 -26.36 24.51 -11.41
C THR A 89 -27.86 24.35 -11.62
N PHE A 90 -28.65 24.89 -10.71
CA PHE A 90 -30.11 24.86 -10.83
C PHE A 90 -30.53 26.11 -11.57
N GLY A 91 -30.60 26.01 -12.90
CA GLY A 91 -30.85 27.19 -13.71
C GLY A 91 -29.76 28.21 -13.49
N THR A 92 -30.09 29.30 -12.79
CA THR A 92 -29.11 30.31 -12.44
C THR A 92 -28.42 30.01 -11.11
N GLN A 93 -29.17 29.49 -10.14
CA GLN A 93 -28.59 29.18 -8.84
C GLN A 93 -27.54 28.09 -8.96
N VAL A 94 -26.50 28.21 -8.13
CA VAL A 94 -25.41 27.23 -8.10
C VAL A 94 -25.26 26.74 -6.67
N VAL A 95 -25.23 25.43 -6.50
CA VAL A 95 -25.04 24.78 -5.21
C VAL A 95 -23.86 23.84 -5.35
N GLU A 96 -22.87 23.97 -4.48
CA GLU A 96 -21.67 23.16 -4.56
C GLU A 96 -21.24 22.71 -3.18
N LYS A 97 -20.61 21.54 -3.14
CA LYS A 97 -20.12 20.95 -1.91
C LYS A 97 -18.80 20.25 -2.19
N VAL A 98 -17.87 20.36 -1.25
CA VAL A 98 -16.59 19.67 -1.36
C VAL A 98 -16.72 18.30 -0.72
N VAL A 99 -16.48 17.25 -1.49
CA VAL A 99 -16.73 15.89 -1.07
C VAL A 99 -15.42 15.11 -1.11
N LEU A 100 -15.14 14.39 -0.04
CA LEU A 100 -13.94 13.58 0.02
C LEU A 100 -13.99 12.48 -1.04
N VAL A 101 -12.82 12.07 -1.51
CA VAL A 101 -12.69 11.01 -2.51
C VAL A 101 -11.80 9.91 -1.95
N SER A 102 -12.25 8.68 -2.06
CA SER A 102 -11.51 7.52 -1.60
C SER A 102 -11.03 6.72 -2.80
N LEU A 103 -9.72 6.42 -2.84
CA LEU A 103 -9.16 5.74 -4.00
C LEU A 103 -9.59 4.28 -4.06
N GLN A 104 -9.53 3.55 -2.94
CA GLN A 104 -9.90 2.14 -2.93
C GLN A 104 -11.31 1.99 -3.50
N SER A 105 -11.42 1.30 -4.64
CA SER A 105 -12.66 1.21 -5.39
C SER A 105 -13.15 -0.21 -5.57
N GLY A 106 -12.86 -1.10 -4.63
CA GLY A 106 -13.33 -2.47 -4.74
C GLY A 106 -12.74 -3.33 -3.66
N TYR A 107 -13.03 -4.63 -3.77
CA TYR A 107 -12.53 -5.63 -2.83
C TYR A 107 -11.85 -6.74 -3.60
N LEU A 108 -10.86 -7.36 -2.94
CA LEU A 108 -10.19 -8.54 -3.47
C LEU A 108 -10.35 -9.67 -2.46
N PHE A 109 -10.96 -10.76 -2.88
CA PHE A 109 -11.13 -11.95 -2.06
C PHE A 109 -10.22 -13.04 -2.60
N ILE A 110 -9.39 -13.61 -1.73
CA ILE A 110 -8.37 -14.58 -2.13
C ILE A 110 -8.79 -15.94 -1.60
N GLN A 111 -8.92 -16.91 -2.50
CA GLN A 111 -9.27 -18.27 -2.14
C GLN A 111 -8.08 -19.16 -2.44
N THR A 112 -7.63 -19.91 -1.43
CA THR A 112 -6.60 -20.92 -1.61
C THR A 112 -7.23 -22.29 -1.53
N ASP A 113 -6.87 -23.17 -2.46
CA ASP A 113 -7.51 -24.49 -2.52
C ASP A 113 -7.37 -25.26 -1.22
N LYS A 114 -6.31 -25.02 -0.44
CA LYS A 114 -6.13 -25.66 0.84
C LYS A 114 -5.72 -24.61 1.85
N THR A 115 -5.97 -24.91 3.13
CA THR A 115 -5.59 -24.03 4.21
C THR A 115 -4.19 -24.34 4.76
N ILE A 116 -3.57 -25.42 4.30
CA ILE A 116 -2.24 -25.80 4.77
C ILE A 116 -1.55 -26.59 3.68
N TYR A 117 -0.25 -26.39 3.53
CA TYR A 117 0.50 -26.98 2.42
C TYR A 117 1.79 -27.58 2.94
N THR A 118 2.29 -28.57 2.21
CA THR A 118 3.59 -29.14 2.50
C THR A 118 4.63 -28.59 1.53
N PRO A 119 5.91 -28.54 1.93
CA PRO A 119 6.94 -28.07 1.00
C PRO A 119 6.98 -28.91 -0.25
N GLY A 120 7.20 -28.24 -1.39
CA GLY A 120 7.23 -28.90 -2.67
C GLY A 120 5.88 -29.04 -3.35
N SER A 121 4.79 -28.76 -2.63
CA SER A 121 3.47 -28.82 -3.24
C SER A 121 3.12 -27.46 -3.86
N THR A 122 2.13 -27.48 -4.73
CA THR A 122 1.75 -26.29 -5.49
C THR A 122 0.62 -25.55 -4.79
N VAL A 123 0.79 -24.25 -4.63
CA VAL A 123 -0.25 -23.40 -4.04
C VAL A 123 -1.16 -22.92 -5.15
N LEU A 124 -2.37 -23.44 -5.21
CA LEU A 124 -3.36 -22.99 -6.18
C LEU A 124 -4.33 -22.04 -5.50
N TYR A 125 -4.41 -20.81 -6.01
CA TYR A 125 -5.22 -19.80 -5.38
C TYR A 125 -5.88 -18.94 -6.45
N ARG A 126 -6.96 -18.27 -6.06
CA ARG A 126 -7.71 -17.41 -6.96
C ARG A 126 -7.89 -16.05 -6.29
N ILE A 127 -7.99 -15.02 -7.11
CA ILE A 127 -8.27 -13.66 -6.65
C ILE A 127 -9.54 -13.19 -7.33
N PHE A 128 -10.52 -12.77 -6.54
CA PHE A 128 -11.79 -12.28 -7.05
C PHE A 128 -11.76 -10.76 -7.04
N THR A 129 -12.02 -10.15 -8.19
CA THR A 129 -12.02 -8.70 -8.33
C THR A 129 -13.46 -8.22 -8.39
N VAL A 130 -13.87 -7.45 -7.38
CA VAL A 130 -15.24 -6.95 -7.29
C VAL A 130 -15.20 -5.50 -6.85
N ASN A 131 -16.04 -4.68 -7.48
CA ASN A 131 -16.20 -3.29 -7.09
C ASN A 131 -16.99 -3.22 -5.78
N HIS A 132 -17.27 -2.00 -5.32
CA HIS A 132 -17.92 -1.84 -4.03
C HIS A 132 -19.35 -2.36 -4.03
N LYS A 133 -19.91 -2.68 -5.20
CA LYS A 133 -21.23 -3.31 -5.28
C LYS A 133 -21.15 -4.83 -5.34
N LEU A 134 -19.96 -5.40 -5.21
CA LEU A 134 -19.74 -6.85 -5.27
C LEU A 134 -20.00 -7.43 -6.65
N LEU A 135 -20.07 -6.59 -7.67
CA LEU A 135 -20.15 -7.10 -9.02
C LEU A 135 -18.75 -7.35 -9.59
N PRO A 136 -18.61 -8.26 -10.54
CA PRO A 136 -17.31 -8.47 -11.17
C PRO A 136 -16.83 -7.19 -11.85
N VAL A 137 -15.53 -6.95 -11.79
CA VAL A 137 -14.91 -5.77 -12.38
C VAL A 137 -13.58 -6.17 -13.00
N GLY A 138 -13.26 -5.58 -14.14
CA GLY A 138 -11.99 -5.83 -14.78
C GLY A 138 -10.97 -4.75 -14.49
N ARG A 139 -9.94 -5.08 -13.72
CA ARG A 139 -8.92 -4.13 -13.35
C ARG A 139 -7.59 -4.84 -13.20
N THR A 140 -6.52 -4.06 -13.12
CA THR A 140 -5.19 -4.61 -12.96
C THR A 140 -4.88 -4.78 -11.47
N VAL A 141 -4.59 -6.00 -11.07
CA VAL A 141 -4.25 -6.33 -9.69
C VAL A 141 -2.91 -7.04 -9.69
N MET A 142 -2.10 -6.73 -8.68
CA MET A 142 -0.81 -7.40 -8.51
C MET A 142 -0.79 -8.05 -7.14
N VAL A 143 -0.23 -9.25 -7.08
CA VAL A 143 -0.28 -10.09 -5.89
C VAL A 143 1.15 -10.45 -5.49
N ASN A 144 1.40 -10.52 -4.19
CA ASN A 144 2.70 -10.87 -3.64
C ASN A 144 2.55 -12.05 -2.70
N ILE A 145 3.39 -13.06 -2.88
CA ILE A 145 3.48 -14.15 -1.92
C ILE A 145 4.54 -13.76 -0.89
N GLU A 146 4.14 -13.72 0.38
CA GLU A 146 4.97 -13.16 1.43
C GLU A 146 5.48 -14.27 2.33
N ASN A 147 6.79 -14.32 2.52
CA ASN A 147 7.39 -15.25 3.47
C ASN A 147 6.98 -14.87 4.89
N PRO A 148 6.97 -15.84 5.82
CA PRO A 148 6.61 -15.50 7.20
C PRO A 148 7.44 -14.37 7.77
N GLU A 149 8.71 -14.29 7.41
CA GLU A 149 9.56 -13.18 7.84
C GLU A 149 9.17 -11.86 7.19
N GLY A 150 8.30 -11.89 6.18
CA GLY A 150 7.88 -10.70 5.47
C GLY A 150 8.55 -10.48 4.14
N ILE A 151 9.41 -11.37 3.71
CA ILE A 151 10.09 -11.19 2.42
C ILE A 151 9.12 -11.57 1.30
N PRO A 152 8.81 -10.68 0.36
CA PRO A 152 7.97 -11.07 -0.76
C PRO A 152 8.70 -11.98 -1.72
N VAL A 153 8.31 -13.25 -1.75
CA VAL A 153 9.03 -14.23 -2.57
C VAL A 153 8.63 -14.11 -4.03
N LYS A 154 7.33 -14.04 -4.31
CA LYS A 154 6.82 -13.98 -5.68
C LYS A 154 5.97 -12.73 -5.84
N GLN A 155 6.12 -12.07 -6.99
CA GLN A 155 5.37 -10.85 -7.29
C GLN A 155 4.82 -10.97 -8.70
N ASP A 156 3.52 -10.70 -8.86
CA ASP A 156 2.85 -10.82 -10.14
C ASP A 156 1.95 -9.62 -10.37
N SER A 157 1.66 -9.34 -11.63
CA SER A 157 0.70 -8.32 -12.04
C SER A 157 -0.20 -8.91 -13.10
N LEU A 158 -1.51 -8.76 -12.92
CA LEU A 158 -2.48 -9.35 -13.83
C LEU A 158 -3.64 -8.41 -14.05
N SER A 159 -4.31 -8.59 -15.18
CA SER A 159 -5.53 -7.86 -15.51
C SER A 159 -6.67 -8.86 -15.65
N SER A 160 -7.79 -8.58 -14.99
CA SER A 160 -8.91 -9.50 -14.95
C SER A 160 -9.94 -9.24 -16.05
N GLN A 161 -9.67 -8.28 -16.94
CA GLN A 161 -10.66 -7.92 -17.96
C GLN A 161 -11.02 -9.08 -18.85
N ASN A 162 -10.12 -10.05 -19.03
CA ASN A 162 -10.40 -11.20 -19.89
C ASN A 162 -11.23 -12.26 -19.20
N GLN A 163 -11.42 -12.18 -17.90
CA GLN A 163 -12.20 -13.16 -17.15
C GLN A 163 -13.32 -12.44 -16.42
N LEU A 164 -14.29 -13.22 -15.95
CA LEU A 164 -15.45 -12.67 -15.25
C LEU A 164 -15.13 -12.48 -13.77
N GLY A 165 -14.02 -11.79 -13.51
CA GLY A 165 -13.65 -11.39 -12.18
C GLY A 165 -12.83 -12.38 -11.39
N VAL A 166 -12.53 -13.56 -11.94
CA VAL A 166 -11.74 -14.57 -11.26
C VAL A 166 -10.38 -14.66 -11.92
N LEU A 167 -9.33 -14.66 -11.12
CA LEU A 167 -7.96 -14.74 -11.63
C LEU A 167 -7.28 -15.99 -11.10
N PRO A 168 -7.28 -17.10 -11.81
CA PRO A 168 -6.55 -18.27 -11.32
C PRO A 168 -5.05 -18.01 -11.30
N LEU A 169 -4.38 -18.61 -10.32
CA LEU A 169 -2.95 -18.45 -10.16
C LEU A 169 -2.39 -19.68 -9.48
N SER A 170 -1.06 -19.81 -9.52
CA SER A 170 -0.39 -20.96 -8.92
C SER A 170 1.02 -20.57 -8.53
N TRP A 171 1.61 -21.38 -7.67
CA TRP A 171 3.00 -21.19 -7.26
C TRP A 171 3.49 -22.46 -6.61
N ASP A 172 4.73 -22.85 -6.92
CA ASP A 172 5.30 -24.07 -6.38
C ASP A 172 6.18 -23.73 -5.19
N ILE A 173 5.89 -24.34 -4.04
CA ILE A 173 6.63 -24.05 -2.82
C ILE A 173 8.02 -24.69 -2.94
N PRO A 174 9.10 -23.93 -2.85
CA PRO A 174 10.43 -24.55 -2.87
C PRO A 174 10.61 -25.49 -1.69
N GLU A 175 11.43 -26.51 -1.90
CA GLU A 175 11.64 -27.52 -0.86
C GLU A 175 12.33 -26.95 0.36
N LEU A 176 13.06 -25.84 0.21
CA LEU A 176 13.87 -25.28 1.29
C LEU A 176 13.16 -24.15 2.04
N VAL A 177 11.85 -23.97 1.83
CA VAL A 177 11.17 -22.83 2.43
C VAL A 177 11.19 -22.93 3.94
N ASN A 178 10.91 -21.80 4.60
CA ASN A 178 10.78 -21.79 6.04
C ASN A 178 9.32 -21.98 6.44
N MET A 179 9.10 -22.69 7.54
CA MET A 179 7.74 -23.01 7.96
C MET A 179 7.08 -21.76 8.55
N GLY A 180 5.76 -21.83 8.71
CA GLY A 180 5.04 -20.76 9.36
C GLY A 180 3.82 -20.28 8.61
N GLN A 181 3.30 -19.12 9.00
CA GLN A 181 2.09 -18.56 8.40
C GLN A 181 2.49 -17.70 7.20
N TRP A 182 2.57 -18.34 6.04
CA TRP A 182 2.79 -17.61 4.81
C TRP A 182 1.58 -16.75 4.50
N LYS A 183 1.81 -15.69 3.72
CA LYS A 183 0.76 -14.73 3.41
C LYS A 183 0.73 -14.44 1.92
N ILE A 184 -0.47 -14.21 1.41
CA ILE A 184 -0.70 -13.74 0.05
C ILE A 184 -1.29 -12.33 0.15
N ARG A 185 -0.65 -11.37 -0.49
CA ARG A 185 -1.10 -9.98 -0.46
C ARG A 185 -1.36 -9.51 -1.87
N ALA A 186 -2.50 -8.87 -2.08
CA ALA A 186 -2.89 -8.38 -3.38
C ALA A 186 -3.63 -7.06 -3.24
N TYR A 187 -3.47 -6.20 -4.23
CA TYR A 187 -4.20 -4.94 -4.26
C TYR A 187 -4.23 -4.42 -5.69
N TYR A 188 -5.26 -3.62 -5.98
CA TYR A 188 -5.33 -2.98 -7.28
C TYR A 188 -4.18 -2.01 -7.46
N GLU A 189 -3.63 -1.95 -8.67
CA GLU A 189 -2.53 -1.03 -8.94
C GLU A 189 -2.93 0.41 -8.70
N ASN A 190 -4.22 0.72 -8.73
CA ASN A 190 -4.69 2.08 -8.54
C ASN A 190 -4.89 2.45 -7.09
N SER A 191 -4.66 1.53 -6.15
CA SER A 191 -4.87 1.81 -4.74
C SER A 191 -3.94 0.97 -3.87
N PRO A 192 -2.64 1.21 -3.90
CA PRO A 192 -1.73 0.44 -3.04
C PRO A 192 -2.00 0.63 -1.57
N GLN A 193 -2.74 1.68 -1.21
CA GLN A 193 -2.99 1.98 0.19
C GLN A 193 -3.76 0.86 0.88
N GLN A 194 -4.62 0.14 0.16
CA GLN A 194 -5.41 -0.94 0.73
C GLN A 194 -4.90 -2.26 0.16
N VAL A 195 -4.51 -3.17 1.04
CA VAL A 195 -3.99 -4.48 0.65
C VAL A 195 -4.86 -5.55 1.29
N PHE A 196 -5.42 -6.43 0.46
CA PHE A 196 -6.16 -7.57 0.95
C PHE A 196 -5.24 -8.77 1.03
N SER A 197 -5.43 -9.59 2.06
CA SER A 197 -4.49 -10.68 2.31
C SER A 197 -5.23 -11.90 2.83
N THR A 198 -4.58 -13.05 2.68
CA THR A 198 -5.06 -14.30 3.24
C THR A 198 -3.85 -15.15 3.60
N GLU A 199 -3.96 -15.88 4.70
CA GLU A 199 -2.83 -16.65 5.21
C GLU A 199 -3.04 -18.13 4.94
N PHE A 200 -1.98 -18.79 4.48
CA PHE A 200 -1.97 -20.23 4.34
C PHE A 200 -0.72 -20.78 5.01
N GLU A 201 -0.89 -21.78 5.85
CA GLU A 201 0.20 -22.33 6.64
C GLU A 201 1.00 -23.31 5.80
N VAL A 202 2.31 -23.30 5.98
CA VAL A 202 3.19 -24.28 5.37
C VAL A 202 3.78 -25.13 6.48
N LYS A 203 3.58 -26.44 6.41
CA LYS A 203 3.99 -27.33 7.49
C LYS A 203 4.14 -28.74 6.94
N GLU A 204 4.95 -29.54 7.61
CA GLU A 204 5.07 -30.94 7.26
C GLU A 204 4.03 -31.75 8.02
N TYR A 205 3.20 -32.48 7.29
CA TYR A 205 2.08 -33.17 7.93
C TYR A 205 1.65 -34.34 7.07
N VAL A 206 0.85 -35.22 7.67
CA VAL A 206 0.15 -36.27 6.97
C VAL A 206 -1.30 -36.22 7.40
N LEU A 207 -2.21 -36.34 6.45
CA LEU A 207 -3.61 -36.12 6.73
C LEU A 207 -4.10 -37.09 7.82
N PRO A 208 -4.76 -36.61 8.86
CA PRO A 208 -5.30 -37.51 9.87
C PRO A 208 -6.49 -38.29 9.34
N SER A 209 -6.75 -39.43 9.97
CA SER A 209 -7.82 -40.30 9.52
C SER A 209 -9.15 -40.02 10.21
N PHE A 210 -9.20 -39.07 11.14
CA PHE A 210 -10.44 -38.78 11.84
C PHE A 210 -10.38 -37.37 12.41
N GLU A 211 -11.55 -36.86 12.77
CA GLU A 211 -11.69 -35.53 13.32
C GLU A 211 -12.13 -35.62 14.77
N VAL A 212 -11.61 -34.71 15.59
CA VAL A 212 -11.92 -34.65 17.01
C VAL A 212 -12.66 -33.35 17.28
N ILE A 213 -13.80 -33.44 17.93
CA ILE A 213 -14.64 -32.30 18.24
C ILE A 213 -14.74 -32.18 19.75
N VAL A 214 -14.35 -31.03 20.29
CA VAL A 214 -14.40 -30.76 21.72
C VAL A 214 -15.54 -29.77 21.92
N GLU A 215 -16.63 -30.23 22.52
CA GLU A 215 -17.84 -29.41 22.65
C GLU A 215 -18.22 -29.25 24.11
N PRO A 216 -18.02 -28.07 24.70
CA PRO A 216 -18.49 -27.86 26.08
C PRO A 216 -20.00 -28.00 26.17
N THR A 217 -20.46 -28.44 27.33
CA THR A 217 -21.89 -28.68 27.50
C THR A 217 -22.70 -27.39 27.41
N GLU A 218 -22.13 -26.26 27.81
CA GLU A 218 -22.86 -25.00 27.87
C GLU A 218 -22.16 -23.82 27.22
N LYS A 219 -21.05 -24.05 26.52
CA LYS A 219 -20.34 -22.99 25.82
C LYS A 219 -20.05 -21.78 26.70
N PHE A 220 -19.98 -21.99 28.01
CA PHE A 220 -19.49 -20.99 28.94
C PHE A 220 -19.44 -21.63 30.32
N TYR A 221 -18.76 -20.97 31.24
CA TYR A 221 -18.66 -21.43 32.61
C TYR A 221 -19.25 -20.39 33.55
N TYR A 222 -20.25 -20.79 34.32
CA TYR A 222 -20.85 -19.90 35.31
C TYR A 222 -20.05 -20.02 36.60
N ILE A 223 -19.40 -18.94 37.01
CA ILE A 223 -18.34 -19.01 38.01
C ILE A 223 -18.81 -19.66 39.30
N TYR A 224 -20.10 -19.63 39.60
CA TYR A 224 -20.63 -20.23 40.81
C TYR A 224 -21.19 -21.63 40.59
N ASN A 225 -20.98 -22.23 39.42
CA ASN A 225 -21.48 -23.56 39.13
C ASN A 225 -20.56 -24.58 39.76
N GLU A 226 -21.01 -25.19 40.86
CA GLU A 226 -20.19 -26.18 41.54
C GLU A 226 -20.05 -27.48 40.75
N LYS A 227 -20.94 -27.73 39.80
CA LYS A 227 -20.82 -28.93 38.98
C LYS A 227 -19.52 -28.93 38.20
N GLY A 228 -18.97 -27.75 37.90
CA GLY A 228 -17.77 -27.66 37.11
C GLY A 228 -18.07 -27.72 35.63
N LEU A 229 -17.06 -27.35 34.84
CA LEU A 229 -17.20 -27.35 33.40
C LEU A 229 -17.18 -28.78 32.88
N GLU A 230 -18.20 -29.15 32.12
CA GLU A 230 -18.30 -30.47 31.52
C GLU A 230 -18.06 -30.37 30.03
N VAL A 231 -17.17 -31.20 29.51
CA VAL A 231 -16.80 -31.19 28.10
C VAL A 231 -17.00 -32.58 27.54
N THR A 232 -17.58 -32.65 26.34
CA THR A 232 -17.81 -33.91 25.65
C THR A 232 -16.86 -34.00 24.46
N ILE A 233 -16.02 -35.02 24.45
CA ILE A 233 -15.10 -35.27 23.36
C ILE A 233 -15.78 -36.20 22.36
N THR A 234 -15.88 -35.75 21.11
CA THR A 234 -16.49 -36.53 20.04
C THR A 234 -15.46 -36.74 18.95
N ALA A 235 -15.22 -38.00 18.60
CA ALA A 235 -14.25 -38.37 17.58
C ALA A 235 -14.90 -39.33 16.59
N ARG A 236 -14.73 -39.06 15.31
CA ARG A 236 -15.30 -39.91 14.27
C ARG A 236 -14.41 -39.87 13.05
N PHE A 237 -14.29 -40.99 12.36
CA PHE A 237 -13.50 -41.04 11.15
C PHE A 237 -14.11 -40.12 10.10
N LEU A 238 -13.25 -39.57 9.24
CA LEU A 238 -13.72 -38.66 8.21
C LEU A 238 -14.80 -39.29 7.34
N TYR A 239 -14.75 -40.60 7.14
CA TYR A 239 -15.75 -41.26 6.30
C TYR A 239 -17.04 -41.58 7.06
N GLY A 240 -17.27 -40.95 8.19
CA GLY A 240 -18.56 -40.94 8.85
C GLY A 240 -18.69 -41.86 10.05
N LYS A 241 -17.90 -42.91 10.14
CA LYS A 241 -18.08 -43.88 11.20
C LYS A 241 -17.37 -43.43 12.48
N LYS A 242 -17.79 -44.01 13.59
CA LYS A 242 -17.38 -43.53 14.91
C LYS A 242 -16.03 -44.14 15.31
N VAL A 243 -15.35 -43.45 16.21
CA VAL A 243 -13.98 -43.80 16.60
C VAL A 243 -14.00 -44.51 17.95
N GLU A 244 -13.00 -45.34 18.18
CA GLU A 244 -12.75 -45.93 19.49
C GLU A 244 -11.28 -45.77 19.83
N GLY A 245 -11.01 -45.25 21.02
CA GLY A 245 -9.63 -45.00 21.41
C GLY A 245 -9.57 -44.35 22.77
N THR A 246 -8.44 -43.68 23.02
CA THR A 246 -8.21 -43.00 24.29
C THR A 246 -7.86 -41.55 24.00
N ALA A 247 -8.28 -40.66 24.88
CA ALA A 247 -8.10 -39.23 24.70
C ALA A 247 -7.47 -38.61 25.94
N PHE A 248 -6.56 -37.67 25.72
CA PHE A 248 -5.95 -36.89 26.80
C PHE A 248 -6.48 -35.48 26.73
N VAL A 249 -7.05 -35.00 27.83
CA VAL A 249 -7.66 -33.68 27.89
C VAL A 249 -6.99 -32.87 28.98
N ILE A 250 -6.60 -31.65 28.66
CA ILE A 250 -5.99 -30.73 29.59
C ILE A 250 -6.64 -29.37 29.43
N PHE A 251 -6.97 -28.73 30.54
CA PHE A 251 -7.61 -27.41 30.54
C PHE A 251 -6.60 -26.35 30.90
N GLY A 252 -6.90 -25.11 30.50
CA GLY A 252 -6.04 -23.99 30.83
C GLY A 252 -6.81 -22.69 30.77
N ILE A 253 -6.29 -21.70 31.49
CA ILE A 253 -6.92 -20.40 31.59
C ILE A 253 -6.17 -19.43 30.68
N GLN A 254 -6.92 -18.70 29.86
CA GLN A 254 -6.36 -17.72 28.95
C GLN A 254 -6.86 -16.33 29.33
N ASP A 255 -5.94 -15.38 29.39
CA ASP A 255 -6.25 -13.98 29.67
C ASP A 255 -5.46 -13.15 28.65
N GLY A 256 -6.15 -12.61 27.67
CA GLY A 256 -5.47 -11.93 26.58
C GLY A 256 -4.63 -12.93 25.81
N GLU A 257 -3.43 -12.52 25.43
CA GLU A 257 -2.55 -13.43 24.70
C GLU A 257 -1.90 -14.46 25.62
N GLN A 258 -1.84 -14.17 26.92
CA GLN A 258 -1.17 -15.07 27.84
C GLN A 258 -2.00 -16.33 28.07
N ARG A 259 -1.33 -17.46 28.25
CA ARG A 259 -2.00 -18.74 28.49
C ARG A 259 -1.40 -19.42 29.70
N ILE A 260 -2.26 -20.00 30.53
CA ILE A 260 -1.85 -20.77 31.70
C ILE A 260 -2.46 -22.16 31.58
N SER A 261 -1.66 -23.18 31.81
CA SER A 261 -2.09 -24.56 31.71
C SER A 261 -2.19 -25.16 33.10
N LEU A 262 -3.33 -25.78 33.40
CA LEU A 262 -3.54 -26.38 34.71
C LEU A 262 -3.06 -27.83 34.68
N PRO A 263 -1.85 -28.11 35.15
CA PRO A 263 -1.36 -29.50 35.06
C PRO A 263 -2.24 -30.49 35.79
N GLU A 264 -2.88 -30.08 36.88
CA GLU A 264 -3.74 -30.99 37.62
C GLU A 264 -4.98 -31.40 36.83
N SER A 265 -5.35 -30.65 35.79
CA SER A 265 -6.55 -30.96 35.04
C SER A 265 -6.33 -32.10 34.04
N LEU A 266 -5.08 -32.45 33.73
CA LEU A 266 -4.80 -33.48 32.75
C LEU A 266 -5.51 -34.78 33.12
N LYS A 267 -6.45 -35.20 32.28
CA LYS A 267 -7.22 -36.41 32.50
C LYS A 267 -7.16 -37.30 31.29
N ARG A 268 -7.10 -38.61 31.53
CA ARG A 268 -7.12 -39.61 30.47
C ARG A 268 -8.46 -40.32 30.51
N ILE A 269 -9.18 -40.27 29.40
CA ILE A 269 -10.53 -40.84 29.34
C ILE A 269 -10.63 -41.77 28.15
N PRO A 270 -11.43 -42.83 28.23
CA PRO A 270 -11.59 -43.71 27.07
C PRO A 270 -12.68 -43.21 26.15
N ILE A 271 -12.37 -43.15 24.86
CA ILE A 271 -13.32 -42.80 23.83
C ILE A 271 -13.99 -44.08 23.35
N GLU A 272 -15.25 -44.26 23.68
CA GLU A 272 -16.02 -45.43 23.29
C GLU A 272 -17.24 -44.98 22.51
N ASP A 273 -17.51 -45.68 21.41
CA ASP A 273 -18.64 -45.35 20.55
C ASP A 273 -18.51 -43.93 20.02
N GLY A 274 -17.28 -43.43 19.96
CA GLY A 274 -17.02 -42.13 19.37
C GLY A 274 -17.24 -40.94 20.27
N SER A 275 -17.50 -41.14 21.55
CA SER A 275 -17.74 -40.01 22.45
C SER A 275 -17.19 -40.32 23.82
N GLY A 276 -16.85 -39.26 24.56
CA GLY A 276 -16.37 -39.38 25.91
C GLY A 276 -16.57 -38.08 26.65
N GLU A 277 -16.66 -38.19 27.97
CA GLU A 277 -16.98 -37.05 28.83
C GLU A 277 -15.88 -36.83 29.86
N VAL A 278 -15.54 -35.56 30.07
CA VAL A 278 -14.56 -35.17 31.06
C VAL A 278 -15.05 -33.91 31.77
N VAL A 279 -14.60 -33.73 33.01
CA VAL A 279 -15.09 -32.66 33.86
C VAL A 279 -13.89 -31.92 34.46
N LEU A 280 -13.96 -30.59 34.46
CA LEU A 280 -12.97 -29.76 35.12
C LEU A 280 -13.58 -29.24 36.42
N SER A 281 -13.32 -29.96 37.51
CA SER A 281 -13.94 -29.61 38.79
C SER A 281 -13.55 -28.19 39.20
N ARG A 282 -14.49 -27.50 39.83
CA ARG A 282 -14.25 -26.12 40.24
C ARG A 282 -13.04 -26.01 41.16
N LYS A 283 -12.85 -26.99 42.04
CA LYS A 283 -11.71 -26.93 42.95
C LYS A 283 -10.41 -26.87 42.18
N VAL A 284 -10.29 -27.69 41.14
CA VAL A 284 -9.06 -27.69 40.34
C VAL A 284 -8.88 -26.34 39.67
N LEU A 285 -9.96 -25.78 39.12
CA LEU A 285 -9.85 -24.48 38.44
C LEU A 285 -9.38 -23.40 39.41
N LEU A 286 -9.96 -23.38 40.61
CA LEU A 286 -9.57 -22.35 41.57
C LEU A 286 -8.13 -22.54 42.03
N ASP A 287 -7.76 -23.76 42.42
CA ASP A 287 -6.43 -23.98 42.95
C ASP A 287 -5.37 -23.80 41.87
N GLY A 288 -5.73 -23.99 40.60
CA GLY A 288 -4.76 -23.84 39.53
C GLY A 288 -4.27 -22.42 39.35
N VAL A 289 -5.01 -21.44 39.84
CA VAL A 289 -4.61 -20.05 39.78
C VAL A 289 -4.32 -19.49 41.17
N GLN A 290 -3.91 -20.36 42.10
CA GLN A 290 -3.59 -20.00 43.47
C GLN A 290 -4.79 -19.50 44.26
N ASN A 291 -6.00 -19.72 43.76
CA ASN A 291 -7.23 -19.46 44.51
C ASN A 291 -7.25 -18.06 45.13
N PRO A 292 -7.07 -17.01 44.33
CA PRO A 292 -7.14 -15.66 44.90
C PRO A 292 -8.54 -15.33 45.38
N ARG A 293 -9.51 -15.49 44.50
CA ARG A 293 -10.92 -15.26 44.81
C ARG A 293 -11.75 -15.67 43.61
N ALA A 294 -13.00 -16.07 43.88
CA ALA A 294 -13.86 -16.55 42.80
C ALA A 294 -14.07 -15.47 41.75
N GLU A 295 -14.36 -14.24 42.18
CA GLU A 295 -14.66 -13.18 41.23
C GLU A 295 -13.46 -12.87 40.34
N ASP A 296 -12.25 -13.07 40.85
CA ASP A 296 -11.06 -12.72 40.09
C ASP A 296 -10.97 -13.45 38.76
N LEU A 297 -11.66 -14.57 38.61
CA LEU A 297 -11.61 -15.31 37.36
C LEU A 297 -12.54 -14.75 36.30
N VAL A 298 -13.49 -13.90 36.68
CA VAL A 298 -14.47 -13.40 35.72
C VAL A 298 -13.76 -12.64 34.62
N GLY A 299 -14.21 -12.83 33.38
CA GLY A 299 -13.61 -12.20 32.24
C GLY A 299 -12.50 -13.01 31.59
N LYS A 300 -11.96 -14.00 32.28
CA LYS A 300 -10.93 -14.85 31.71
C LYS A 300 -11.58 -16.05 31.01
N SER A 301 -10.97 -16.47 29.91
CA SER A 301 -11.53 -17.49 29.05
C SER A 301 -10.75 -18.80 29.22
N LEU A 302 -11.48 -19.88 29.46
CA LEU A 302 -10.87 -21.20 29.49
C LEU A 302 -10.65 -21.72 28.07
N TYR A 303 -9.75 -22.68 27.95
CA TYR A 303 -9.55 -23.39 26.70
C TYR A 303 -9.28 -24.86 27.01
N VAL A 304 -9.76 -25.74 26.13
CA VAL A 304 -9.64 -27.17 26.30
C VAL A 304 -8.80 -27.71 25.16
N SER A 305 -7.76 -28.47 25.50
CA SER A 305 -6.90 -29.11 24.51
C SER A 305 -7.09 -30.62 24.65
N ALA A 306 -7.44 -31.27 23.55
CA ALA A 306 -7.75 -32.69 23.55
C ALA A 306 -6.89 -33.39 22.50
N THR A 307 -6.28 -34.49 22.89
CA THR A 307 -5.52 -35.35 21.99
C THR A 307 -6.14 -36.74 22.01
N VAL A 308 -6.48 -37.27 20.85
CA VAL A 308 -7.13 -38.57 20.72
C VAL A 308 -6.18 -39.51 20.01
N ILE A 309 -6.03 -40.71 20.56
CA ILE A 309 -5.15 -41.74 19.99
C ILE A 309 -5.98 -42.99 19.79
N LEU A 310 -5.96 -43.52 18.57
CA LEU A 310 -6.68 -44.74 18.28
C LEU A 310 -6.07 -45.92 19.02
N HIS A 311 -6.90 -46.89 19.40
CA HIS A 311 -6.39 -48.06 20.11
C HIS A 311 -5.33 -48.79 19.31
N SER A 312 -5.37 -48.71 17.98
CA SER A 312 -4.31 -49.28 17.17
C SER A 312 -3.01 -48.48 17.25
N GLY A 313 -3.07 -47.26 17.79
CA GLY A 313 -1.90 -46.42 17.89
C GLY A 313 -1.38 -45.91 16.57
N SER A 314 -2.09 -46.13 15.47
CA SER A 314 -1.58 -45.78 14.16
C SER A 314 -1.78 -44.31 13.82
N ASP A 315 -2.59 -43.58 14.59
CA ASP A 315 -2.88 -42.20 14.25
C ASP A 315 -3.15 -41.43 15.54
N MET A 316 -3.01 -40.10 15.45
CA MET A 316 -3.24 -39.23 16.58
C MET A 316 -3.71 -37.89 16.05
N VAL A 317 -4.68 -37.29 16.75
CA VAL A 317 -5.26 -36.01 16.35
C VAL A 317 -5.38 -35.13 17.58
N GLN A 318 -5.09 -33.85 17.40
CA GLN A 318 -5.17 -32.86 18.48
C GLN A 318 -6.13 -31.76 18.07
N ALA A 319 -7.07 -31.45 18.95
CA ALA A 319 -8.05 -30.40 18.72
C ALA A 319 -8.18 -29.54 19.96
N GLU A 320 -8.47 -28.27 19.75
CA GLU A 320 -8.62 -27.31 20.84
C GLU A 320 -9.94 -26.58 20.69
N ARG A 321 -10.54 -26.24 21.82
CA ARG A 321 -11.75 -25.42 21.88
C ARG A 321 -11.41 -24.22 22.74
N SER A 322 -10.83 -23.19 22.12
CA SER A 322 -10.46 -22.00 22.84
C SER A 322 -11.66 -21.10 23.05
N GLY A 323 -11.50 -20.13 23.95
CA GLY A 323 -12.54 -19.15 24.18
C GLY A 323 -13.81 -19.73 24.78
N ILE A 324 -13.72 -20.24 25.99
CA ILE A 324 -14.90 -20.60 26.78
C ILE A 324 -15.00 -19.59 27.90
N PRO A 325 -15.69 -18.47 27.71
CA PRO A 325 -15.63 -17.39 28.70
C PRO A 325 -16.10 -17.84 30.07
N ILE A 326 -15.47 -17.29 31.10
CA ILE A 326 -15.94 -17.42 32.47
C ILE A 326 -16.79 -16.19 32.78
N VAL A 327 -18.08 -16.41 33.04
CA VAL A 327 -19.02 -15.31 33.19
C VAL A 327 -19.85 -15.53 34.45
N THR A 328 -20.34 -14.42 35.00
CA THR A 328 -21.29 -14.46 36.09
C THR A 328 -22.73 -14.35 35.60
N SER A 329 -22.93 -13.92 34.36
CA SER A 329 -24.24 -13.80 33.76
C SER A 329 -24.28 -14.59 32.47
N PRO A 330 -25.31 -15.41 32.23
CA PRO A 330 -25.34 -16.19 30.99
C PRO A 330 -25.48 -15.36 29.73
N TYR A 331 -25.74 -14.06 29.83
CA TYR A 331 -26.01 -13.25 28.66
C TYR A 331 -25.20 -11.96 28.72
N GLN A 332 -25.00 -11.35 27.56
CA GLN A 332 -24.44 -10.02 27.45
C GLN A 332 -25.38 -9.17 26.63
N ILE A 333 -25.58 -7.93 27.06
CA ILE A 333 -26.44 -6.98 26.37
C ILE A 333 -25.57 -5.96 25.67
N HIS A 334 -25.84 -5.72 24.39
CA HIS A 334 -25.12 -4.76 23.59
C HIS A 334 -26.08 -3.74 23.02
N PHE A 335 -25.68 -2.46 23.06
CA PHE A 335 -26.44 -1.37 22.48
C PHE A 335 -25.90 -0.95 21.13
N THR A 336 -25.06 -1.78 20.51
CA THR A 336 -24.41 -1.39 19.27
C THR A 336 -25.40 -1.06 18.16
N LYS A 337 -26.62 -1.58 18.24
CA LYS A 337 -27.62 -1.39 17.20
C LYS A 337 -28.65 -0.33 17.55
N THR A 338 -28.56 0.27 18.72
CA THR A 338 -29.58 1.26 19.08
C THR A 338 -29.14 2.66 18.67
N PRO A 339 -30.09 3.55 18.40
CA PRO A 339 -29.73 4.94 18.16
C PRO A 339 -29.36 5.62 19.47
N LYS A 340 -28.30 6.43 19.43
CA LYS A 340 -27.81 7.09 20.62
C LYS A 340 -28.40 8.49 20.81
N TYR A 341 -29.33 8.89 19.97
CA TYR A 341 -30.00 10.18 20.10
C TYR A 341 -31.50 9.96 20.05
N PHE A 342 -32.24 10.70 20.87
CA PHE A 342 -33.66 10.50 21.03
C PHE A 342 -34.40 11.82 20.83
N LYS A 343 -35.64 11.72 20.36
CA LYS A 343 -36.47 12.90 20.13
C LYS A 343 -37.27 13.19 21.38
N PRO A 344 -37.04 14.31 22.08
CA PRO A 344 -37.78 14.57 23.31
C PRO A 344 -39.28 14.60 23.06
N GLY A 345 -40.04 14.09 24.03
CA GLY A 345 -41.48 14.10 23.94
C GLY A 345 -42.07 13.10 22.97
N MET A 346 -41.29 12.14 22.51
CA MET A 346 -41.74 11.13 21.55
C MET A 346 -41.16 9.78 21.91
N PRO A 347 -41.79 8.69 21.47
CA PRO A 347 -41.29 7.37 21.81
C PRO A 347 -39.85 7.18 21.36
N PHE A 348 -39.08 6.48 22.19
CA PHE A 348 -37.70 6.14 21.89
C PHE A 348 -37.60 4.63 21.76
N ASP A 349 -37.11 4.16 20.62
CA ASP A 349 -37.06 2.74 20.32
C ASP A 349 -35.65 2.21 20.51
N LEU A 350 -35.51 1.21 21.36
CA LEU A 350 -34.22 0.58 21.65
C LEU A 350 -34.18 -0.77 20.95
N MET A 351 -33.19 -0.95 20.07
CA MET A 351 -32.96 -2.23 19.43
C MET A 351 -31.88 -2.99 20.22
N VAL A 352 -32.20 -3.21 21.50
CA VAL A 352 -31.25 -3.84 22.41
C VAL A 352 -30.84 -5.20 21.85
N PHE A 353 -29.54 -5.45 21.83
CA PHE A 353 -28.98 -6.66 21.25
C PHE A 353 -28.32 -7.49 22.35
N VAL A 354 -28.89 -8.66 22.62
CA VAL A 354 -28.42 -9.53 23.69
C VAL A 354 -27.91 -10.81 23.09
N THR A 355 -26.69 -11.19 23.46
CA THR A 355 -26.00 -12.32 22.87
C THR A 355 -25.38 -13.17 23.96
N ASN A 356 -25.13 -14.44 23.63
CA ASN A 356 -24.43 -15.33 24.53
C ASN A 356 -22.98 -14.87 24.65
N PRO A 357 -22.28 -15.30 25.71
CA PRO A 357 -20.91 -14.81 25.91
C PRO A 357 -19.99 -15.08 24.74
N ASP A 358 -20.21 -16.15 23.99
CA ASP A 358 -19.38 -16.45 22.83
C ASP A 358 -19.66 -15.54 21.65
N GLY A 359 -20.72 -14.73 21.69
CA GLY A 359 -21.07 -13.84 20.61
C GLY A 359 -22.23 -14.29 19.76
N SER A 360 -22.67 -15.54 19.89
CA SER A 360 -23.82 -15.99 19.13
C SER A 360 -25.09 -15.32 19.64
N PRO A 361 -25.98 -14.87 18.76
CA PRO A 361 -27.21 -14.23 19.23
C PRO A 361 -28.02 -15.15 20.11
N ALA A 362 -28.60 -14.59 21.16
CA ALA A 362 -29.48 -15.32 22.06
C ALA A 362 -30.90 -15.29 21.49
N TYR A 363 -31.71 -16.26 21.89
CA TYR A 363 -33.04 -16.44 21.32
C TYR A 363 -34.08 -16.49 22.43
N ARG A 364 -35.14 -15.71 22.27
CA ARG A 364 -36.29 -15.70 23.17
C ARG A 364 -35.90 -15.36 24.60
N VAL A 365 -34.87 -14.55 24.79
CA VAL A 365 -34.51 -14.12 26.15
C VAL A 365 -35.27 -12.83 26.47
N PRO A 366 -36.16 -12.82 27.46
CA PRO A 366 -36.88 -11.59 27.76
C PRO A 366 -35.94 -10.48 28.22
N VAL A 367 -36.28 -9.25 27.83
CA VAL A 367 -35.57 -8.07 28.26
C VAL A 367 -36.59 -7.06 28.75
N ALA A 368 -36.13 -6.12 29.58
CA ALA A 368 -37.02 -5.12 30.13
C ALA A 368 -36.20 -3.92 30.57
N VAL A 369 -36.90 -2.81 30.80
CA VAL A 369 -36.28 -1.57 31.22
C VAL A 369 -36.55 -1.36 32.70
N GLN A 370 -35.51 -1.01 33.45
CA GLN A 370 -35.68 -0.78 34.88
C GLN A 370 -36.71 0.32 35.12
N GLY A 371 -37.59 0.09 36.09
CA GLY A 371 -38.63 1.03 36.42
C GLY A 371 -39.88 0.91 35.57
N GLU A 372 -39.83 0.15 34.48
CA GLU A 372 -40.98 -0.09 33.62
C GLU A 372 -41.10 -1.57 33.29
N ASP A 373 -40.82 -2.45 34.25
CA ASP A 373 -40.82 -3.88 33.99
C ASP A 373 -42.17 -4.39 33.52
N THR A 374 -43.22 -3.57 33.58
CA THR A 374 -44.52 -3.97 33.05
C THR A 374 -44.45 -4.29 31.56
N VAL A 375 -43.55 -3.65 30.82
CA VAL A 375 -43.38 -3.89 29.39
C VAL A 375 -42.13 -4.72 29.19
N GLN A 376 -42.27 -5.83 28.47
CA GLN A 376 -41.16 -6.73 28.21
C GLN A 376 -41.18 -7.12 26.74
N SER A 377 -40.01 -7.49 26.23
CA SER A 377 -39.87 -7.89 24.84
C SER A 377 -39.02 -9.14 24.76
N LEU A 378 -39.25 -9.95 23.74
CA LEU A 378 -38.49 -11.16 23.49
C LEU A 378 -37.64 -10.99 22.25
N THR A 379 -36.41 -11.47 22.31
CA THR A 379 -35.52 -11.37 21.16
C THR A 379 -36.04 -12.20 20.00
N GLN A 380 -35.73 -11.74 18.79
CA GLN A 380 -36.00 -12.51 17.59
C GLN A 380 -34.85 -13.48 17.33
N GLY A 381 -34.91 -14.16 16.19
CA GLY A 381 -33.85 -15.10 15.84
C GLY A 381 -32.48 -14.45 15.77
N ASP A 382 -32.42 -13.16 15.47
CA ASP A 382 -31.15 -12.45 15.38
C ASP A 382 -30.69 -11.89 16.72
N GLY A 383 -31.45 -12.08 17.79
CA GLY A 383 -31.06 -11.62 19.09
C GLY A 383 -31.36 -10.15 19.36
N VAL A 384 -32.16 -9.50 18.53
CA VAL A 384 -32.51 -8.10 18.71
C VAL A 384 -33.96 -8.00 19.14
N ALA A 385 -34.19 -7.33 20.26
CA ALA A 385 -35.53 -7.07 20.76
C ALA A 385 -35.77 -5.56 20.77
N LYS A 386 -37.01 -5.16 20.47
CA LYS A 386 -37.36 -3.76 20.38
C LYS A 386 -38.10 -3.34 21.64
N LEU A 387 -37.63 -2.28 22.28
CA LEU A 387 -38.25 -1.73 23.48
C LEU A 387 -38.59 -0.27 23.22
N SER A 388 -39.81 0.11 23.56
CA SER A 388 -40.30 1.48 23.39
C SER A 388 -40.54 2.10 24.75
N ILE A 389 -40.06 3.32 24.94
CA ILE A 389 -40.22 4.04 26.20
C ILE A 389 -40.54 5.49 25.89
N ASN A 390 -41.52 6.04 26.61
CA ASN A 390 -41.83 7.45 26.46
C ASN A 390 -40.72 8.30 27.03
N THR A 391 -40.64 9.53 26.54
CA THR A 391 -39.62 10.48 26.97
C THR A 391 -40.27 11.84 27.21
N HIS A 392 -39.75 12.58 28.18
CA HIS A 392 -40.29 13.89 28.46
C HIS A 392 -39.56 14.95 27.67
N PRO A 393 -40.23 16.05 27.32
CA PRO A 393 -39.53 17.15 26.64
C PRO A 393 -38.63 17.90 27.60
N SER A 394 -37.51 17.29 27.97
CA SER A 394 -36.63 17.80 29.01
C SER A 394 -35.32 18.37 28.50
N GLN A 395 -34.89 18.01 27.30
CA GLN A 395 -33.61 18.48 26.76
C GLN A 395 -32.45 18.12 27.67
N LYS A 396 -32.51 16.95 28.31
CA LYS A 396 -31.45 16.50 29.18
C LYS A 396 -31.05 15.07 28.82
N PRO A 397 -29.81 14.68 29.10
CA PRO A 397 -29.39 13.32 28.76
C PRO A 397 -30.29 12.29 29.43
N LEU A 398 -30.56 11.21 28.71
CA LEU A 398 -31.44 10.16 29.17
C LEU A 398 -30.59 8.93 29.46
N SER A 399 -30.69 8.43 30.70
CA SER A 399 -29.96 7.22 31.10
C SER A 399 -30.93 6.07 31.15
N ILE A 400 -30.62 4.99 30.44
CA ILE A 400 -31.50 3.84 30.30
C ILE A 400 -30.73 2.59 30.69
N THR A 401 -31.38 1.72 31.46
CA THR A 401 -30.79 0.47 31.91
C THR A 401 -31.74 -0.67 31.56
N VAL A 402 -31.21 -1.72 30.93
CA VAL A 402 -32.01 -2.87 30.54
C VAL A 402 -31.48 -4.09 31.26
N ARG A 403 -32.38 -4.99 31.60
CA ARG A 403 -32.05 -6.20 32.33
C ARG A 403 -32.74 -7.40 31.72
N THR A 404 -31.98 -8.44 31.42
CA THR A 404 -32.59 -9.70 31.03
C THR A 404 -33.46 -10.20 32.18
N LYS A 405 -34.64 -10.72 31.82
CA LYS A 405 -35.60 -11.13 32.83
C LYS A 405 -36.01 -12.58 32.64
N LYS A 406 -35.07 -13.45 32.32
CA LYS A 406 -35.38 -14.85 32.11
C LYS A 406 -35.87 -15.47 33.42
N GLN A 407 -36.81 -16.40 33.31
CA GLN A 407 -37.46 -16.94 34.50
C GLN A 407 -36.57 -17.92 35.26
N GLU A 408 -35.69 -18.62 34.56
CA GLU A 408 -34.96 -19.74 35.16
C GLU A 408 -33.67 -19.31 35.86
N LEU A 409 -33.35 -18.01 35.87
CA LEU A 409 -32.11 -17.53 36.46
C LEU A 409 -32.41 -16.69 37.70
N SER A 410 -31.47 -16.71 38.64
CA SER A 410 -31.58 -15.86 39.81
C SER A 410 -31.35 -14.41 39.41
N GLU A 411 -31.80 -13.50 40.29
CA GLU A 411 -31.70 -12.08 39.97
C GLU A 411 -30.26 -11.66 39.72
N ALA A 412 -29.32 -12.20 40.50
CA ALA A 412 -27.93 -11.82 40.35
C ALA A 412 -27.33 -12.25 39.02
N GLU A 413 -27.88 -13.28 38.38
CA GLU A 413 -27.33 -13.76 37.12
C GLU A 413 -27.77 -12.93 35.94
N GLN A 414 -28.83 -12.13 36.08
CA GLN A 414 -29.34 -11.37 34.95
C GLN A 414 -28.30 -10.37 34.45
N ALA A 415 -28.14 -10.33 33.14
CA ALA A 415 -27.24 -9.35 32.53
C ALA A 415 -27.87 -7.97 32.57
N THR A 416 -27.02 -6.95 32.54
CA THR A 416 -27.50 -5.58 32.57
C THR A 416 -26.51 -4.68 31.86
N ARG A 417 -27.01 -3.54 31.38
CA ARG A 417 -26.21 -2.58 30.65
C ARG A 417 -26.86 -1.21 30.79
N THR A 418 -26.06 -0.16 30.62
CA THR A 418 -26.53 1.21 30.70
C THR A 418 -25.98 2.00 29.53
N MET A 419 -26.73 3.00 29.10
CA MET A 419 -26.28 3.89 28.04
C MET A 419 -26.98 5.23 28.20
N GLN A 420 -26.42 6.26 27.57
CA GLN A 420 -26.97 7.60 27.60
C GLN A 420 -27.37 8.02 26.19
N ALA A 421 -28.58 8.56 26.06
CA ALA A 421 -29.08 9.06 24.79
C ALA A 421 -29.22 10.58 24.88
N LEU A 422 -28.55 11.27 24.02
CA LEU A 422 -28.58 12.72 24.07
C LEU A 422 -29.77 13.26 23.29
N PRO A 423 -30.30 14.42 23.66
CA PRO A 423 -31.44 14.98 22.92
C PRO A 423 -31.08 15.31 21.48
N TYR A 424 -32.07 15.20 20.61
CA TYR A 424 -31.92 15.67 19.23
C TYR A 424 -32.13 17.18 19.19
N SER A 425 -31.07 17.92 18.85
CA SER A 425 -31.15 19.37 18.81
C SER A 425 -32.05 19.78 17.65
N THR A 426 -32.96 20.71 17.91
CA THR A 426 -33.89 21.22 16.90
C THR A 426 -33.51 22.63 16.52
N VAL A 427 -33.52 22.92 15.22
CA VAL A 427 -33.09 24.23 14.75
C VAL A 427 -34.03 25.30 15.31
N GLY A 428 -33.43 26.38 15.82
CA GLY A 428 -34.21 27.49 16.33
C GLY A 428 -35.09 27.14 17.50
N ASN A 429 -34.82 26.02 18.18
CA ASN A 429 -35.63 25.59 19.31
C ASN A 429 -37.10 25.50 18.94
N SER A 430 -37.39 25.05 17.72
CA SER A 430 -38.76 24.96 17.25
C SER A 430 -39.44 23.66 17.64
N ASN A 431 -38.74 22.77 18.33
CA ASN A 431 -39.30 21.49 18.78
C ASN A 431 -40.07 20.80 17.67
N ASN A 432 -39.48 20.75 16.48
CA ASN A 432 -40.02 20.02 15.34
C ASN A 432 -39.19 18.77 15.14
N TYR A 433 -39.84 17.61 15.08
CA TYR A 433 -39.13 16.35 15.06
C TYR A 433 -39.74 15.41 14.04
N LEU A 434 -38.91 14.50 13.54
CA LEU A 434 -39.34 13.39 12.70
C LEU A 434 -38.78 12.11 13.29
N HIS A 435 -39.57 11.05 13.30
CA HIS A 435 -39.17 9.79 13.91
C HIS A 435 -39.61 8.64 13.03
N LEU A 436 -38.64 7.85 12.57
CA LEU A 436 -38.94 6.64 11.82
C LEU A 436 -38.98 5.45 12.75
N SER A 437 -39.77 4.44 12.38
CA SER A 437 -39.87 3.23 13.18
C SER A 437 -40.26 2.08 12.28
N VAL A 438 -39.74 0.90 12.61
CA VAL A 438 -39.99 -0.32 11.84
C VAL A 438 -40.25 -1.45 12.82
N LEU A 439 -41.10 -2.39 12.41
CA LEU A 439 -41.37 -3.56 13.23
C LEU A 439 -40.26 -4.57 13.01
N ARG A 440 -39.43 -4.79 14.03
CA ARG A 440 -38.19 -5.56 13.88
C ARG A 440 -38.51 -7.05 13.90
N THR A 441 -38.88 -7.57 12.73
CA THR A 441 -38.92 -9.00 12.51
C THR A 441 -37.63 -9.46 11.85
N GLU A 442 -37.53 -10.76 11.60
CA GLU A 442 -36.40 -11.31 10.86
C GLU A 442 -36.59 -10.97 9.39
N LEU A 443 -36.18 -9.76 9.04
CA LEU A 443 -36.41 -9.25 7.69
C LEU A 443 -35.56 -10.01 6.68
N ARG A 444 -36.18 -10.43 5.59
CA ARG A 444 -35.51 -11.13 4.51
C ARG A 444 -36.06 -10.63 3.19
N PRO A 445 -35.29 -10.72 2.12
CA PRO A 445 -35.75 -10.19 0.83
C PRO A 445 -37.03 -10.87 0.37
N GLY A 446 -37.85 -10.12 -0.35
CA GLY A 446 -39.15 -10.58 -0.77
C GLY A 446 -40.29 -10.12 0.11
N GLU A 447 -40.00 -9.62 1.31
CA GLU A 447 -41.03 -9.14 2.21
C GLU A 447 -41.31 -7.66 1.95
N THR A 448 -42.38 -7.18 2.57
CA THR A 448 -42.74 -5.76 2.52
C THR A 448 -42.57 -5.20 3.93
N LEU A 449 -41.78 -4.13 4.04
CA LEU A 449 -41.50 -3.49 5.32
C LEU A 449 -42.30 -2.21 5.40
N ASN A 450 -43.10 -2.09 6.46
CA ASN A 450 -43.91 -0.90 6.68
C ASN A 450 -43.12 0.08 7.55
N VAL A 451 -42.53 1.08 6.92
CA VAL A 451 -41.80 2.13 7.64
C VAL A 451 -42.80 3.20 8.05
N ASN A 452 -42.81 3.55 9.33
CA ASN A 452 -43.73 4.55 9.84
C ASN A 452 -43.04 5.91 9.94
N PHE A 453 -43.67 6.92 9.37
CA PHE A 453 -43.21 8.30 9.47
C PHE A 453 -44.06 8.99 10.52
N LEU A 454 -43.49 9.20 11.70
CA LEU A 454 -44.18 9.87 12.79
C LEU A 454 -43.69 11.30 12.89
N LEU A 455 -44.62 12.24 12.81
CA LEU A 455 -44.32 13.66 12.79
C LEU A 455 -44.90 14.33 14.02
N ARG A 456 -44.06 15.03 14.76
CA ARG A 456 -44.50 15.89 15.86
C ARG A 456 -43.99 17.29 15.59
N MET A 457 -44.88 18.27 15.68
CA MET A 457 -44.53 19.66 15.40
C MET A 457 -45.74 20.53 15.66
N ASP A 458 -45.50 21.83 15.78
CA ASP A 458 -46.55 22.76 16.17
C ASP A 458 -47.69 22.73 15.17
N ARG A 459 -48.92 22.86 15.69
CA ARG A 459 -50.09 22.84 14.83
C ARG A 459 -50.16 24.05 13.91
N ALA A 460 -49.52 25.16 14.28
CA ALA A 460 -49.59 26.36 13.46
C ALA A 460 -49.05 26.14 12.06
N HIS A 461 -48.18 25.14 11.87
CA HIS A 461 -47.54 24.90 10.59
C HIS A 461 -47.79 23.50 10.06
N GLU A 462 -48.70 22.75 10.66
CA GLU A 462 -48.87 21.34 10.30
C GLU A 462 -49.22 21.17 8.82
N ALA A 463 -50.02 22.08 8.26
CA ALA A 463 -50.49 21.92 6.90
C ALA A 463 -49.40 22.14 5.86
N LYS A 464 -48.25 22.72 6.23
CA LYS A 464 -47.24 23.04 5.24
C LYS A 464 -46.41 21.83 4.85
N ILE A 465 -46.45 20.75 5.62
CA ILE A 465 -45.71 19.55 5.29
C ILE A 465 -46.64 18.63 4.50
N ARG A 466 -46.37 18.47 3.21
CA ARG A 466 -47.19 17.62 2.36
C ARG A 466 -46.43 16.45 1.75
N TYR A 467 -45.18 16.23 2.14
CA TYR A 467 -44.46 15.06 1.67
C TYR A 467 -43.15 14.94 2.42
N TYR A 468 -42.77 13.71 2.71
CA TYR A 468 -41.46 13.40 3.29
C TYR A 468 -40.57 12.82 2.21
N THR A 469 -39.37 13.36 2.09
CA THR A 469 -38.36 12.80 1.21
C THR A 469 -37.57 11.75 1.97
N TYR A 470 -37.30 10.62 1.32
CA TYR A 470 -36.57 9.55 1.96
C TYR A 470 -35.55 8.97 1.00
N LEU A 471 -34.44 8.50 1.56
CA LEU A 471 -33.35 7.92 0.81
C LEU A 471 -32.97 6.60 1.45
N ILE A 472 -32.54 5.64 0.63
CA ILE A 472 -32.15 4.32 1.10
C ILE A 472 -30.70 4.10 0.72
N MET A 473 -29.84 3.93 1.73
CA MET A 473 -28.41 3.75 1.52
C MET A 473 -28.06 2.29 1.78
N ASN A 474 -27.34 1.68 0.85
CA ASN A 474 -26.93 0.29 0.97
C ASN A 474 -25.55 0.13 0.35
N LYS A 475 -24.66 -0.54 1.07
CA LYS A 475 -23.29 -0.74 0.60
C LYS A 475 -22.62 0.59 0.25
N GLY A 476 -22.98 1.65 0.98
CA GLY A 476 -22.36 2.94 0.73
C GLY A 476 -22.76 3.61 -0.55
N ARG A 477 -24.00 3.43 -0.99
CA ARG A 477 -24.52 4.09 -2.17
C ARG A 477 -26.02 4.27 -2.03
N LEU A 478 -26.56 5.26 -2.75
CA LEU A 478 -27.99 5.51 -2.70
C LEU A 478 -28.72 4.46 -3.54
N LEU A 479 -29.17 3.40 -2.89
CA LEU A 479 -29.89 2.35 -3.62
C LEU A 479 -31.15 2.91 -4.25
N LYS A 480 -31.87 3.77 -3.54
CA LYS A 480 -33.14 4.28 -4.03
C LYS A 480 -33.43 5.60 -3.35
N ALA A 481 -34.31 6.38 -3.96
CA ALA A 481 -34.78 7.63 -3.37
C ALA A 481 -36.19 7.90 -3.87
N GLY A 482 -36.98 8.56 -3.04
CA GLY A 482 -38.35 8.79 -3.41
C GLY A 482 -39.03 9.65 -2.36
N ARG A 483 -40.29 9.98 -2.64
CA ARG A 483 -41.06 10.85 -1.77
C ARG A 483 -42.32 10.15 -1.33
N GLN A 484 -42.66 10.32 -0.05
CA GLN A 484 -43.90 9.81 0.52
C GLN A 484 -44.84 10.97 0.77
N VAL A 485 -46.05 10.87 0.24
CA VAL A 485 -47.02 11.95 0.34
C VAL A 485 -47.65 11.92 1.72
N ARG A 486 -48.12 13.08 2.16
CA ARG A 486 -48.82 13.21 3.43
C ARG A 486 -49.95 14.22 3.25
N GLU A 487 -51.01 14.05 4.02
CA GLU A 487 -52.12 14.98 4.00
C GLU A 487 -52.17 15.78 5.29
N PRO A 488 -52.75 16.98 5.27
CA PRO A 488 -52.87 17.75 6.50
C PRO A 488 -53.72 17.00 7.52
N GLY A 489 -53.33 17.11 8.78
CA GLY A 489 -54.02 16.41 9.84
C GLY A 489 -53.70 14.93 9.92
N GLN A 490 -52.70 14.47 9.18
CA GLN A 490 -52.30 13.06 9.15
C GLN A 490 -50.95 12.95 9.85
N ASP A 491 -50.99 12.73 11.16
CA ASP A 491 -49.77 12.74 11.95
C ASP A 491 -48.86 11.55 11.66
N LEU A 492 -49.41 10.45 11.17
CA LEU A 492 -48.62 9.26 10.89
C LEU A 492 -48.98 8.70 9.53
N VAL A 493 -47.96 8.36 8.75
CA VAL A 493 -48.14 7.72 7.45
C VAL A 493 -47.18 6.54 7.38
N VAL A 494 -47.53 5.57 6.55
CA VAL A 494 -46.79 4.32 6.45
C VAL A 494 -46.33 4.15 5.00
N LEU A 495 -45.06 3.83 4.82
CA LEU A 495 -44.50 3.64 3.50
C LEU A 495 -44.34 2.15 3.24
N PRO A 496 -45.14 1.54 2.37
CA PRO A 496 -44.97 0.10 2.13
C PRO A 496 -43.74 -0.19 1.26
N LEU A 497 -42.58 -0.17 1.91
CA LEU A 497 -41.33 -0.39 1.21
C LEU A 497 -41.16 -1.88 0.89
N SER A 498 -40.97 -2.19 -0.39
CA SER A 498 -40.71 -3.56 -0.81
C SER A 498 -39.21 -3.81 -0.85
N ILE A 499 -38.80 -5.00 -0.42
CA ILE A 499 -37.39 -5.34 -0.27
C ILE A 499 -37.02 -6.37 -1.32
N THR A 500 -36.01 -6.05 -2.10
CA THR A 500 -35.40 -6.99 -3.03
C THR A 500 -34.06 -7.46 -2.47
N THR A 501 -33.42 -8.36 -3.20
CA THR A 501 -32.13 -8.88 -2.76
C THR A 501 -31.06 -7.81 -2.76
N ASP A 502 -31.30 -6.67 -3.40
CA ASP A 502 -30.29 -5.61 -3.44
C ASP A 502 -30.00 -5.07 -2.05
N PHE A 503 -30.99 -5.08 -1.16
CA PHE A 503 -30.85 -4.47 0.15
C PHE A 503 -29.91 -5.22 1.07
N ILE A 504 -29.55 -6.45 0.73
CA ILE A 504 -28.63 -7.24 1.56
C ILE A 504 -27.33 -6.47 1.65
N PRO A 505 -26.64 -6.46 2.81
CA PRO A 505 -26.98 -7.08 4.08
C PRO A 505 -27.79 -6.15 4.98
N SER A 506 -27.62 -4.84 4.83
CA SER A 506 -28.35 -3.88 5.63
C SER A 506 -28.49 -2.59 4.85
N PHE A 507 -29.59 -1.89 5.09
CA PHE A 507 -29.84 -0.61 4.43
C PHE A 507 -30.24 0.40 5.47
N ARG A 508 -29.65 1.58 5.38
CA ARG A 508 -29.88 2.68 6.30
C ARG A 508 -30.81 3.67 5.63
N LEU A 509 -32.08 3.67 6.04
CA LEU A 509 -33.08 4.55 5.45
C LEU A 509 -33.01 5.91 6.14
N VAL A 510 -32.91 6.96 5.34
CA VAL A 510 -32.85 8.33 5.82
C VAL A 510 -34.05 9.08 5.27
N ALA A 511 -34.66 9.91 6.10
CA ALA A 511 -35.83 10.67 5.70
C ALA A 511 -35.73 12.07 6.28
N TYR A 512 -36.49 12.99 5.69
CA TYR A 512 -36.49 14.36 6.18
C TYR A 512 -37.59 15.14 5.47
N TYR A 513 -37.91 16.29 6.03
CA TYR A 513 -38.80 17.25 5.40
C TYR A 513 -38.22 18.64 5.58
N THR A 514 -38.94 19.64 5.10
CA THR A 514 -38.49 21.02 5.21
C THR A 514 -39.67 21.96 5.19
N LEU A 515 -39.52 23.10 5.85
CA LEU A 515 -40.57 24.11 5.90
C LEU A 515 -39.95 25.45 6.26
N ILE A 516 -40.72 26.51 6.02
CA ILE A 516 -40.33 27.86 6.42
C ILE A 516 -41.01 28.12 7.76
N GLY A 517 -40.28 27.92 8.84
CA GLY A 517 -40.82 27.99 10.19
C GLY A 517 -40.81 29.38 10.77
N ALA A 518 -40.60 29.44 12.08
CA ALA A 518 -40.61 30.72 12.77
C ALA A 518 -39.55 31.66 12.18
N SER A 519 -39.92 32.93 12.05
CA SER A 519 -39.04 33.97 11.56
C SER A 519 -38.65 33.77 10.10
N GLY A 520 -39.33 32.87 9.40
CA GLY A 520 -39.06 32.67 8.00
C GLY A 520 -37.82 31.87 7.71
N GLN A 521 -37.12 31.39 8.72
CA GLN A 521 -35.93 30.59 8.50
C GLN A 521 -36.30 29.24 7.90
N ARG A 522 -35.34 28.64 7.20
CA ARG A 522 -35.58 27.39 6.48
C ARG A 522 -35.18 26.24 7.39
N GLU A 523 -36.19 25.59 7.98
CA GLU A 523 -35.93 24.47 8.87
C GLU A 523 -35.89 23.16 8.09
N VAL A 524 -34.90 22.33 8.38
CA VAL A 524 -34.79 20.99 7.83
C VAL A 524 -34.72 20.02 8.98
N VAL A 525 -35.65 19.08 9.01
CA VAL A 525 -35.74 18.07 10.06
C VAL A 525 -35.53 16.71 9.42
N ALA A 526 -34.55 15.97 9.92
CA ALA A 526 -34.16 14.71 9.33
C ALA A 526 -34.07 13.63 10.39
N ASP A 527 -34.23 12.39 9.97
CA ASP A 527 -34.07 11.25 10.86
C ASP A 527 -33.61 10.05 10.05
N SER A 528 -33.01 9.10 10.75
CA SER A 528 -32.43 7.92 10.11
C SER A 528 -32.80 6.69 10.91
N VAL A 529 -32.92 5.57 10.22
CA VAL A 529 -33.16 4.28 10.85
C VAL A 529 -32.32 3.23 10.13
N TRP A 530 -31.67 2.38 10.90
CA TRP A 530 -30.82 1.33 10.37
C TRP A 530 -31.55 0.00 10.45
N VAL A 531 -31.68 -0.68 9.31
CA VAL A 531 -32.45 -1.91 9.22
C VAL A 531 -31.52 -3.02 8.78
N ASP A 532 -31.68 -4.20 9.37
CA ASP A 532 -30.85 -5.36 9.09
C ASP A 532 -31.64 -6.36 8.29
N VAL A 533 -31.07 -6.81 7.17
CA VAL A 533 -31.68 -7.82 6.32
C VAL A 533 -30.83 -9.07 6.42
N LYS A 534 -31.48 -10.22 6.59
CA LYS A 534 -30.75 -11.46 6.82
C LYS A 534 -29.77 -11.72 5.69
N ASP A 535 -28.53 -12.04 6.08
CA ASP A 535 -27.47 -12.22 5.10
C ASP A 535 -27.71 -13.49 4.28
N SER A 536 -27.41 -13.40 2.99
CA SER A 536 -27.53 -14.53 2.08
C SER A 536 -27.05 -14.07 0.71
N CYS A 537 -26.75 -15.03 -0.15
CA CYS A 537 -26.34 -14.68 -1.50
C CYS A 537 -27.42 -13.84 -2.19
N VAL A 538 -27.00 -12.71 -2.76
CA VAL A 538 -27.93 -11.91 -3.54
C VAL A 538 -28.49 -12.73 -4.70
N GLY A 539 -27.71 -13.65 -5.25
CA GLY A 539 -28.21 -14.63 -6.18
C GLY A 539 -28.45 -15.94 -5.48
N SER A 540 -28.02 -17.04 -6.08
CA SER A 540 -28.09 -18.34 -5.44
C SER A 540 -27.09 -19.28 -6.10
N LEU A 541 -26.64 -20.26 -5.33
CA LEU A 541 -25.70 -21.26 -5.84
C LEU A 541 -25.79 -22.48 -4.95
N VAL A 542 -26.26 -23.59 -5.50
CA VAL A 542 -26.46 -24.83 -4.77
C VAL A 542 -25.73 -25.95 -5.48
N VAL A 543 -24.97 -26.73 -4.72
CA VAL A 543 -24.26 -27.89 -5.24
C VAL A 543 -24.86 -29.13 -4.57
N LYS A 544 -25.34 -30.06 -5.39
CA LYS A 544 -25.95 -31.28 -4.87
C LYS A 544 -25.69 -32.42 -5.83
N SER A 545 -25.75 -33.63 -5.30
CA SER A 545 -25.57 -34.81 -6.13
C SER A 545 -26.72 -34.95 -7.11
N GLY A 546 -26.39 -35.31 -8.34
CA GLY A 546 -27.39 -35.45 -9.39
C GLY A 546 -27.92 -36.87 -9.51
N GLN A 547 -27.71 -37.66 -8.47
CA GLN A 547 -28.13 -39.07 -8.49
C GLN A 547 -28.78 -39.46 -7.18
N GLN A 552 -23.35 -45.28 -1.13
CA GLN A 552 -22.40 -44.20 -1.28
C GLN A 552 -21.38 -44.54 -2.35
N PRO A 553 -20.70 -43.52 -2.90
CA PRO A 553 -19.71 -43.77 -3.93
C PRO A 553 -18.53 -44.57 -3.39
N VAL A 554 -17.93 -45.39 -4.26
CA VAL A 554 -16.71 -46.11 -3.94
C VAL A 554 -15.55 -45.39 -4.61
N PRO A 555 -14.32 -45.54 -4.13
CA PRO A 555 -13.20 -44.81 -4.74
C PRO A 555 -13.09 -45.12 -6.22
N GLY A 556 -12.80 -44.08 -7.01
CA GLY A 556 -12.70 -44.22 -8.44
C GLY A 556 -14.01 -44.25 -9.17
N GLN A 557 -15.13 -44.09 -8.47
CA GLN A 557 -16.43 -44.13 -9.11
C GLN A 557 -16.74 -42.81 -9.79
N GLN A 558 -17.45 -42.88 -10.91
CA GLN A 558 -17.93 -41.68 -11.58
C GLN A 558 -19.17 -41.16 -10.86
N MET A 559 -19.18 -39.86 -10.57
CA MET A 559 -20.28 -39.24 -9.85
C MET A 559 -20.82 -38.06 -10.65
N THR A 560 -22.14 -37.94 -10.67
CA THR A 560 -22.81 -36.86 -11.39
C THR A 560 -23.09 -35.72 -10.41
N LEU A 561 -22.37 -34.61 -10.56
CA LEU A 561 -22.50 -33.47 -9.67
C LEU A 561 -23.36 -32.42 -10.33
N LYS A 562 -24.39 -31.96 -9.61
CA LYS A 562 -25.34 -30.99 -10.12
C LYS A 562 -25.05 -29.62 -9.52
N ILE A 563 -24.85 -28.63 -10.38
CA ILE A 563 -24.67 -27.24 -9.96
C ILE A 563 -25.80 -26.42 -10.56
N GLU A 564 -26.49 -25.66 -9.72
CA GLU A 564 -27.57 -24.82 -10.16
C GLU A 564 -27.40 -23.43 -9.55
N GLY A 565 -27.51 -22.41 -10.38
CA GLY A 565 -27.30 -21.06 -9.91
C GLY A 565 -27.70 -20.04 -10.94
N ASP A 566 -27.21 -18.82 -10.75
CA ASP A 566 -27.58 -17.72 -11.62
C ASP A 566 -27.16 -18.01 -13.07
N HIS A 567 -28.07 -17.78 -14.00
CA HIS A 567 -27.77 -18.01 -15.40
C HIS A 567 -26.61 -17.14 -15.85
N GLY A 568 -25.74 -17.72 -16.68
CA GLY A 568 -24.62 -16.99 -17.24
C GLY A 568 -23.48 -16.73 -16.28
N ALA A 569 -23.62 -17.15 -15.03
CA ALA A 569 -22.56 -16.90 -14.05
C ALA A 569 -21.38 -17.84 -14.28
N ARG A 570 -20.21 -17.42 -13.83
CA ARG A 570 -19.02 -18.24 -13.87
C ARG A 570 -18.84 -18.92 -12.51
N VAL A 571 -18.79 -20.24 -12.51
CA VAL A 571 -18.68 -21.04 -11.29
C VAL A 571 -17.28 -21.62 -11.23
N VAL A 572 -16.62 -21.45 -10.09
CA VAL A 572 -15.30 -22.01 -9.85
C VAL A 572 -15.41 -22.97 -8.67
N LEU A 573 -14.88 -24.18 -8.85
CA LEU A 573 -15.05 -25.24 -7.88
C LEU A 573 -13.71 -25.59 -7.25
N VAL A 574 -13.78 -26.32 -6.14
CA VAL A 574 -12.61 -26.90 -5.51
C VAL A 574 -13.07 -28.01 -4.57
N ALA A 575 -12.32 -29.10 -4.54
CA ALA A 575 -12.61 -30.22 -3.65
C ALA A 575 -11.44 -30.39 -2.71
N VAL A 576 -11.73 -30.44 -1.41
CA VAL A 576 -10.71 -30.54 -0.38
C VAL A 576 -11.06 -31.70 0.53
N ASP A 577 -10.08 -32.56 0.78
CA ASP A 577 -10.25 -33.62 1.77
C ASP A 577 -10.50 -33.00 3.13
N LYS A 578 -11.55 -33.47 3.82
CA LYS A 578 -11.86 -32.92 5.13
C LYS A 578 -10.70 -33.07 6.10
N GLY A 579 -9.83 -34.05 5.89
CA GLY A 579 -8.67 -34.19 6.76
C GLY A 579 -7.85 -32.92 6.83
N VAL A 580 -7.82 -32.14 5.75
CA VAL A 580 -7.06 -30.90 5.76
C VAL A 580 -7.61 -29.95 6.82
N PHE A 581 -8.93 -29.81 6.89
CA PHE A 581 -9.52 -28.87 7.82
C PHE A 581 -9.32 -29.29 9.27
N VAL A 582 -9.01 -30.56 9.51
CA VAL A 582 -8.68 -30.99 10.87
C VAL A 582 -7.38 -30.33 11.32
N LEU A 583 -6.41 -30.22 10.41
CA LEU A 583 -5.14 -29.60 10.77
C LEU A 583 -5.27 -28.09 10.90
N ASN A 584 -6.00 -27.46 9.99
CA ASN A 584 -6.13 -26.01 10.00
C ASN A 584 -7.39 -25.61 9.26
N LYS A 585 -8.38 -25.10 9.99
CA LYS A 585 -9.65 -24.71 9.41
C LYS A 585 -9.81 -23.20 9.28
N LYS A 586 -8.76 -22.43 9.54
CA LYS A 586 -8.85 -20.99 9.50
C LYS A 586 -8.74 -20.48 8.07
N ASN A 587 -9.13 -19.22 7.87
CA ASN A 587 -8.98 -18.51 6.61
C ASN A 587 -9.83 -19.10 5.49
N LYS A 588 -10.87 -19.86 5.83
CA LYS A 588 -11.77 -20.39 4.81
C LYS A 588 -12.62 -19.26 4.25
N LEU A 589 -12.89 -19.31 2.95
CA LEU A 589 -13.77 -18.33 2.33
C LEU A 589 -15.22 -18.72 2.54
N THR A 590 -16.01 -17.79 3.05
CA THR A 590 -17.42 -18.05 3.30
C THR A 590 -18.21 -16.78 3.05
N GLN A 591 -19.48 -16.95 2.69
CA GLN A 591 -20.33 -15.79 2.40
C GLN A 591 -20.37 -14.83 3.57
N SER A 592 -20.31 -15.34 4.80
CA SER A 592 -20.36 -14.47 5.96
C SER A 592 -19.18 -13.49 5.96
N LYS A 593 -17.99 -13.96 5.61
CA LYS A 593 -16.84 -13.07 5.58
C LYS A 593 -17.00 -11.99 4.52
N ILE A 594 -17.60 -12.33 3.38
CA ILE A 594 -17.81 -11.30 2.34
C ILE A 594 -18.69 -10.18 2.89
N TRP A 595 -19.78 -10.53 3.55
CA TRP A 595 -20.62 -9.50 4.15
C TRP A 595 -19.92 -8.81 5.30
N ASP A 596 -19.07 -9.53 6.04
CA ASP A 596 -18.31 -8.88 7.09
C ASP A 596 -17.40 -7.80 6.53
N VAL A 597 -16.75 -8.08 5.40
CA VAL A 597 -15.89 -7.08 4.78
C VAL A 597 -16.72 -5.88 4.33
N VAL A 598 -17.87 -6.13 3.71
CA VAL A 598 -18.70 -5.03 3.22
C VAL A 598 -19.16 -4.17 4.39
N GLU A 599 -19.67 -4.81 5.45
CA GLU A 599 -20.18 -4.05 6.59
C GLU A 599 -19.08 -3.20 7.22
N LYS A 600 -17.89 -3.75 7.38
CA LYS A 600 -16.80 -2.98 7.96
C LYS A 600 -16.31 -1.88 7.05
N ALA A 601 -16.72 -1.87 5.78
CA ALA A 601 -16.33 -0.83 4.83
C ALA A 601 -17.44 0.19 4.60
N ASP A 602 -18.49 0.15 5.41
CA ASP A 602 -19.57 1.11 5.26
C ASP A 602 -19.10 2.50 5.68
N ILE A 603 -19.65 3.52 5.03
CA ILE A 603 -19.16 4.88 5.26
C ILE A 603 -19.82 5.53 6.48
N GLY A 604 -21.06 5.16 6.79
CA GLY A 604 -21.68 5.62 8.02
C GLY A 604 -21.70 4.55 9.08
N CYS A 605 -21.37 4.94 10.31
CA CYS A 605 -21.17 3.97 11.38
C CYS A 605 -22.00 4.35 12.60
N THR A 606 -23.26 4.71 12.38
CA THR A 606 -24.15 4.99 13.49
C THR A 606 -25.52 4.37 13.18
N PRO A 607 -26.19 3.76 14.16
CA PRO A 607 -27.45 3.10 13.86
C PRO A 607 -28.64 4.04 13.74
N GLY A 608 -28.48 5.33 13.96
CA GLY A 608 -29.64 6.20 13.95
C GLY A 608 -29.27 7.67 13.97
N SER A 609 -30.27 8.49 14.26
CA SER A 609 -30.13 9.93 14.14
C SER A 609 -28.93 10.45 14.93
N GLY A 610 -28.52 11.66 14.61
CA GLY A 610 -27.43 12.34 15.28
C GLY A 610 -27.92 13.45 16.17
N LYS A 611 -27.01 14.39 16.46
CA LYS A 611 -27.34 15.50 17.33
C LYS A 611 -28.23 16.53 16.66
N ASP A 612 -28.13 16.68 15.34
CA ASP A 612 -28.97 17.63 14.61
C ASP A 612 -29.13 17.11 13.19
N TYR A 613 -29.93 17.83 12.39
CA TYR A 613 -30.20 17.38 11.04
C TYR A 613 -28.90 17.15 10.28
N ALA A 614 -27.90 18.01 10.51
CA ALA A 614 -26.60 17.80 9.87
C ALA A 614 -25.98 16.49 10.34
N GLY A 615 -26.07 16.20 11.63
CA GLY A 615 -25.54 14.96 12.14
C GLY A 615 -26.23 13.75 11.55
N VAL A 616 -27.54 13.84 11.34
CA VAL A 616 -28.30 12.72 10.82
C VAL A 616 -27.75 12.28 9.48
N PHE A 617 -27.55 13.24 8.58
CA PHE A 617 -27.02 12.91 7.26
C PHE A 617 -25.56 12.48 7.35
N SER A 618 -24.75 13.22 8.09
CA SER A 618 -23.34 12.88 8.19
C SER A 618 -23.14 11.50 8.77
N ASP A 619 -23.89 11.15 9.81
CA ASP A 619 -23.78 9.82 10.38
C ASP A 619 -24.20 8.75 9.38
N ALA A 620 -25.26 9.00 8.61
CA ALA A 620 -25.71 8.02 7.63
C ALA A 620 -24.79 7.95 6.42
N GLY A 621 -23.88 8.89 6.28
CA GLY A 621 -22.96 8.90 5.16
C GLY A 621 -23.34 9.81 4.02
N LEU A 622 -24.37 10.63 4.18
CA LEU A 622 -24.86 11.49 3.11
C LEU A 622 -24.49 12.93 3.39
N THR A 623 -24.14 13.66 2.33
CA THR A 623 -24.02 15.10 2.42
C THR A 623 -25.30 15.76 1.94
N PHE A 624 -25.63 16.89 2.53
CA PHE A 624 -26.82 17.63 2.17
C PHE A 624 -26.45 19.10 2.04
N THR A 625 -26.69 19.67 0.87
CA THR A 625 -26.36 21.06 0.62
C THR A 625 -27.58 21.74 0.02
N SER A 626 -27.74 23.02 0.31
CA SER A 626 -28.93 23.75 -0.07
C SER A 626 -28.58 25.16 -0.51
N SER A 627 -29.49 25.77 -1.26
CA SER A 627 -29.30 27.16 -1.65
C SER A 627 -29.39 28.09 -0.45
N SER A 628 -30.17 27.72 0.56
CA SER A 628 -30.38 28.57 1.74
C SER A 628 -29.34 28.34 2.81
N GLY A 629 -28.18 27.78 2.48
CA GLY A 629 -27.10 27.64 3.42
C GLY A 629 -27.15 26.42 4.29
N GLN A 630 -28.21 25.62 4.23
CA GLN A 630 -28.26 24.39 5.01
C GLN A 630 -27.19 23.43 4.49
N GLN A 631 -26.32 22.96 5.38
CA GLN A 631 -25.22 22.13 4.95
C GLN A 631 -24.84 21.16 6.05
N THR A 632 -24.19 20.07 5.65
CA THR A 632 -23.60 19.14 6.62
C THR A 632 -22.13 19.50 6.82
N ALA A 633 -21.64 19.30 8.03
CA ALA A 633 -20.24 19.60 8.31
C ALA A 633 -19.34 18.72 7.44
N GLN A 634 -18.18 19.27 7.10
CA GLN A 634 -17.26 18.56 6.22
C GLN A 634 -16.79 17.27 6.87
N ARG A 635 -16.50 16.27 6.03
CA ARG A 635 -15.90 15.03 6.46
C ARG A 635 -14.49 14.95 5.90
N ALA A 636 -13.52 14.67 6.77
CA ALA A 636 -12.12 14.65 6.39
C ALA A 636 -11.41 13.36 6.78
N GLU A 637 -12.14 12.31 7.12
CA GLU A 637 -11.54 11.04 7.51
C GLU A 637 -12.26 9.90 6.82
N LEU A 638 -11.48 9.03 6.18
CA LEU A 638 -12.07 7.86 5.52
C LEU A 638 -12.65 6.91 6.56
N GLN A 639 -11.87 6.58 7.59
CA GLN A 639 -12.38 5.80 8.70
C GLN A 639 -13.10 6.71 9.68
N CYS A 640 -14.36 6.39 9.96
CA CYS A 640 -15.15 7.30 10.77
C CYS A 640 -14.68 7.23 12.22
N PRO A 641 -15.03 8.22 13.05
CA PRO A 641 -14.35 8.39 14.34
C PRO A 641 -14.42 7.13 15.20
N GLN A 642 -13.33 6.89 15.91
CA GLN A 642 -13.25 5.78 16.86
C GLN A 642 -13.56 4.45 16.17
N ASP B 6 -9.04 -69.98 -3.82
CA ASP B 6 -10.25 -69.16 -3.59
C ASP B 6 -9.87 -67.78 -3.07
N ILE B 7 -8.95 -67.13 -3.76
CA ILE B 7 -8.47 -65.81 -3.35
C ILE B 7 -7.98 -65.08 -4.59
N ILE B 8 -8.19 -63.78 -4.62
CA ILE B 8 -7.76 -62.97 -5.75
C ILE B 8 -6.25 -62.97 -5.81
N ALA B 9 -5.70 -63.23 -6.99
CA ALA B 9 -4.26 -63.23 -7.17
C ALA B 9 -3.71 -61.82 -7.00
N GLU B 10 -2.44 -61.75 -6.57
CA GLU B 10 -1.82 -60.44 -6.33
C GLU B 10 -1.79 -59.60 -7.59
N GLU B 11 -1.44 -60.23 -8.73
CA GLU B 11 -1.32 -59.47 -9.97
C GLU B 11 -2.62 -58.80 -10.35
N ASN B 12 -3.76 -59.41 -10.02
CA ASN B 12 -5.05 -58.92 -10.46
C ASN B 12 -5.57 -57.77 -9.60
N ILE B 13 -4.89 -57.43 -8.51
CA ILE B 13 -5.37 -56.40 -7.59
C ILE B 13 -4.83 -55.06 -8.09
N VAL B 14 -5.70 -54.25 -8.68
CA VAL B 14 -5.33 -52.88 -8.98
C VAL B 14 -5.13 -52.13 -7.68
N SER B 15 -4.21 -51.17 -7.69
CA SER B 15 -3.79 -50.47 -6.48
C SER B 15 -4.25 -49.01 -6.54
N ARG B 16 -4.90 -48.56 -5.47
CA ARG B 16 -5.24 -47.16 -5.35
C ARG B 16 -3.97 -46.34 -5.18
N SER B 17 -3.80 -45.31 -6.00
CA SER B 17 -2.55 -44.56 -6.00
C SER B 17 -2.78 -43.05 -6.04
N GLU B 18 -4.00 -42.62 -6.34
CA GLU B 18 -4.31 -41.19 -6.47
C GLU B 18 -4.87 -40.71 -5.14
N PHE B 19 -4.05 -39.98 -4.39
CA PHE B 19 -4.46 -39.45 -3.09
C PHE B 19 -4.19 -37.96 -3.02
N PRO B 20 -4.72 -37.17 -3.95
CA PRO B 20 -4.50 -35.72 -3.89
C PRO B 20 -5.27 -35.10 -2.73
N GLU B 21 -4.63 -34.19 -2.01
CA GLU B 21 -5.31 -33.51 -0.92
C GLU B 21 -6.30 -32.48 -1.43
N SER B 22 -6.17 -32.06 -2.68
CA SER B 22 -7.10 -31.12 -3.29
C SER B 22 -7.17 -31.40 -4.79
N TRP B 23 -8.34 -31.21 -5.36
CA TRP B 23 -8.55 -31.50 -6.78
C TRP B 23 -9.82 -30.78 -7.23
N LEU B 24 -10.25 -31.09 -8.44
CA LEU B 24 -11.44 -30.47 -9.02
C LEU B 24 -11.29 -28.95 -9.09
N TRP B 25 -10.05 -28.48 -9.21
CA TRP B 25 -9.77 -27.05 -9.35
C TRP B 25 -10.17 -26.63 -10.76
N ASN B 26 -11.48 -26.51 -10.97
CA ASN B 26 -12.03 -26.37 -12.31
C ASN B 26 -12.95 -25.17 -12.36
N VAL B 27 -13.14 -24.63 -13.56
CA VAL B 27 -13.97 -23.45 -13.81
C VAL B 27 -15.10 -23.87 -14.74
N GLU B 28 -16.33 -23.58 -14.35
CA GLU B 28 -17.51 -23.93 -15.12
C GLU B 28 -18.37 -22.69 -15.32
N ASP B 29 -18.89 -22.51 -16.53
CA ASP B 29 -19.79 -21.41 -16.83
C ASP B 29 -21.17 -21.97 -17.13
N LEU B 30 -22.17 -21.50 -16.37
CA LEU B 30 -23.54 -21.97 -16.55
C LEU B 30 -24.12 -21.32 -17.81
N LYS B 31 -24.65 -22.16 -18.70
CA LYS B 31 -25.21 -21.66 -19.94
C LYS B 31 -26.53 -22.31 -20.34
N GLU B 32 -27.04 -23.27 -19.57
CA GLU B 32 -28.26 -23.95 -19.96
C GLU B 32 -29.46 -23.01 -19.86
N PRO B 33 -30.52 -23.28 -20.62
CA PRO B 33 -31.72 -22.43 -20.54
C PRO B 33 -32.22 -22.34 -19.11
N PRO B 34 -32.45 -21.13 -18.60
CA PRO B 34 -32.93 -21.01 -17.22
C PRO B 34 -34.31 -21.59 -17.05
N LYS B 35 -34.58 -22.10 -15.85
CA LYS B 35 -35.91 -22.48 -15.41
C LYS B 35 -36.21 -21.77 -14.11
N ASN B 36 -37.26 -20.95 -14.10
CA ASN B 36 -37.61 -20.17 -12.92
C ASN B 36 -36.46 -19.26 -12.50
N GLY B 37 -35.71 -18.78 -13.48
CA GLY B 37 -34.59 -17.90 -13.22
C GLY B 37 -33.31 -18.58 -12.79
N ILE B 38 -33.27 -19.91 -12.80
CA ILE B 38 -32.11 -20.67 -12.36
C ILE B 38 -31.72 -21.65 -13.45
N SER B 39 -30.42 -21.76 -13.70
CA SER B 39 -29.89 -22.68 -14.69
C SER B 39 -29.09 -23.77 -13.99
N THR B 40 -29.19 -24.98 -14.51
CA THR B 40 -28.58 -26.16 -13.91
C THR B 40 -27.52 -26.72 -14.85
N LYS B 41 -26.40 -27.15 -14.28
CA LYS B 41 -25.34 -27.81 -15.02
C LYS B 41 -25.00 -29.12 -14.34
N LEU B 42 -24.80 -30.17 -15.13
CA LEU B 42 -24.45 -31.48 -14.62
C LEU B 42 -23.00 -31.78 -14.95
N MET B 43 -22.25 -32.22 -13.95
CA MET B 43 -20.84 -32.55 -14.09
C MET B 43 -20.63 -34.03 -13.83
N ASN B 44 -19.81 -34.67 -14.65
CA ASN B 44 -19.43 -36.07 -14.44
C ASN B 44 -18.00 -36.09 -13.91
N ILE B 45 -17.86 -35.91 -12.61
CA ILE B 45 -16.56 -35.93 -11.97
C ILE B 45 -16.20 -37.36 -11.59
N PHE B 46 -14.91 -37.66 -11.58
CA PHE B 46 -14.39 -38.96 -11.19
C PHE B 46 -13.76 -38.84 -9.81
N LEU B 47 -14.28 -39.60 -8.86
CA LEU B 47 -13.79 -39.51 -7.49
C LEU B 47 -12.39 -40.09 -7.38
N LYS B 48 -11.52 -39.41 -6.65
CA LYS B 48 -10.18 -39.90 -6.43
C LYS B 48 -10.21 -41.12 -5.52
N ASP B 49 -9.03 -41.69 -5.26
CA ASP B 49 -8.94 -42.96 -4.57
C ASP B 49 -8.97 -42.83 -3.06
N SER B 50 -8.81 -41.62 -2.50
CA SER B 50 -8.82 -41.48 -1.05
C SER B 50 -10.19 -41.82 -0.50
N ILE B 51 -10.20 -42.59 0.59
CA ILE B 51 -11.45 -42.91 1.27
C ILE B 51 -11.67 -41.89 2.39
N THR B 52 -12.30 -40.78 2.07
CA THR B 52 -12.55 -39.73 3.03
C THR B 52 -13.79 -38.97 2.60
N THR B 53 -14.11 -37.91 3.34
CA THR B 53 -15.25 -37.07 3.01
C THR B 53 -14.75 -35.82 2.30
N TRP B 54 -14.90 -35.78 0.98
CA TRP B 54 -14.54 -34.61 0.22
C TRP B 54 -15.50 -33.47 0.51
N GLU B 55 -14.97 -32.26 0.56
CA GLU B 55 -15.76 -31.05 0.71
C GLU B 55 -15.63 -30.24 -0.57
N ILE B 56 -16.76 -29.93 -1.20
CA ILE B 56 -16.79 -29.22 -2.47
C ILE B 56 -17.36 -27.84 -2.21
N LEU B 57 -16.54 -26.82 -2.40
CA LEU B 57 -16.93 -25.43 -2.22
C LEU B 57 -17.02 -24.78 -3.59
N ALA B 58 -18.17 -24.19 -3.88
CA ALA B 58 -18.43 -23.58 -5.18
C ALA B 58 -18.65 -22.08 -5.00
N VAL B 59 -17.90 -21.29 -5.76
CA VAL B 59 -18.03 -19.84 -5.78
C VAL B 59 -18.43 -19.44 -7.19
N SER B 60 -19.46 -18.60 -7.30
CA SER B 60 -19.96 -18.16 -8.58
C SER B 60 -19.94 -16.65 -8.65
N MET B 61 -19.63 -16.13 -9.84
CA MET B 61 -19.64 -14.71 -10.10
C MET B 61 -20.58 -14.44 -11.27
N SER B 62 -21.45 -13.46 -11.10
CA SER B 62 -22.40 -13.05 -12.14
C SER B 62 -22.26 -11.56 -12.39
N ASP B 63 -22.36 -11.17 -13.66
CA ASP B 63 -22.29 -9.76 -14.00
C ASP B 63 -23.41 -8.96 -13.34
N LYS B 64 -24.52 -9.60 -13.01
CA LYS B 64 -25.65 -8.94 -12.38
C LYS B 64 -25.80 -9.26 -10.90
N LYS B 65 -25.69 -10.53 -10.53
CA LYS B 65 -25.91 -10.96 -9.15
C LYS B 65 -24.64 -10.94 -8.32
N GLY B 66 -23.52 -10.51 -8.88
CA GLY B 66 -22.33 -10.40 -8.07
C GLY B 66 -21.82 -11.75 -7.60
N ILE B 67 -21.01 -11.71 -6.56
CA ILE B 67 -20.36 -12.90 -6.03
C ILE B 67 -21.33 -13.66 -5.14
N CYS B 68 -21.10 -14.96 -5.00
CA CYS B 68 -21.86 -15.80 -4.09
C CYS B 68 -21.04 -17.04 -3.77
N VAL B 69 -21.08 -17.46 -2.52
CA VAL B 69 -20.36 -18.64 -2.06
C VAL B 69 -21.37 -19.66 -1.59
N ALA B 70 -21.37 -20.82 -2.22
CA ALA B 70 -22.35 -21.84 -1.90
C ALA B 70 -21.98 -22.56 -0.60
N ASP B 71 -22.99 -23.09 0.07
CA ASP B 71 -22.77 -23.92 1.23
C ASP B 71 -21.95 -25.14 0.82
N PRO B 72 -20.82 -25.42 1.47
CA PRO B 72 -20.00 -26.55 1.02
C PRO B 72 -20.77 -27.84 0.99
N PHE B 73 -20.54 -28.63 -0.06
CA PHE B 73 -21.16 -29.91 -0.24
C PHE B 73 -20.17 -31.02 0.08
N GLU B 74 -20.66 -32.06 0.76
CA GLU B 74 -19.81 -33.12 1.27
C GLU B 74 -20.11 -34.42 0.55
N VAL B 75 -19.07 -35.06 0.03
CA VAL B 75 -19.18 -36.35 -0.63
C VAL B 75 -18.34 -37.32 0.19
N THR B 76 -18.96 -38.40 0.66
CA THR B 76 -18.28 -39.36 1.53
C THR B 76 -18.00 -40.63 0.74
N VAL B 77 -16.76 -40.78 0.30
CA VAL B 77 -16.34 -42.01 -0.37
C VAL B 77 -16.16 -43.08 0.68
N MET B 78 -16.68 -44.27 0.42
CA MET B 78 -16.72 -45.33 1.42
C MET B 78 -16.51 -46.67 0.73
N GLN B 79 -16.09 -47.66 1.53
CA GLN B 79 -15.88 -49.00 1.04
C GLN B 79 -15.99 -49.97 2.20
N ASP B 80 -16.51 -51.16 1.93
CA ASP B 80 -16.73 -52.14 3.00
C ASP B 80 -15.41 -52.54 3.65
N PHE B 81 -14.39 -52.81 2.84
CA PHE B 81 -13.10 -53.24 3.34
C PHE B 81 -12.00 -52.51 2.59
N PHE B 82 -11.03 -52.00 3.33
CA PHE B 82 -9.95 -51.22 2.74
C PHE B 82 -8.80 -51.15 3.74
N ILE B 83 -7.64 -50.73 3.25
CA ILE B 83 -6.46 -50.57 4.08
C ILE B 83 -6.00 -49.12 3.98
N ASP B 84 -5.47 -48.61 5.09
CA ASP B 84 -4.97 -47.25 5.16
C ASP B 84 -3.52 -47.31 5.61
N LEU B 85 -2.63 -46.76 4.79
CA LEU B 85 -1.21 -46.76 5.09
C LEU B 85 -0.86 -45.48 5.82
N ARG B 86 -0.37 -45.61 7.05
CA ARG B 86 0.00 -44.45 7.87
C ARG B 86 1.50 -44.15 7.72
N LEU B 87 1.88 -43.75 6.51
CA LEU B 87 3.28 -43.44 6.25
C LEU B 87 3.66 -42.12 6.91
N PRO B 88 4.85 -42.03 7.49
CA PRO B 88 5.33 -40.73 7.98
C PRO B 88 5.55 -39.78 6.82
N TYR B 89 5.66 -38.49 7.14
CA TYR B 89 5.89 -37.50 6.10
C TYR B 89 7.24 -37.72 5.42
N SER B 90 8.27 -38.04 6.19
CA SER B 90 9.60 -38.24 5.65
C SER B 90 10.37 -39.21 6.53
N VAL B 91 11.40 -39.81 5.94
CA VAL B 91 12.26 -40.77 6.64
C VAL B 91 13.70 -40.48 6.27
N VAL B 92 14.61 -41.00 7.07
CA VAL B 92 16.04 -40.77 6.88
C VAL B 92 16.60 -41.79 5.91
N ARG B 93 17.72 -41.46 5.28
CA ARG B 93 18.21 -42.26 4.17
C ARG B 93 18.59 -43.68 4.58
N ASN B 94 19.01 -43.88 5.83
CA ASN B 94 19.47 -45.21 6.26
C ASN B 94 19.00 -45.58 7.66
N GLU B 95 17.98 -44.92 8.18
CA GLU B 95 17.48 -45.19 9.52
C GLU B 95 16.29 -46.13 9.43
N GLN B 96 16.41 -47.29 10.09
CA GLN B 96 15.32 -48.25 10.07
C GLN B 96 14.06 -47.63 10.67
N VAL B 97 12.93 -47.82 10.00
CA VAL B 97 11.67 -47.24 10.43
C VAL B 97 10.58 -48.29 10.28
N GLU B 98 9.49 -48.10 11.02
CA GLU B 98 8.33 -48.98 10.98
C GLU B 98 7.12 -48.23 10.49
N ILE B 99 6.39 -48.82 9.55
CA ILE B 99 5.15 -48.25 9.04
C ILE B 99 4.04 -49.24 9.33
N ARG B 100 2.83 -48.71 9.53
CA ARG B 100 1.67 -49.51 9.91
C ARG B 100 0.64 -49.45 8.80
N ALA B 101 0.20 -50.63 8.36
CA ALA B 101 -0.93 -50.74 7.45
C ALA B 101 -2.15 -51.14 8.26
N VAL B 102 -3.18 -50.29 8.26
CA VAL B 102 -4.36 -50.49 9.09
C VAL B 102 -5.47 -51.03 8.20
N LEU B 103 -5.92 -52.25 8.50
CA LEU B 103 -6.98 -52.90 7.76
C LEU B 103 -8.31 -52.66 8.47
N TYR B 104 -9.30 -52.20 7.73
CA TYR B 104 -10.63 -51.93 8.27
C TYR B 104 -11.64 -52.88 7.66
N ASN B 105 -12.47 -53.47 8.50
CA ASN B 105 -13.57 -54.33 8.07
C ASN B 105 -14.85 -53.80 8.68
N TYR B 106 -15.66 -53.10 7.88
CA TYR B 106 -16.88 -52.49 8.36
C TYR B 106 -18.12 -53.27 7.97
N ARG B 107 -17.95 -54.52 7.54
CA ARG B 107 -19.11 -55.36 7.29
C ARG B 107 -19.83 -55.63 8.61
N GLN B 108 -21.14 -55.41 8.63
CA GLN B 108 -21.87 -55.36 9.88
C GLN B 108 -21.65 -56.60 10.75
N ASN B 109 -21.68 -57.78 10.14
CA ASN B 109 -21.63 -59.01 10.94
C ASN B 109 -20.77 -60.10 10.34
N GLN B 110 -19.79 -59.79 9.49
CA GLN B 110 -18.98 -60.79 8.81
C GLN B 110 -17.54 -60.66 9.27
N GLU B 111 -16.93 -61.78 9.63
CA GLU B 111 -15.51 -61.82 9.95
C GLU B 111 -14.72 -62.18 8.70
N LEU B 112 -13.58 -61.52 8.51
CA LEU B 112 -12.81 -61.62 7.27
C LEU B 112 -11.45 -62.23 7.56
N LYS B 113 -11.07 -63.24 6.77
CA LYS B 113 -9.69 -63.72 6.75
C LYS B 113 -8.98 -63.05 5.60
N VAL B 114 -7.91 -62.32 5.89
CA VAL B 114 -7.28 -61.42 4.93
C VAL B 114 -5.84 -61.84 4.72
N ARG B 115 -5.45 -61.96 3.46
CA ARG B 115 -4.05 -62.13 3.09
C ARG B 115 -3.48 -60.78 2.71
N VAL B 116 -2.51 -60.29 3.50
CA VAL B 116 -1.93 -58.97 3.29
C VAL B 116 -0.43 -59.15 3.12
N GLU B 117 0.13 -58.45 2.13
CA GLU B 117 1.53 -58.58 1.81
C GLU B 117 2.09 -57.23 1.41
N LEU B 118 3.40 -57.08 1.56
CA LEU B 118 4.12 -55.88 1.16
C LEU B 118 4.97 -56.19 -0.06
N LEU B 119 4.79 -55.42 -1.12
CA LEU B 119 5.51 -55.66 -2.36
C LEU B 119 6.95 -55.19 -2.24
N HIS B 120 7.83 -55.86 -2.97
CA HIS B 120 9.26 -55.56 -2.93
C HIS B 120 9.57 -54.33 -3.76
N ASN B 121 10.38 -53.43 -3.22
CA ASN B 121 10.91 -52.30 -3.93
C ASN B 121 12.42 -52.25 -3.74
N PRO B 122 13.22 -52.11 -4.79
CA PRO B 122 14.67 -52.02 -4.61
C PRO B 122 15.07 -50.86 -3.73
N ALA B 123 14.23 -49.81 -3.71
CA ALA B 123 14.53 -48.63 -2.91
C ALA B 123 14.47 -48.90 -1.41
N PHE B 124 13.81 -49.97 -0.97
CA PHE B 124 13.64 -50.26 0.44
C PHE B 124 14.18 -51.64 0.76
N CYS B 125 14.81 -51.77 1.92
CA CYS B 125 15.19 -53.07 2.45
C CYS B 125 14.15 -53.53 3.47
N SER B 126 13.58 -54.70 3.23
CA SER B 126 12.56 -55.25 4.11
C SER B 126 12.59 -56.77 3.94
N LEU B 127 11.71 -57.44 4.68
CA LEU B 127 11.63 -58.89 4.56
C LEU B 127 11.23 -59.33 3.16
N ALA B 128 10.58 -58.46 2.39
CA ALA B 128 10.18 -58.81 1.04
C ALA B 128 11.39 -58.81 0.12
N THR B 129 11.44 -59.80 -0.76
CA THR B 129 12.51 -59.93 -1.75
C THR B 129 11.91 -60.37 -3.08
N THR B 130 12.69 -60.18 -4.14
CA THR B 130 12.21 -60.56 -5.47
C THR B 130 11.89 -62.04 -5.56
N LYS B 131 12.49 -62.87 -4.71
CA LYS B 131 12.26 -64.31 -4.75
C LYS B 131 11.08 -64.74 -3.89
N ARG B 132 10.82 -64.04 -2.78
CA ARG B 132 9.72 -64.39 -1.90
C ARG B 132 9.04 -63.11 -1.42
N ARG B 133 7.72 -63.13 -1.39
CA ARG B 133 6.97 -61.97 -0.93
C ARG B 133 6.64 -62.11 0.55
N HIS B 134 6.47 -60.95 1.20
CA HIS B 134 6.22 -60.90 2.65
C HIS B 134 4.72 -61.03 2.90
N GLN B 135 4.21 -62.23 2.69
CA GLN B 135 2.80 -62.49 2.91
C GLN B 135 2.49 -62.61 4.40
N GLN B 136 1.20 -62.53 4.72
CA GLN B 136 0.75 -62.64 6.09
C GLN B 136 -0.76 -62.82 6.10
N THR B 137 -1.23 -63.81 6.84
CA THR B 137 -2.66 -64.11 6.94
C THR B 137 -3.15 -63.63 8.30
N VAL B 138 -4.23 -62.83 8.29
CA VAL B 138 -4.79 -62.28 9.51
C VAL B 138 -6.31 -62.37 9.44
N THR B 139 -6.93 -62.18 10.60
CA THR B 139 -8.38 -62.19 10.74
C THR B 139 -8.83 -60.89 11.38
N ILE B 140 -9.94 -60.35 10.90
CA ILE B 140 -10.45 -59.06 11.36
C ILE B 140 -11.87 -59.27 11.85
N PRO B 141 -12.17 -59.03 13.13
CA PRO B 141 -13.55 -59.16 13.60
C PRO B 141 -14.44 -58.12 12.95
N PRO B 142 -15.74 -58.37 12.87
CA PRO B 142 -16.64 -57.42 12.21
C PRO B 142 -16.60 -56.06 12.90
N LYS B 143 -16.76 -55.00 12.10
CA LYS B 143 -16.79 -53.64 12.62
C LYS B 143 -15.59 -53.36 13.52
N SER B 144 -14.43 -53.83 13.10
CA SER B 144 -13.21 -53.68 13.88
C SER B 144 -12.09 -53.26 12.93
N SER B 145 -10.90 -53.08 13.52
CA SER B 145 -9.71 -52.68 12.77
C SER B 145 -8.53 -53.50 13.23
N LEU B 146 -7.58 -53.68 12.34
CA LEU B 146 -6.35 -54.41 12.62
C LEU B 146 -5.17 -53.67 12.02
N SER B 147 -4.06 -53.65 12.73
CA SER B 147 -2.84 -53.01 12.27
C SER B 147 -1.74 -54.05 12.13
N VAL B 148 -1.15 -54.12 10.95
CA VAL B 148 -0.02 -55.01 10.67
C VAL B 148 1.22 -54.14 10.51
N PRO B 149 2.23 -54.29 11.36
CA PRO B 149 3.43 -53.45 11.23
C PRO B 149 4.38 -54.00 10.19
N TYR B 150 5.07 -53.09 9.51
CA TYR B 150 6.08 -53.43 8.53
C TYR B 150 7.35 -52.65 8.83
N VAL B 151 8.48 -53.35 8.80
CA VAL B 151 9.78 -52.75 9.08
C VAL B 151 10.51 -52.60 7.76
N ILE B 152 10.88 -51.37 7.43
CA ILE B 152 11.56 -51.05 6.18
C ILE B 152 12.74 -50.15 6.47
N VAL B 153 13.74 -50.19 5.60
CA VAL B 153 14.91 -49.35 5.69
C VAL B 153 15.06 -48.62 4.36
N PRO B 154 14.79 -47.31 4.30
CA PRO B 154 14.97 -46.60 3.03
C PRO B 154 16.43 -46.66 2.59
N LEU B 155 16.63 -46.63 1.26
CA LEU B 155 17.95 -46.72 0.69
C LEU B 155 18.26 -45.67 -0.36
N LYS B 156 17.27 -44.93 -0.85
CA LYS B 156 17.50 -43.91 -1.87
C LYS B 156 16.72 -42.65 -1.51
N THR B 157 17.33 -41.50 -1.75
CA THR B 157 16.68 -40.24 -1.48
C THR B 157 15.56 -40.00 -2.50
N GLY B 158 14.85 -38.90 -2.31
CA GLY B 158 13.75 -38.56 -3.19
C GLY B 158 12.51 -39.39 -2.86
N LEU B 159 11.43 -39.06 -3.57
CA LEU B 159 10.18 -39.75 -3.34
C LEU B 159 10.30 -41.23 -3.67
N GLN B 160 9.76 -42.07 -2.80
CA GLN B 160 9.71 -43.51 -3.01
C GLN B 160 8.31 -44.00 -2.69
N GLU B 161 7.86 -45.02 -3.43
CA GLU B 161 6.49 -45.51 -3.31
C GLU B 161 6.48 -46.84 -2.57
N VAL B 162 5.61 -46.95 -1.57
CA VAL B 162 5.40 -48.16 -0.80
C VAL B 162 4.03 -48.70 -1.17
N GLU B 163 3.98 -49.97 -1.58
CA GLU B 163 2.75 -50.58 -2.05
C GLU B 163 2.38 -51.74 -1.15
N VAL B 164 1.12 -51.80 -0.75
CA VAL B 164 0.58 -52.89 0.06
C VAL B 164 -0.70 -53.38 -0.60
N LYS B 165 -0.87 -54.70 -0.66
CA LYS B 165 -2.02 -55.31 -1.29
C LYS B 165 -2.66 -56.30 -0.33
N ALA B 166 -3.97 -56.45 -0.45
CA ALA B 166 -4.72 -57.31 0.45
C ALA B 166 -5.83 -58.00 -0.31
N ALA B 167 -6.24 -59.17 0.17
CA ALA B 167 -7.32 -59.92 -0.43
C ALA B 167 -8.06 -60.67 0.67
N VAL B 168 -9.31 -61.03 0.39
CA VAL B 168 -10.18 -61.68 1.36
C VAL B 168 -10.50 -63.08 0.88
N TYR B 169 -10.32 -64.07 1.75
CA TYR B 169 -10.64 -65.44 1.40
C TYR B 169 -12.14 -65.62 1.27
N HIS B 170 -12.54 -66.43 0.28
CA HIS B 170 -13.94 -66.77 0.02
C HIS B 170 -14.77 -65.56 -0.40
N HIS B 171 -14.13 -64.46 -0.77
CA HIS B 171 -14.83 -63.28 -1.25
C HIS B 171 -14.02 -62.67 -2.39
N PHE B 172 -14.71 -61.99 -3.29
CA PHE B 172 -14.03 -61.23 -4.34
C PHE B 172 -13.82 -59.78 -3.93
N ILE B 173 -13.20 -59.62 -2.77
CA ILE B 173 -12.93 -58.30 -2.19
C ILE B 173 -11.43 -58.15 -2.04
N SER B 174 -10.90 -57.04 -2.53
CA SER B 174 -9.46 -56.78 -2.42
C SER B 174 -9.23 -55.28 -2.44
N ASP B 175 -8.06 -54.88 -1.95
CA ASP B 175 -7.70 -53.48 -1.94
C ASP B 175 -6.18 -53.37 -1.85
N GLY B 176 -5.66 -52.28 -2.41
CA GLY B 176 -4.23 -52.05 -2.41
C GLY B 176 -3.89 -50.58 -2.51
N VAL B 177 -2.93 -50.13 -1.71
CA VAL B 177 -2.57 -48.72 -1.61
C VAL B 177 -1.10 -48.57 -1.96
N ARG B 178 -0.78 -47.52 -2.72
CA ARG B 178 0.59 -47.20 -3.10
C ARG B 178 0.83 -45.73 -2.80
N LYS B 179 1.25 -45.43 -1.58
CA LYS B 179 1.60 -44.07 -1.20
C LYS B 179 3.10 -43.84 -1.39
N SER B 180 3.53 -42.60 -1.18
CA SER B 180 4.89 -42.18 -1.42
C SER B 180 5.51 -41.58 -0.17
N LEU B 181 6.79 -41.86 0.04
CA LEU B 181 7.56 -41.34 1.16
C LEU B 181 8.60 -40.37 0.65
N LYS B 182 8.84 -39.30 1.41
CA LYS B 182 9.90 -38.35 1.08
C LYS B 182 11.13 -38.74 1.88
N VAL B 183 11.95 -39.61 1.32
CA VAL B 183 13.22 -39.99 1.93
C VAL B 183 14.17 -38.80 1.81
N VAL B 184 14.79 -38.42 2.93
CA VAL B 184 15.66 -37.26 2.96
C VAL B 184 17.05 -37.69 3.42
N PRO B 185 18.10 -36.96 3.06
CA PRO B 185 19.45 -37.31 3.52
C PRO B 185 19.54 -37.26 5.04
N GLU B 186 20.60 -37.86 5.57
CA GLU B 186 20.81 -37.95 7.01
C GLU B 186 21.42 -36.65 7.53
N GLY B 187 20.59 -35.62 7.57
CA GLY B 187 21.05 -34.32 8.01
C GLY B 187 19.89 -33.45 8.45
N ILE B 188 20.23 -32.22 8.84
CA ILE B 188 19.27 -31.25 9.32
C ILE B 188 19.42 -29.96 8.53
N ARG B 189 18.29 -29.43 8.07
CA ARG B 189 18.31 -28.17 7.34
C ARG B 189 18.91 -27.06 8.19
N MET B 190 19.77 -26.25 7.59
CA MET B 190 20.43 -25.17 8.29
C MET B 190 20.66 -24.02 7.32
N ASN B 191 20.71 -22.80 7.88
CA ASN B 191 20.91 -21.61 7.08
C ASN B 191 22.10 -20.84 7.62
N LYS B 192 22.84 -20.20 6.70
CA LYS B 192 24.03 -19.45 7.04
C LYS B 192 24.03 -18.14 6.28
N THR B 193 24.47 -17.07 6.96
CA THR B 193 24.55 -15.76 6.32
C THR B 193 25.88 -15.62 5.62
N VAL B 194 25.88 -15.73 4.30
CA VAL B 194 27.13 -15.66 3.55
C VAL B 194 27.77 -14.27 3.71
N ALA B 195 26.97 -13.21 3.60
CA ALA B 195 27.49 -11.87 3.73
C ALA B 195 26.32 -10.90 3.81
N VAL B 196 26.54 -9.81 4.55
CA VAL B 196 25.54 -8.75 4.71
C VAL B 196 26.28 -7.44 4.44
N ARG B 197 26.21 -6.97 3.20
CA ARG B 197 26.89 -5.74 2.81
C ARG B 197 25.89 -4.58 2.80
N THR B 198 26.41 -3.38 2.56
CA THR B 198 25.60 -2.19 2.37
C THR B 198 26.05 -1.49 1.10
N LEU B 199 25.10 -1.08 0.28
CA LEU B 199 25.39 -0.45 -1.00
C LEU B 199 25.22 1.05 -0.87
N ASP B 200 26.26 1.80 -1.22
CA ASP B 200 26.25 3.24 -1.16
C ASP B 200 27.30 3.79 -2.12
N PRO B 201 27.03 3.80 -3.42
CA PRO B 201 28.08 4.17 -4.38
C PRO B 201 28.69 5.53 -4.12
N GLU B 202 27.90 6.50 -3.67
CA GLU B 202 28.40 7.86 -3.51
C GLU B 202 29.34 8.00 -2.32
N ARG B 203 29.24 7.13 -1.32
CA ARG B 203 30.07 7.23 -0.13
C ARG B 203 31.01 6.06 0.03
N LEU B 204 30.58 4.84 -0.29
CA LEU B 204 31.41 3.66 -0.13
C LEU B 204 31.99 3.14 -1.44
N GLY B 205 31.47 3.57 -2.58
CA GLY B 205 32.03 3.21 -3.86
C GLY B 205 33.16 4.14 -4.26
N ARG B 206 33.66 3.94 -5.47
CA ARG B 206 34.70 4.78 -6.03
C ARG B 206 34.29 5.21 -7.43
N GLU B 207 34.49 6.48 -7.75
CA GLU B 207 34.14 7.03 -9.05
C GLU B 207 32.66 6.80 -9.35
N GLY B 208 31.83 6.82 -8.31
CA GLY B 208 30.40 6.68 -8.50
C GLY B 208 29.91 5.26 -8.63
N VAL B 209 30.78 4.27 -8.53
CA VAL B 209 30.38 2.86 -8.63
C VAL B 209 30.97 2.10 -7.45
N GLN B 210 30.25 1.07 -7.02
CA GLN B 210 30.67 0.21 -5.93
C GLN B 210 30.58 -1.23 -6.39
N LYS B 211 31.66 -1.98 -6.20
CA LYS B 211 31.73 -3.39 -6.58
C LYS B 211 31.87 -4.24 -5.32
N GLU B 212 31.03 -5.25 -5.20
CA GLU B 212 31.06 -6.17 -4.09
C GLU B 212 31.21 -7.60 -4.61
N ASP B 213 32.04 -8.38 -3.94
CA ASP B 213 32.26 -9.78 -4.27
C ASP B 213 31.77 -10.62 -3.09
N ILE B 214 30.87 -11.56 -3.36
CA ILE B 214 30.31 -12.42 -2.33
C ILE B 214 31.08 -13.74 -2.38
N PRO B 215 31.87 -14.06 -1.35
CA PRO B 215 32.62 -15.32 -1.38
C PRO B 215 31.67 -16.52 -1.36
N PRO B 216 32.04 -17.63 -1.99
CA PRO B 216 31.20 -18.83 -1.89
C PRO B 216 31.10 -19.30 -0.45
N ALA B 217 29.93 -19.80 -0.09
CA ALA B 217 29.70 -20.26 1.27
C ALA B 217 30.63 -21.43 1.60
N ASP B 218 31.07 -21.49 2.86
CA ASP B 218 31.94 -22.56 3.29
C ASP B 218 31.29 -23.92 3.07
N LEU B 219 30.18 -24.18 3.76
CA LEU B 219 29.43 -25.43 3.59
C LEU B 219 30.30 -26.65 3.82
N SER B 220 31.21 -26.57 4.80
CA SER B 220 32.03 -27.73 5.14
C SER B 220 31.19 -28.87 5.71
N ASP B 221 30.06 -28.56 6.35
CA ASP B 221 29.20 -29.57 6.94
C ASP B 221 28.12 -30.06 5.99
N GLN B 222 28.06 -29.53 4.77
CA GLN B 222 27.01 -29.93 3.85
C GLN B 222 27.09 -31.43 3.58
N VAL B 223 25.95 -32.10 3.67
CA VAL B 223 25.91 -33.54 3.39
C VAL B 223 26.11 -33.76 1.89
N PRO B 224 26.86 -34.78 1.48
CA PRO B 224 27.10 -34.97 0.04
C PRO B 224 25.79 -35.14 -0.73
N ASP B 225 25.81 -34.67 -1.97
CA ASP B 225 24.69 -34.81 -2.91
C ASP B 225 23.43 -34.11 -2.44
N THR B 226 23.56 -33.05 -1.64
CA THR B 226 22.39 -32.39 -1.08
C THR B 226 22.10 -31.09 -1.83
N GLU B 227 20.82 -30.84 -2.08
CA GLU B 227 20.41 -29.59 -2.71
C GLU B 227 20.71 -28.41 -1.80
N SER B 228 21.12 -27.30 -2.40
CA SER B 228 21.42 -26.09 -1.66
C SER B 228 20.85 -24.91 -2.41
N GLU B 229 20.52 -23.85 -1.66
CA GLU B 229 19.93 -22.65 -2.22
C GLU B 229 20.58 -21.43 -1.58
N THR B 230 20.93 -20.46 -2.42
CA THR B 230 21.46 -19.18 -1.96
C THR B 230 20.48 -18.08 -2.36
N ARG B 231 20.03 -17.31 -1.36
CA ARG B 231 19.04 -16.27 -1.58
C ARG B 231 19.71 -14.91 -1.45
N ILE B 232 19.44 -14.02 -2.40
CA ILE B 232 20.02 -12.69 -2.44
C ILE B 232 18.87 -11.68 -2.34
N LEU B 233 19.01 -10.74 -1.42
CA LEU B 233 17.99 -9.71 -1.21
C LEU B 233 18.60 -8.34 -1.48
N LEU B 234 18.02 -7.64 -2.44
CA LEU B 234 18.43 -6.26 -2.76
C LEU B 234 17.50 -5.25 -2.10
N GLN B 235 17.50 -5.23 -0.78
CA GLN B 235 16.58 -4.38 -0.03
C GLN B 235 17.02 -2.93 -0.13
N GLY B 236 16.15 -2.07 -0.64
CA GLY B 236 16.41 -0.65 -0.59
C GLY B 236 16.11 -0.09 0.79
N THR B 237 16.76 1.03 1.11
CA THR B 237 16.63 1.68 2.42
C THR B 237 16.32 3.15 2.20
N PRO B 238 15.06 3.49 1.93
CA PRO B 238 14.71 4.91 1.74
C PRO B 238 15.02 5.71 2.98
N VAL B 239 15.53 6.93 2.77
CA VAL B 239 15.90 7.83 3.86
C VAL B 239 15.07 9.09 3.72
N ALA B 240 14.29 9.41 4.75
CA ALA B 240 13.48 10.61 4.74
C ALA B 240 14.36 11.84 4.87
N GLN B 241 13.92 12.94 4.27
CA GLN B 241 14.64 14.21 4.32
C GLN B 241 13.88 15.17 5.22
N MET B 242 14.60 15.87 6.09
CA MET B 242 13.99 16.80 7.02
C MET B 242 13.25 17.87 6.25
N THR B 243 12.05 18.23 6.71
CA THR B 243 11.22 19.24 6.08
C THR B 243 10.65 20.15 7.16
N GLU B 244 10.85 21.45 6.99
CA GLU B 244 10.34 22.41 7.97
C GLU B 244 8.81 22.44 7.94
N ASP B 245 8.22 22.67 9.11
CA ASP B 245 6.78 22.70 9.22
C ASP B 245 6.20 23.91 8.49
N ALA B 246 5.02 23.73 7.93
CA ALA B 246 4.34 24.83 7.27
C ALA B 246 3.64 25.73 8.28
N VAL B 247 3.24 26.91 7.82
CA VAL B 247 2.54 27.85 8.68
C VAL B 247 1.17 27.29 9.05
N ASP B 248 0.84 27.36 10.33
CA ASP B 248 -0.46 26.87 10.79
C ASP B 248 -1.57 27.62 10.07
N ALA B 249 -2.60 26.88 9.66
CA ALA B 249 -3.67 27.48 8.85
C ALA B 249 -4.37 28.60 9.62
N GLU B 250 -4.63 28.39 10.92
CA GLU B 250 -5.39 29.36 11.69
C GLU B 250 -4.73 30.73 11.71
N ARG B 251 -3.41 30.80 11.57
CA ARG B 251 -2.75 32.11 11.56
C ARG B 251 -3.19 32.93 10.36
N LEU B 252 -3.52 32.28 9.25
CA LEU B 252 -3.90 32.97 8.02
C LEU B 252 -5.36 33.42 8.03
N LYS B 253 -6.09 33.17 9.12
CA LYS B 253 -7.52 33.46 9.14
C LYS B 253 -7.81 34.91 8.78
N HIS B 254 -6.95 35.83 9.21
CA HIS B 254 -7.19 37.26 9.01
C HIS B 254 -6.76 37.76 7.64
N LEU B 255 -6.01 36.96 6.88
CA LEU B 255 -5.55 37.43 5.57
C LEU B 255 -6.71 37.62 4.60
N ILE B 256 -7.67 36.70 4.62
CA ILE B 256 -8.80 36.77 3.69
C ILE B 256 -9.61 38.01 4.04
N VAL B 257 -9.59 39.01 3.16
CA VAL B 257 -10.31 40.26 3.38
C VAL B 257 -10.91 40.71 2.05
N THR B 258 -12.06 41.36 2.14
CA THR B 258 -12.72 41.86 0.93
C THR B 258 -11.95 43.05 0.37
N PRO B 259 -11.70 43.09 -0.93
CA PRO B 259 -11.00 44.25 -1.52
C PRO B 259 -11.95 45.43 -1.70
N SER B 260 -11.38 46.62 -1.67
CA SER B 260 -12.16 47.84 -1.83
C SER B 260 -11.20 49.02 -1.95
N GLY B 261 -11.77 50.18 -2.25
CA GLY B 261 -11.00 51.40 -2.34
C GLY B 261 -10.59 51.73 -3.77
N CYS B 262 -9.69 52.70 -3.87
CA CYS B 262 -9.21 53.15 -5.17
C CYS B 262 -8.33 52.07 -5.81
N GLY B 263 -7.83 52.39 -7.01
CA GLY B 263 -7.02 51.43 -7.74
C GLY B 263 -5.83 50.93 -6.95
N GLU B 264 -5.27 51.76 -6.08
CA GLU B 264 -4.18 51.33 -5.22
C GLU B 264 -4.68 50.52 -4.03
N GLN B 265 -5.70 51.01 -3.34
CA GLN B 265 -6.23 50.30 -2.18
C GLN B 265 -6.79 48.94 -2.57
N ASN B 266 -7.31 48.82 -3.80
CA ASN B 266 -7.83 47.53 -4.23
C ASN B 266 -6.72 46.47 -4.26
N MET B 267 -5.54 46.86 -4.74
CA MET B 267 -4.41 45.94 -4.66
C MET B 267 -4.10 45.58 -3.22
N ILE B 268 -4.08 46.58 -2.34
CA ILE B 268 -3.76 46.35 -0.95
C ILE B 268 -4.71 45.30 -0.38
N GLY B 269 -6.00 45.45 -0.64
CA GLY B 269 -7.01 44.55 -0.13
C GLY B 269 -6.94 43.17 -0.74
N MET B 270 -6.70 43.08 -2.04
CA MET B 270 -6.87 41.79 -2.71
C MET B 270 -5.61 40.93 -2.56
N THR B 271 -4.42 41.53 -2.56
CA THR B 271 -3.21 40.72 -2.57
C THR B 271 -3.11 39.74 -1.39
N PRO B 272 -3.41 40.10 -0.14
CA PRO B 272 -3.32 39.09 0.92
C PRO B 272 -4.24 37.92 0.68
N THR B 273 -5.45 38.16 0.16
CA THR B 273 -6.36 37.07 -0.11
C THR B 273 -5.80 36.13 -1.16
N VAL B 274 -5.27 36.68 -2.25
CA VAL B 274 -4.73 35.86 -3.31
C VAL B 274 -3.57 35.02 -2.79
N ILE B 275 -2.66 35.64 -2.05
CA ILE B 275 -1.50 34.88 -1.58
C ILE B 275 -1.91 33.83 -0.56
N ALA B 276 -2.87 34.14 0.31
CA ALA B 276 -3.33 33.16 1.28
C ALA B 276 -3.96 31.96 0.59
N VAL B 277 -4.80 32.22 -0.42
CA VAL B 277 -5.42 31.12 -1.14
C VAL B 277 -4.36 30.27 -1.83
N HIS B 278 -3.37 30.93 -2.47
CA HIS B 278 -2.32 30.18 -3.14
C HIS B 278 -1.53 29.33 -2.15
N TYR B 279 -1.20 29.90 -0.98
CA TYR B 279 -0.46 29.15 0.02
C TYR B 279 -1.25 27.94 0.50
N LEU B 280 -2.55 28.13 0.77
CA LEU B 280 -3.36 27.01 1.22
C LEU B 280 -3.45 25.94 0.16
N ASP B 281 -3.61 26.34 -1.11
CA ASP B 281 -3.66 25.35 -2.18
C ASP B 281 -2.36 24.56 -2.26
N GLU B 282 -1.23 25.25 -2.18
CA GLU B 282 0.06 24.58 -2.30
C GLU B 282 0.32 23.65 -1.12
N THR B 283 0.00 24.08 0.10
CA THR B 283 0.19 23.27 1.28
C THR B 283 -0.98 22.33 1.56
N GLU B 284 -2.09 22.48 0.85
CA GLU B 284 -3.27 21.66 1.06
C GLU B 284 -3.71 21.72 2.52
N GLN B 285 -3.77 22.93 3.06
CA GLN B 285 -4.22 23.16 4.43
C GLN B 285 -5.71 23.39 4.53
N TRP B 286 -6.45 23.30 3.42
CA TRP B 286 -7.87 23.63 3.45
C TRP B 286 -8.63 22.78 4.46
N GLU B 287 -8.19 21.54 4.69
CA GLU B 287 -8.90 20.67 5.62
C GLU B 287 -9.07 21.34 6.98
N LYS B 288 -7.97 21.82 7.56
CA LYS B 288 -8.06 22.49 8.85
C LYS B 288 -8.73 23.85 8.71
N PHE B 289 -8.43 24.58 7.64
CA PHE B 289 -9.00 25.92 7.46
C PHE B 289 -10.50 25.87 7.22
N GLY B 290 -11.02 24.74 6.73
CA GLY B 290 -12.42 24.63 6.39
C GLY B 290 -12.64 24.66 4.89
N LEU B 291 -13.01 23.52 4.32
CA LEU B 291 -13.08 23.41 2.87
C LEU B 291 -14.04 24.43 2.27
N GLU B 292 -15.06 24.84 3.03
CA GLU B 292 -16.08 25.71 2.47
C GLU B 292 -15.55 27.11 2.20
N LYS B 293 -14.64 27.61 3.03
CA LYS B 293 -14.22 29.00 2.93
C LYS B 293 -13.52 29.31 1.61
N ARG B 294 -13.08 28.28 0.88
CA ARG B 294 -12.42 28.52 -0.40
C ARG B 294 -13.35 29.24 -1.37
N GLN B 295 -14.62 28.86 -1.38
CA GLN B 295 -15.55 29.50 -2.31
C GLN B 295 -15.67 31.00 -2.02
N GLY B 296 -15.81 31.35 -0.75
CA GLY B 296 -15.88 32.77 -0.40
C GLY B 296 -14.60 33.50 -0.76
N ALA B 297 -13.46 32.88 -0.50
CA ALA B 297 -12.19 33.51 -0.84
C ALA B 297 -12.09 33.75 -2.35
N LEU B 298 -12.47 32.75 -3.15
CA LEU B 298 -12.41 32.91 -4.59
C LEU B 298 -13.38 33.98 -5.07
N GLU B 299 -14.56 34.05 -4.46
CA GLU B 299 -15.50 35.11 -4.81
C GLU B 299 -14.92 36.48 -4.50
N LEU B 300 -14.26 36.62 -3.35
CA LEU B 300 -13.62 37.89 -3.02
C LEU B 300 -12.52 38.22 -4.02
N ILE B 301 -11.74 37.23 -4.43
CA ILE B 301 -10.68 37.47 -5.40
C ILE B 301 -11.27 37.94 -6.73
N LYS B 302 -12.36 37.29 -7.15
CA LYS B 302 -13.00 37.68 -8.40
C LYS B 302 -13.54 39.11 -8.31
N LYS B 303 -14.14 39.45 -7.17
CA LYS B 303 -14.62 40.82 -6.97
C LYS B 303 -13.47 41.82 -7.05
N GLY B 304 -12.34 41.49 -6.42
CA GLY B 304 -11.20 42.38 -6.47
C GLY B 304 -10.68 42.55 -7.88
N TYR B 305 -10.63 41.45 -8.64
CA TYR B 305 -10.20 41.52 -10.03
C TYR B 305 -11.12 42.42 -10.85
N THR B 306 -12.43 42.24 -10.68
CA THR B 306 -13.38 43.08 -11.41
C THR B 306 -13.21 44.54 -11.03
N GLN B 307 -13.04 44.83 -9.75
CA GLN B 307 -12.82 46.22 -9.33
C GLN B 307 -11.55 46.78 -9.93
N GLN B 308 -10.48 46.00 -9.94
CA GLN B 308 -9.21 46.47 -10.48
C GLN B 308 -9.33 46.78 -11.96
N LEU B 309 -10.06 45.96 -12.71
CA LEU B 309 -10.20 46.19 -14.13
C LEU B 309 -10.82 47.55 -14.42
N ALA B 310 -11.54 48.14 -13.47
CA ALA B 310 -12.11 49.46 -13.68
C ALA B 310 -11.04 50.50 -13.92
N PHE B 311 -9.88 50.38 -13.27
CA PHE B 311 -8.82 51.36 -13.36
C PHE B 311 -7.88 51.11 -14.52
N ARG B 312 -8.12 50.07 -15.33
CA ARG B 312 -7.27 49.77 -16.47
C ARG B 312 -7.28 50.94 -17.43
N GLN B 313 -6.13 51.60 -17.61
CA GLN B 313 -6.06 52.73 -18.50
C GLN B 313 -6.17 52.28 -19.95
N PRO B 314 -6.46 53.20 -20.87
CA PRO B 314 -6.62 52.80 -22.28
C PRO B 314 -5.39 52.11 -22.85
N SER B 315 -4.19 52.53 -22.43
CA SER B 315 -2.96 51.93 -22.93
C SER B 315 -2.65 50.59 -22.27
N SER B 316 -3.60 50.00 -21.54
CA SER B 316 -3.44 48.73 -20.85
C SER B 316 -2.63 48.87 -19.56
N ALA B 317 -2.22 50.08 -19.19
CA ALA B 317 -1.48 50.29 -17.96
C ALA B 317 -2.46 50.44 -16.79
N PHE B 318 -1.92 50.85 -15.64
CA PHE B 318 -2.72 51.05 -14.45
C PHE B 318 -2.21 52.25 -13.67
N ALA B 319 -3.10 52.83 -12.86
CA ALA B 319 -2.76 53.97 -12.03
C ALA B 319 -3.74 54.03 -10.87
N ALA B 320 -3.37 54.78 -9.83
CA ALA B 320 -4.26 54.97 -8.70
C ALA B 320 -5.60 55.53 -9.15
N PHE B 321 -5.60 56.38 -10.16
CA PHE B 321 -6.81 56.93 -10.75
C PHE B 321 -6.66 56.94 -12.26
N VAL B 322 -7.80 56.92 -12.95
CA VAL B 322 -7.76 56.87 -14.41
C VAL B 322 -7.02 58.08 -14.97
N LYS B 323 -7.29 59.26 -14.41
CA LYS B 323 -6.65 60.46 -14.91
C LYS B 323 -5.16 60.48 -14.60
N ARG B 324 -4.75 59.90 -13.47
CA ARG B 324 -3.35 59.89 -13.11
C ARG B 324 -2.54 59.11 -14.14
N ALA B 325 -1.31 59.56 -14.36
CA ALA B 325 -0.45 58.90 -15.34
C ALA B 325 -0.15 57.47 -14.90
N PRO B 326 0.04 56.54 -15.84
CA PRO B 326 0.28 55.15 -15.46
C PRO B 326 1.57 55.02 -14.65
N SER B 327 1.57 54.06 -13.72
CA SER B 327 2.72 53.78 -12.88
C SER B 327 3.33 52.45 -13.30
N THR B 328 4.62 52.48 -13.64
CA THR B 328 5.30 51.26 -14.04
C THR B 328 5.25 50.20 -12.94
N TRP B 329 5.59 50.60 -11.71
CA TRP B 329 5.60 49.63 -10.63
C TRP B 329 4.23 49.05 -10.39
N LEU B 330 3.19 49.89 -10.42
CA LEU B 330 1.84 49.39 -10.18
C LEU B 330 1.44 48.39 -11.27
N THR B 331 1.77 48.71 -12.52
CA THR B 331 1.44 47.78 -13.60
C THR B 331 2.15 46.45 -13.40
N ALA B 332 3.43 46.50 -13.04
CA ALA B 332 4.19 45.27 -12.83
C ALA B 332 3.59 44.46 -11.69
N TYR B 333 3.21 45.13 -10.60
CA TYR B 333 2.63 44.43 -9.46
C TYR B 333 1.30 43.80 -9.84
N VAL B 334 0.48 44.50 -10.61
CA VAL B 334 -0.78 43.94 -11.05
C VAL B 334 -0.53 42.72 -11.92
N VAL B 335 0.45 42.80 -12.82
CA VAL B 335 0.78 41.65 -13.66
C VAL B 335 1.19 40.47 -12.78
N LYS B 336 2.02 40.73 -11.77
CA LYS B 336 2.45 39.66 -10.86
C LYS B 336 1.25 39.01 -10.19
N VAL B 337 0.37 39.83 -9.61
CA VAL B 337 -0.76 39.30 -8.87
C VAL B 337 -1.67 38.49 -9.78
N PHE B 338 -1.96 39.02 -10.97
CA PHE B 338 -2.81 38.28 -11.90
C PHE B 338 -2.15 36.98 -12.34
N SER B 339 -0.85 37.00 -12.63
CA SER B 339 -0.15 35.77 -12.97
C SER B 339 -0.31 34.74 -11.86
N LEU B 340 -0.24 35.18 -10.61
CA LEU B 340 -0.54 34.27 -9.51
C LEU B 340 -1.99 33.80 -9.55
N ALA B 341 -2.91 34.65 -10.01
CA ALA B 341 -4.32 34.30 -9.99
C ALA B 341 -4.76 33.53 -11.24
N VAL B 342 -3.85 33.30 -12.19
CA VAL B 342 -4.25 32.65 -13.44
C VAL B 342 -4.89 31.31 -13.16
N ASN B 343 -4.29 30.50 -12.29
CA ASN B 343 -4.79 29.17 -11.99
C ASN B 343 -5.86 29.18 -10.92
N LEU B 344 -6.35 30.35 -10.52
CA LEU B 344 -7.41 30.46 -9.52
C LEU B 344 -8.72 30.96 -10.11
N ILE B 345 -8.69 32.03 -10.90
CA ILE B 345 -9.87 32.58 -11.54
C ILE B 345 -9.58 32.76 -13.02
N ALA B 346 -10.64 33.01 -13.78
CA ALA B 346 -10.52 33.20 -15.23
C ALA B 346 -10.18 34.65 -15.53
N ILE B 347 -8.88 34.90 -15.68
CA ILE B 347 -8.42 36.22 -16.08
C ILE B 347 -8.32 36.30 -17.60
N ASP B 348 -8.63 37.47 -18.14
CA ASP B 348 -8.52 37.71 -19.57
C ASP B 348 -7.05 37.85 -19.93
N SER B 349 -6.51 36.88 -20.65
CA SER B 349 -5.10 36.93 -21.03
C SER B 349 -4.81 38.19 -21.82
N GLN B 350 -5.81 38.77 -22.48
CA GLN B 350 -5.58 39.99 -23.24
C GLN B 350 -5.09 41.12 -22.35
N VAL B 351 -5.70 41.30 -21.17
CA VAL B 351 -5.29 42.39 -20.29
C VAL B 351 -3.84 42.20 -19.86
N LEU B 352 -3.50 40.99 -19.41
CA LEU B 352 -2.15 40.73 -18.93
C LEU B 352 -1.13 40.94 -20.04
N CYS B 353 -1.42 40.41 -21.23
CA CYS B 353 -0.48 40.55 -22.33
C CYS B 353 -0.36 41.99 -22.80
N GLY B 354 -1.46 42.74 -22.78
CA GLY B 354 -1.38 44.15 -23.12
C GLY B 354 -0.53 44.93 -22.14
N ALA B 355 -0.69 44.64 -20.85
CA ALA B 355 0.16 45.30 -19.86
C ALA B 355 1.63 44.96 -20.08
N VAL B 356 1.91 43.68 -20.35
CA VAL B 356 3.29 43.27 -20.58
C VAL B 356 3.86 44.00 -21.80
N LYS B 357 3.07 44.05 -22.88
CA LYS B 357 3.53 44.71 -24.10
C LYS B 357 3.78 46.18 -23.86
N TRP B 358 2.90 46.84 -23.11
CA TRP B 358 3.12 48.25 -22.80
C TRP B 358 4.41 48.43 -22.02
N LEU B 359 4.62 47.60 -21.00
CA LEU B 359 5.87 47.69 -20.25
C LEU B 359 7.08 47.55 -21.15
N ILE B 360 7.06 46.55 -22.03
CA ILE B 360 8.23 46.28 -22.87
C ILE B 360 8.46 47.43 -23.84
N LEU B 361 7.42 47.86 -24.53
CA LEU B 361 7.58 48.83 -25.61
C LEU B 361 7.85 50.22 -25.08
N GLU B 362 7.13 50.65 -24.05
CA GLU B 362 7.08 52.05 -23.68
C GLU B 362 7.90 52.42 -22.46
N LYS B 363 8.14 51.48 -21.54
CA LYS B 363 8.79 51.80 -20.27
C LYS B 363 10.11 51.10 -20.07
N GLN B 364 10.81 50.73 -21.14
CA GLN B 364 12.14 50.16 -21.04
C GLN B 364 13.13 51.00 -21.83
N LYS B 365 14.24 51.35 -21.19
CA LYS B 365 15.29 52.07 -21.88
C LYS B 365 15.92 51.16 -22.94
N PRO B 366 16.55 51.74 -23.96
CA PRO B 366 17.25 50.89 -24.94
C PRO B 366 18.26 49.96 -24.30
N ASP B 367 18.96 50.42 -23.26
CA ASP B 367 19.91 49.57 -22.57
C ASP B 367 19.24 48.45 -21.79
N GLY B 368 17.95 48.53 -21.53
CA GLY B 368 17.22 47.52 -20.80
C GLY B 368 16.72 47.96 -19.45
N VAL B 369 17.00 49.19 -19.03
CA VAL B 369 16.54 49.66 -17.73
C VAL B 369 15.09 50.12 -17.82
N PHE B 370 14.27 49.67 -16.88
CA PHE B 370 12.91 50.17 -16.77
C PHE B 370 12.90 51.42 -15.91
N GLN B 371 12.03 52.37 -16.25
CA GLN B 371 11.96 53.65 -15.57
C GLN B 371 10.54 53.91 -15.08
N GLU B 372 10.44 54.44 -13.87
CA GLU B 372 9.17 54.80 -13.27
C GLU B 372 9.03 56.32 -13.30
N ASP B 373 7.89 56.80 -13.78
CA ASP B 373 7.64 58.24 -13.90
C ASP B 373 6.52 58.74 -13.00
N ALA B 374 5.61 57.86 -12.57
CA ALA B 374 4.52 58.23 -11.68
C ALA B 374 4.64 57.39 -10.41
N PRO B 375 5.29 57.91 -9.38
CA PRO B 375 5.45 57.13 -8.15
C PRO B 375 4.09 56.74 -7.56
N VAL B 376 4.04 55.55 -6.98
CA VAL B 376 2.79 55.06 -6.41
C VAL B 376 2.31 56.01 -5.33
N ILE B 377 0.99 56.16 -5.24
CA ILE B 377 0.41 57.06 -4.25
C ILE B 377 0.74 56.58 -2.84
N HIS B 378 0.56 55.28 -2.57
CA HIS B 378 0.83 54.71 -1.26
C HIS B 378 2.25 54.14 -1.26
N GLN B 379 3.19 54.98 -0.85
CA GLN B 379 4.59 54.60 -0.86
C GLN B 379 4.86 53.38 0.01
N GLU B 380 4.03 53.15 1.03
CA GLU B 380 4.20 51.97 1.87
C GLU B 380 3.92 50.68 1.11
N MET B 381 3.25 50.77 -0.04
CA MET B 381 2.89 49.56 -0.78
C MET B 381 4.14 48.84 -1.30
N ILE B 382 5.12 49.58 -1.77
CA ILE B 382 6.24 48.99 -2.51
C ILE B 382 7.21 48.31 -1.56
N GLY B 383 6.91 48.34 -0.26
CA GLY B 383 7.72 47.58 0.68
C GLY B 383 9.17 48.03 0.66
N GLY B 384 10.06 47.09 0.40
CA GLY B 384 11.49 47.36 0.46
C GLY B 384 11.95 48.47 -0.47
N LEU B 385 11.18 48.77 -1.51
CA LEU B 385 11.50 49.89 -2.38
C LEU B 385 11.18 51.23 -1.74
N ARG B 386 10.58 51.24 -0.55
CA ARG B 386 10.26 52.50 0.11
C ARG B 386 11.46 53.41 0.19
N ASN B 387 12.61 52.88 0.60
CA ASN B 387 13.87 53.60 0.60
C ASN B 387 14.82 52.91 -0.37
N ASN B 388 15.41 53.66 -1.29
CA ASN B 388 16.20 53.09 -2.35
C ASN B 388 17.33 54.03 -2.72
N ASN B 389 18.48 53.44 -3.04
CA ASN B 389 19.60 54.18 -3.60
C ASN B 389 19.89 53.60 -4.98
N GLU B 390 19.97 52.28 -5.08
CA GLU B 390 20.05 51.60 -6.36
C GLU B 390 18.67 51.36 -6.95
N LYS B 391 17.86 52.41 -7.07
CA LYS B 391 16.47 52.25 -7.47
C LYS B 391 16.35 51.63 -8.86
N ASP B 392 17.20 52.06 -9.79
CA ASP B 392 17.14 51.49 -11.13
C ASP B 392 17.18 49.98 -11.08
N MET B 393 18.13 49.43 -10.33
CA MET B 393 18.36 47.99 -10.36
C MET B 393 17.20 47.25 -9.70
N ALA B 394 16.72 47.77 -8.56
CA ALA B 394 15.61 47.14 -7.87
C ALA B 394 14.36 47.14 -8.74
N LEU B 395 14.05 48.28 -9.36
CA LEU B 395 12.88 48.36 -10.21
C LEU B 395 13.00 47.43 -11.41
N THR B 396 14.19 47.40 -12.02
CA THR B 396 14.40 46.51 -13.16
C THR B 396 14.20 45.06 -12.76
N ALA B 397 14.74 44.68 -11.59
CA ALA B 397 14.58 43.31 -11.12
C ALA B 397 13.11 42.99 -10.87
N PHE B 398 12.38 43.92 -10.27
CA PHE B 398 10.96 43.68 -9.99
C PHE B 398 10.18 43.49 -11.29
N VAL B 399 10.39 44.39 -12.25
CA VAL B 399 9.70 44.29 -13.53
C VAL B 399 10.08 42.99 -14.23
N LEU B 400 11.37 42.62 -14.15
CA LEU B 400 11.82 41.39 -14.81
C LEU B 400 11.20 40.17 -14.16
N ILE B 401 11.03 40.19 -12.84
CA ILE B 401 10.36 39.08 -12.18
C ILE B 401 8.93 38.97 -12.67
N SER B 402 8.24 40.10 -12.76
CA SER B 402 6.86 40.07 -13.26
C SER B 402 6.82 39.53 -14.68
N LEU B 403 7.72 40.00 -15.54
CA LEU B 403 7.74 39.54 -16.93
C LEU B 403 8.04 38.06 -17.02
N GLN B 404 8.98 37.56 -16.21
CA GLN B 404 9.29 36.15 -16.24
C GLN B 404 8.11 35.32 -15.78
N GLU B 405 7.36 35.81 -14.79
CA GLU B 405 6.18 35.08 -14.34
C GLU B 405 5.08 35.08 -15.41
N ALA B 406 4.95 36.17 -16.16
CA ALA B 406 3.93 36.23 -17.21
C ALA B 406 4.40 35.65 -18.53
N LYS B 407 5.67 35.27 -18.64
CA LYS B 407 6.20 34.74 -19.90
C LYS B 407 5.34 33.61 -20.44
N ASP B 408 5.19 32.53 -19.65
CA ASP B 408 4.48 31.36 -20.14
C ASP B 408 3.05 31.67 -20.55
N ILE B 409 2.47 32.76 -20.05
CA ILE B 409 1.12 33.12 -20.44
C ILE B 409 1.10 33.94 -21.73
N CYS B 410 2.01 34.91 -21.85
CA CYS B 410 1.98 35.84 -22.96
C CYS B 410 3.17 35.74 -23.91
N GLU B 411 3.95 34.66 -23.84
CA GLU B 411 5.07 34.53 -24.78
C GLU B 411 4.58 34.50 -26.22
N GLU B 412 3.57 33.69 -26.51
CA GLU B 412 3.06 33.57 -27.87
C GLU B 412 2.38 34.85 -28.35
N GLN B 413 1.79 35.62 -27.46
CA GLN B 413 1.08 36.83 -27.85
C GLN B 413 2.00 38.04 -27.98
N VAL B 414 3.13 38.04 -27.27
CA VAL B 414 4.07 39.14 -27.34
C VAL B 414 5.43 38.60 -27.77
N ASN B 415 5.73 38.74 -29.07
CA ASN B 415 6.96 38.16 -29.60
C ASN B 415 8.21 38.83 -29.07
N SER B 416 8.13 40.10 -28.66
CA SER B 416 9.31 40.84 -28.23
C SER B 416 9.71 40.53 -26.79
N LEU B 417 8.91 39.77 -26.05
CA LEU B 417 9.20 39.55 -24.64
C LEU B 417 10.58 38.94 -24.41
N PRO B 418 10.98 37.88 -25.10
CA PRO B 418 12.29 37.29 -24.81
C PRO B 418 13.43 38.27 -25.00
N GLY B 419 13.36 39.13 -26.01
CA GLY B 419 14.42 40.12 -26.18
C GLY B 419 14.51 41.06 -25.01
N SER B 420 13.35 41.52 -24.53
CA SER B 420 13.35 42.40 -23.35
C SER B 420 13.93 41.70 -22.15
N ILE B 421 13.55 40.44 -21.94
CA ILE B 421 14.06 39.70 -20.79
C ILE B 421 15.58 39.58 -20.88
N THR B 422 16.08 39.23 -22.07
CA THR B 422 17.52 39.08 -22.22
C THR B 422 18.25 40.40 -22.01
N LYS B 423 17.69 41.49 -22.51
CA LYS B 423 18.33 42.79 -22.31
C LYS B 423 18.38 43.15 -20.84
N ALA B 424 17.28 42.92 -20.12
CA ALA B 424 17.27 43.19 -18.69
C ALA B 424 18.30 42.33 -17.96
N GLY B 425 18.38 41.06 -18.34
CA GLY B 425 19.37 40.19 -17.71
C GLY B 425 20.79 40.67 -17.95
N ASP B 426 21.07 41.09 -19.18
CA ASP B 426 22.40 41.61 -19.47
C ASP B 426 22.70 42.84 -18.63
N PHE B 427 21.73 43.75 -18.52
CA PHE B 427 21.98 44.93 -17.69
C PHE B 427 22.23 44.55 -16.25
N LEU B 428 21.45 43.61 -15.71
CA LEU B 428 21.67 43.18 -14.34
C LEU B 428 23.06 42.59 -14.16
N GLU B 429 23.48 41.74 -15.10
CA GLU B 429 24.80 41.15 -15.00
C GLU B 429 25.88 42.22 -15.06
N ALA B 430 25.67 43.27 -15.86
CA ALA B 430 26.68 44.29 -16.03
C ALA B 430 26.95 45.08 -14.76
N ASN B 431 26.10 44.98 -13.74
CA ASN B 431 26.25 45.79 -12.54
C ASN B 431 26.00 45.04 -11.24
N TYR B 432 25.78 43.73 -11.28
CA TYR B 432 25.42 43.01 -10.05
C TYR B 432 26.50 43.16 -8.98
N MET B 433 27.76 43.30 -9.40
CA MET B 433 28.86 43.32 -8.43
C MET B 433 28.84 44.58 -7.58
N ASN B 434 28.29 45.68 -8.10
CA ASN B 434 28.36 46.96 -7.42
C ASN B 434 27.24 47.18 -6.41
N LEU B 435 26.32 46.23 -6.26
CA LEU B 435 25.21 46.42 -5.34
C LEU B 435 25.70 46.44 -3.90
N GLN B 436 25.02 47.21 -3.07
CA GLN B 436 25.34 47.35 -1.65
C GLN B 436 24.25 46.82 -0.74
N ARG B 437 23.01 47.28 -0.92
CA ARG B 437 21.93 46.86 -0.03
C ARG B 437 21.65 45.36 -0.20
N SER B 438 21.37 44.69 0.91
CA SER B 438 21.01 43.29 0.86
C SER B 438 19.71 43.08 0.09
N TYR B 439 18.76 43.99 0.26
CA TYR B 439 17.47 43.87 -0.42
C TYR B 439 17.65 43.86 -1.93
N THR B 440 18.39 44.84 -2.46
CA THR B 440 18.62 44.88 -3.89
C THR B 440 19.36 43.65 -4.38
N VAL B 441 20.38 43.23 -3.62
CA VAL B 441 21.13 42.04 -4.03
C VAL B 441 20.21 40.84 -4.12
N ALA B 442 19.35 40.65 -3.12
CA ALA B 442 18.48 39.47 -3.11
C ALA B 442 17.49 39.52 -4.26
N ILE B 443 16.85 40.66 -4.47
CA ILE B 443 15.84 40.73 -5.52
C ILE B 443 16.48 40.53 -6.90
N ALA B 444 17.62 41.18 -7.13
CA ALA B 444 18.30 41.00 -8.41
C ALA B 444 18.79 39.56 -8.57
N GLY B 445 19.22 38.92 -7.48
CA GLY B 445 19.64 37.54 -7.57
C GLY B 445 18.50 36.64 -7.98
N TYR B 446 17.32 36.85 -7.40
CA TYR B 446 16.16 36.06 -7.81
C TYR B 446 15.85 36.32 -9.28
N ALA B 447 15.88 37.59 -9.70
CA ALA B 447 15.60 37.90 -11.09
C ALA B 447 16.55 37.16 -12.02
N LEU B 448 17.84 37.18 -11.71
CA LEU B 448 18.82 36.51 -12.57
C LEU B 448 18.62 35.01 -12.54
N ALA B 449 18.39 34.43 -11.36
CA ALA B 449 18.23 32.99 -11.25
C ALA B 449 17.00 32.52 -12.03
N GLN B 450 16.00 33.39 -12.16
CA GLN B 450 14.83 33.02 -12.95
C GLN B 450 15.19 32.68 -14.38
N MET B 451 16.33 33.16 -14.89
CA MET B 451 16.75 32.88 -16.25
C MET B 451 18.07 32.14 -16.32
N GLY B 452 18.60 31.69 -15.19
CA GLY B 452 19.80 30.88 -15.19
C GLY B 452 21.11 31.65 -15.35
N ARG B 453 21.06 32.98 -15.39
CA ARG B 453 22.29 33.75 -15.51
C ARG B 453 23.07 33.83 -14.20
N LEU B 454 22.45 33.49 -13.07
CA LEU B 454 23.13 33.59 -11.79
C LEU B 454 24.17 32.47 -11.66
N LYS B 455 25.45 32.82 -11.83
CA LYS B 455 26.52 31.83 -11.77
C LYS B 455 27.83 32.56 -11.51
N GLY B 456 28.82 31.78 -11.10
CA GLY B 456 30.16 32.29 -10.89
C GLY B 456 30.19 33.41 -9.87
N PRO B 457 30.89 34.51 -10.19
CA PRO B 457 31.00 35.61 -9.22
C PRO B 457 29.65 36.15 -8.78
N LEU B 458 28.66 36.11 -9.66
CA LEU B 458 27.32 36.55 -9.28
C LEU B 458 26.80 35.71 -8.13
N LEU B 459 26.84 34.38 -8.28
CA LEU B 459 26.38 33.50 -7.20
C LEU B 459 27.22 33.68 -5.96
N ASN B 460 28.53 33.86 -6.12
CA ASN B 460 29.40 34.04 -4.97
C ASN B 460 28.99 35.27 -4.17
N LYS B 461 28.78 36.40 -4.86
CA LYS B 461 28.36 37.60 -4.16
C LYS B 461 26.99 37.42 -3.53
N PHE B 462 26.07 36.77 -4.24
CA PHE B 462 24.73 36.57 -3.71
C PHE B 462 24.78 35.80 -2.39
N LEU B 463 25.53 34.69 -2.36
CA LEU B 463 25.60 33.90 -1.14
C LEU B 463 26.37 34.64 -0.05
N THR B 464 27.42 35.37 -0.42
CA THR B 464 28.25 36.04 0.58
C THR B 464 27.46 37.10 1.33
N THR B 465 26.50 37.75 0.67
CA THR B 465 25.76 38.84 1.32
C THR B 465 24.89 38.34 2.46
N ALA B 466 24.63 37.05 2.54
CA ALA B 466 23.76 36.52 3.58
C ALA B 466 24.35 36.79 4.95
N LYS B 467 23.55 37.34 5.85
CA LYS B 467 23.98 37.54 7.22
C LYS B 467 23.74 36.26 8.02
N ASP B 468 24.81 35.74 8.63
CA ASP B 468 24.73 34.53 9.43
C ASP B 468 24.29 33.33 8.60
N LYS B 469 24.41 33.43 7.28
CA LYS B 469 24.09 32.32 6.38
C LYS B 469 22.61 31.92 6.49
N ASN B 470 21.77 32.83 6.98
CA ASN B 470 20.35 32.53 7.13
C ASN B 470 19.42 33.66 6.70
N ARG B 471 19.90 34.89 6.53
CA ARG B 471 19.01 36.00 6.21
C ARG B 471 19.82 37.08 5.51
N TRP B 472 19.14 37.78 4.59
CA TRP B 472 19.74 38.92 3.91
C TRP B 472 19.34 40.19 4.65
N GLU B 473 19.65 40.27 5.93
CA GLU B 473 19.21 41.38 6.75
C GLU B 473 19.88 42.68 6.31
N ASP B 474 19.20 43.79 6.57
CA ASP B 474 19.70 45.12 6.29
C ASP B 474 19.03 46.02 7.33
N PRO B 475 19.80 46.81 8.08
CA PRO B 475 19.18 47.60 9.16
C PRO B 475 18.06 48.48 8.64
N GLY B 476 16.95 48.50 9.37
CA GLY B 476 15.76 49.20 8.97
C GLY B 476 14.53 48.44 9.41
N LYS B 477 13.40 48.78 8.80
CA LYS B 477 12.15 48.09 9.10
C LYS B 477 12.28 46.61 8.77
N GLN B 478 12.02 45.75 9.75
CA GLN B 478 12.27 44.32 9.58
C GLN B 478 11.38 43.71 8.50
N LEU B 479 10.31 44.39 8.10
CA LEU B 479 9.50 43.89 7.00
C LEU B 479 10.30 43.84 5.71
N TYR B 480 11.13 44.86 5.47
CA TYR B 480 12.00 44.84 4.30
C TYR B 480 13.00 43.69 4.37
N ASN B 481 13.56 43.42 5.54
CA ASN B 481 14.44 42.27 5.69
C ASN B 481 13.73 40.96 5.42
N VAL B 482 12.49 40.81 5.89
CA VAL B 482 11.74 39.59 5.61
C VAL B 482 11.50 39.45 4.12
N GLU B 483 11.15 40.55 3.46
CA GLU B 483 10.93 40.51 2.02
C GLU B 483 12.20 40.10 1.28
N ALA B 484 13.33 40.68 1.66
CA ALA B 484 14.59 40.33 1.03
C ALA B 484 14.93 38.86 1.26
N THR B 485 14.71 38.37 2.47
CA THR B 485 14.98 36.98 2.76
C THR B 485 14.09 36.06 1.93
N SER B 486 12.81 36.42 1.76
CA SER B 486 11.93 35.62 0.94
C SER B 486 12.40 35.61 -0.52
N TYR B 487 12.83 36.76 -1.04
CA TYR B 487 13.39 36.79 -2.38
C TYR B 487 14.58 35.86 -2.49
N ALA B 488 15.48 35.93 -1.51
CA ALA B 488 16.68 35.09 -1.56
C ALA B 488 16.30 33.62 -1.49
N LEU B 489 15.31 33.27 -0.67
CA LEU B 489 14.87 31.88 -0.60
C LEU B 489 14.31 31.41 -1.93
N LEU B 490 13.53 32.26 -2.59
CA LEU B 490 13.02 31.90 -3.91
C LEU B 490 14.17 31.68 -4.88
N ALA B 491 15.17 32.55 -4.85
CA ALA B 491 16.32 32.38 -5.73
C ALA B 491 17.04 31.07 -5.44
N LEU B 492 17.23 30.75 -4.16
CA LEU B 492 17.92 29.52 -3.81
C LEU B 492 17.13 28.31 -4.29
N LEU B 493 15.81 28.32 -4.09
CA LEU B 493 14.98 27.22 -4.60
C LEU B 493 15.11 27.11 -6.10
N GLN B 494 15.22 28.26 -6.79
CA GLN B 494 15.45 28.22 -8.23
C GLN B 494 16.78 27.56 -8.56
N LEU B 495 17.81 27.82 -7.77
CA LEU B 495 19.13 27.24 -8.01
C LEU B 495 19.23 25.79 -7.54
N LYS B 496 18.24 25.29 -6.80
CA LYS B 496 18.22 23.94 -6.26
C LYS B 496 19.22 23.73 -5.13
N ASP B 497 19.82 24.81 -4.61
CA ASP B 497 20.80 24.71 -3.53
C ASP B 497 20.05 24.43 -2.23
N PHE B 498 19.73 23.15 -2.04
CA PHE B 498 18.92 22.75 -0.89
C PHE B 498 19.72 22.65 0.39
N ASP B 499 21.05 22.69 0.32
CA ASP B 499 21.86 22.66 1.52
C ASP B 499 21.92 24.01 2.23
N PHE B 500 21.38 25.07 1.62
CA PHE B 500 21.35 26.39 2.23
C PHE B 500 19.96 26.82 2.66
N VAL B 501 18.91 26.22 2.10
CA VAL B 501 17.53 26.61 2.36
C VAL B 501 17.16 26.40 3.82
N PRO B 502 17.44 25.26 4.43
CA PRO B 502 16.89 24.94 5.75
C PRO B 502 17.08 26.08 6.74
N PRO B 503 18.30 26.61 6.90
CA PRO B 503 18.46 27.72 7.85
C PRO B 503 17.62 28.93 7.49
N VAL B 504 17.45 29.23 6.20
CA VAL B 504 16.68 30.40 5.79
C VAL B 504 15.21 30.20 6.15
N VAL B 505 14.66 29.04 5.83
CA VAL B 505 13.25 28.80 6.16
C VAL B 505 13.07 28.78 7.68
N ARG B 506 14.06 28.26 8.41
CA ARG B 506 13.97 28.27 9.86
C ARG B 506 13.93 29.69 10.40
N TRP B 507 14.78 30.56 9.85
CA TRP B 507 14.76 31.96 10.28
C TRP B 507 13.42 32.60 9.95
N LEU B 508 12.89 32.34 8.75
CA LEU B 508 11.61 32.92 8.37
C LEU B 508 10.50 32.48 9.33
N ASN B 509 10.43 31.19 9.62
CA ASN B 509 9.42 30.71 10.54
C ASN B 509 9.60 31.31 11.92
N GLU B 510 10.85 31.37 12.40
CA GLU B 510 11.11 31.94 13.72
C GLU B 510 10.71 33.40 13.79
N GLN B 511 10.76 34.13 12.66
CA GLN B 511 10.22 35.49 12.66
C GLN B 511 8.74 35.51 12.99
N ARG B 512 8.05 34.39 12.81
CA ARG B 512 6.66 34.25 13.22
C ARG B 512 5.80 35.38 12.63
N TYR B 513 6.04 35.68 11.36
CA TYR B 513 5.30 36.72 10.67
C TYR B 513 4.18 36.08 9.86
N TYR B 514 2.94 36.52 10.12
CA TYR B 514 1.76 35.95 9.47
C TYR B 514 0.99 37.01 8.69
N GLY B 515 1.68 38.00 8.13
CA GLY B 515 1.03 39.05 7.39
C GLY B 515 0.43 40.10 8.30
N GLY B 516 -0.11 41.15 7.69
CA GLY B 516 -0.67 42.23 8.46
C GLY B 516 -1.34 43.24 7.55
N GLY B 517 -1.50 44.45 8.08
CA GLY B 517 -2.17 45.51 7.36
C GLY B 517 -1.22 46.53 6.78
N TYR B 518 -1.09 47.68 7.44
CA TYR B 518 -0.32 48.79 6.90
C TYR B 518 1.12 48.35 6.60
N GLY B 519 1.58 48.69 5.40
CA GLY B 519 2.96 48.42 5.02
C GLY B 519 3.33 46.95 5.06
N SER B 520 2.34 46.08 4.84
CA SER B 520 2.55 44.64 4.92
C SER B 520 2.16 43.91 3.65
N THR B 521 1.85 44.63 2.58
CA THR B 521 1.41 43.98 1.34
C THR B 521 2.56 43.20 0.70
N GLN B 522 3.63 43.92 0.33
CA GLN B 522 4.73 43.29 -0.39
C GLN B 522 5.36 42.19 0.45
N ALA B 523 5.59 42.44 1.74
CA ALA B 523 6.21 41.45 2.59
C ALA B 523 5.34 40.21 2.69
N THR B 524 4.05 40.38 2.94
CA THR B 524 3.16 39.24 3.03
C THR B 524 3.17 38.43 1.74
N PHE B 525 2.97 39.11 0.61
CA PHE B 525 2.93 38.41 -0.66
C PHE B 525 4.20 37.60 -0.86
N MET B 526 5.36 38.25 -0.70
CA MET B 526 6.61 37.58 -1.04
C MET B 526 6.92 36.45 -0.07
N VAL B 527 6.75 36.68 1.24
CA VAL B 527 7.07 35.64 2.20
C VAL B 527 6.17 34.43 2.01
N PHE B 528 4.87 34.65 1.77
CA PHE B 528 3.99 33.50 1.60
C PHE B 528 4.27 32.78 0.29
N GLN B 529 4.57 33.51 -0.78
CA GLN B 529 4.93 32.85 -2.03
C GLN B 529 6.18 32.01 -1.83
N ALA B 530 7.17 32.54 -1.14
CA ALA B 530 8.42 31.80 -0.92
C ALA B 530 8.16 30.54 -0.10
N LEU B 531 7.36 30.64 0.95
CA LEU B 531 7.07 29.46 1.76
C LEU B 531 6.30 28.42 0.96
N ALA B 532 5.35 28.87 0.13
CA ALA B 532 4.62 27.93 -0.71
C ALA B 532 5.56 27.22 -1.67
N GLN B 533 6.49 27.99 -2.28
CA GLN B 533 7.45 27.38 -3.18
C GLN B 533 8.34 26.38 -2.46
N TYR B 534 8.76 26.71 -1.24
CA TYR B 534 9.58 25.79 -0.46
C TYR B 534 8.83 24.49 -0.20
N GLN B 535 7.56 24.59 0.21
CA GLN B 535 6.77 23.40 0.43
C GLN B 535 6.60 22.59 -0.84
N LYS B 536 6.41 23.27 -1.97
CA LYS B 536 6.18 22.58 -3.24
C LYS B 536 7.43 21.83 -3.68
N ASP B 537 8.59 22.48 -3.63
CA ASP B 537 9.79 22.00 -4.30
C ASP B 537 10.80 21.35 -3.36
N ALA B 538 10.76 21.65 -2.07
CA ALA B 538 11.76 21.11 -1.16
C ALA B 538 11.68 19.58 -1.16
N PRO B 539 12.82 18.89 -1.21
CA PRO B 539 12.78 17.42 -1.22
C PRO B 539 12.55 16.87 0.17
N ASP B 540 11.55 16.01 0.31
CA ASP B 540 11.24 15.36 1.56
C ASP B 540 11.99 14.05 1.76
N HIS B 541 12.72 13.60 0.74
CA HIS B 541 13.39 12.31 0.78
C HIS B 541 14.76 12.42 0.14
N GLN B 542 15.75 11.79 0.77
CA GLN B 542 17.06 11.67 0.13
C GLN B 542 16.92 10.90 -1.18
N GLU B 543 17.55 11.41 -2.22
CA GLU B 543 17.41 10.82 -3.54
C GLU B 543 17.82 9.34 -3.50
N LEU B 544 17.02 8.51 -4.17
CA LEU B 544 17.27 7.07 -4.20
C LEU B 544 16.99 6.57 -5.60
N ASN B 545 18.04 6.43 -6.41
CA ASN B 545 17.90 5.92 -7.77
C ASN B 545 19.00 4.87 -8.03
N LEU B 546 19.15 3.94 -7.09
CA LEU B 546 20.19 2.93 -7.22
C LEU B 546 19.96 2.06 -8.44
N ASP B 547 21.04 1.80 -9.18
CA ASP B 547 21.04 0.82 -10.26
C ASP B 547 22.08 -0.24 -9.90
N VAL B 548 21.64 -1.49 -9.79
CA VAL B 548 22.46 -2.56 -9.27
C VAL B 548 22.40 -3.74 -10.23
N SER B 549 23.45 -4.57 -10.19
CA SER B 549 23.55 -5.72 -11.07
C SER B 549 24.35 -6.81 -10.38
N LEU B 550 24.15 -8.03 -10.86
CA LEU B 550 24.83 -9.21 -10.31
C LEU B 550 25.47 -9.98 -11.45
N GLN B 551 26.69 -10.47 -11.22
CA GLN B 551 27.41 -11.27 -12.19
C GLN B 551 27.64 -12.64 -11.57
N LEU B 552 26.72 -13.56 -11.84
CA LEU B 552 26.79 -14.90 -11.29
C LEU B 552 27.36 -15.84 -12.34
N PRO B 553 28.46 -16.54 -12.06
CA PRO B 553 28.99 -17.48 -13.07
C PRO B 553 27.97 -18.49 -13.54
N SER B 554 27.10 -18.96 -12.64
CA SER B 554 26.05 -19.88 -13.04
C SER B 554 25.05 -19.23 -13.99
N ARG B 555 24.97 -17.90 -14.01
CA ARG B 555 24.06 -17.19 -14.88
C ARG B 555 24.77 -16.83 -16.18
N SER B 556 24.04 -16.98 -17.29
CA SER B 556 24.59 -16.70 -18.60
C SER B 556 24.60 -15.22 -18.95
N SER B 557 23.92 -14.37 -18.17
CA SER B 557 23.81 -12.96 -18.49
C SER B 557 23.86 -12.14 -17.21
N LYS B 558 24.08 -10.84 -17.38
CA LYS B 558 24.18 -9.91 -16.27
C LYS B 558 22.79 -9.55 -15.79
N ILE B 559 22.37 -10.12 -14.66
CA ILE B 559 21.09 -9.76 -14.07
C ILE B 559 21.21 -8.40 -13.41
N THR B 560 20.14 -7.62 -13.47
CA THR B 560 20.16 -6.26 -12.96
C THR B 560 18.79 -5.89 -12.41
N HIS B 561 18.79 -4.86 -11.55
CA HIS B 561 17.57 -4.32 -10.98
C HIS B 561 17.77 -2.83 -10.75
N ARG B 562 16.65 -2.12 -10.65
CA ARG B 562 16.66 -0.68 -10.41
C ARG B 562 15.71 -0.35 -9.27
N ILE B 563 16.12 0.58 -8.42
CA ILE B 563 15.36 0.96 -7.24
C ILE B 563 15.17 2.48 -7.28
N HIS B 564 13.92 2.92 -7.22
CA HIS B 564 13.58 4.33 -7.11
C HIS B 564 12.87 4.60 -5.80
N TRP B 565 12.79 5.88 -5.44
CA TRP B 565 12.14 6.24 -4.19
C TRP B 565 10.72 5.68 -4.12
N GLU B 566 10.01 5.69 -5.24
CA GLU B 566 8.67 5.13 -5.29
C GLU B 566 8.66 3.62 -5.11
N SER B 567 9.80 2.95 -5.31
CA SER B 567 9.88 1.51 -5.15
C SER B 567 10.95 1.07 -4.16
N ALA B 568 11.43 1.98 -3.30
CA ALA B 568 12.50 1.63 -2.38
C ALA B 568 12.07 0.55 -1.40
N SER B 569 10.83 0.62 -0.91
CA SER B 569 10.38 -0.33 0.11
C SER B 569 10.33 -1.76 -0.40
N LEU B 570 10.23 -1.96 -1.71
CA LEU B 570 10.12 -3.31 -2.27
C LEU B 570 11.40 -4.07 -1.99
N LEU B 571 11.27 -5.31 -1.52
CA LEU B 571 12.40 -6.17 -1.24
C LEU B 571 12.67 -7.05 -2.45
N ARG B 572 13.31 -6.45 -3.45
CA ARG B 572 13.72 -7.20 -4.62
C ARG B 572 14.71 -8.28 -4.20
N SER B 573 14.56 -9.48 -4.73
CA SER B 573 15.38 -10.61 -4.32
C SER B 573 15.64 -11.51 -5.51
N GLU B 574 16.68 -12.32 -5.39
CA GLU B 574 17.06 -13.30 -6.40
C GLU B 574 17.34 -14.62 -5.71
N GLU B 575 17.08 -15.71 -6.42
CA GLU B 575 17.25 -17.07 -5.90
C GLU B 575 18.24 -17.80 -6.79
N THR B 576 19.15 -18.55 -6.19
CA THR B 576 20.15 -19.31 -6.91
C THR B 576 20.26 -20.70 -6.30
N LYS B 577 20.25 -21.73 -7.14
CA LYS B 577 20.38 -23.10 -6.70
C LYS B 577 21.82 -23.60 -6.74
N GLU B 578 22.78 -22.69 -6.57
CA GLU B 578 24.19 -23.04 -6.67
C GLU B 578 24.95 -22.28 -5.59
N ASN B 579 26.11 -22.83 -5.22
CA ASN B 579 27.04 -22.18 -4.31
C ASN B 579 28.27 -21.78 -5.10
N GLU B 580 28.47 -20.46 -5.24
CA GLU B 580 29.60 -19.96 -6.02
C GLU B 580 29.82 -18.51 -5.65
N GLY B 581 31.05 -18.05 -5.89
CA GLY B 581 31.34 -16.64 -5.71
C GLY B 581 30.82 -15.82 -6.87
N PHE B 582 30.30 -14.64 -6.55
CA PHE B 582 29.73 -13.75 -7.56
C PHE B 582 29.97 -12.31 -7.14
N THR B 583 29.89 -11.41 -8.13
CA THR B 583 30.18 -10.01 -7.94
C THR B 583 28.91 -9.20 -8.12
N VAL B 584 28.71 -8.21 -7.23
CA VAL B 584 27.56 -7.33 -7.28
C VAL B 584 28.06 -5.91 -7.48
N THR B 585 27.49 -5.22 -8.49
CA THR B 585 27.86 -3.86 -8.83
C THR B 585 26.66 -2.96 -8.63
N ALA B 586 26.88 -1.82 -7.96
CA ALA B 586 25.83 -0.86 -7.68
C ALA B 586 26.26 0.52 -8.15
N GLU B 587 25.30 1.30 -8.64
CA GLU B 587 25.57 2.63 -9.16
C GLU B 587 24.39 3.54 -8.83
N GLY B 588 24.66 4.84 -8.82
CA GLY B 588 23.61 5.82 -8.57
C GLY B 588 23.47 6.14 -7.09
N LYS B 589 22.70 7.20 -6.83
CA LYS B 589 22.44 7.63 -5.47
C LYS B 589 21.43 6.72 -4.79
N GLY B 590 21.53 6.66 -3.46
CA GLY B 590 20.62 5.88 -2.65
C GLY B 590 21.39 5.03 -1.66
N GLN B 591 20.69 4.09 -1.05
CA GLN B 591 21.28 3.14 -0.12
C GLN B 591 20.50 1.84 -0.16
N GLY B 592 21.19 0.75 0.18
CA GLY B 592 20.56 -0.56 0.16
C GLY B 592 21.37 -1.60 0.89
N THR B 593 20.68 -2.50 1.59
CA THR B 593 21.35 -3.53 2.40
C THR B 593 21.31 -4.85 1.64
N LEU B 594 22.36 -5.08 0.85
CA LEU B 594 22.53 -6.35 0.17
C LEU B 594 22.75 -7.45 1.20
N SER B 595 21.92 -8.48 1.16
CA SER B 595 22.01 -9.60 2.09
C SER B 595 21.98 -10.91 1.31
N VAL B 596 22.85 -11.84 1.70
CA VAL B 596 22.96 -13.14 1.06
C VAL B 596 22.93 -14.20 2.14
N VAL B 597 22.04 -15.18 1.97
CA VAL B 597 21.95 -16.32 2.88
C VAL B 597 21.94 -17.59 2.05
N THR B 598 22.38 -18.68 2.67
CA THR B 598 22.44 -19.97 2.03
C THR B 598 21.80 -21.02 2.94
N MET B 599 21.02 -21.91 2.34
CA MET B 599 20.35 -22.98 3.05
C MET B 599 20.86 -24.32 2.53
N TYR B 600 21.03 -25.29 3.42
CA TYR B 600 21.58 -26.58 3.03
C TYR B 600 21.31 -27.57 4.15
N HIS B 601 21.60 -28.83 3.86
CA HIS B 601 21.48 -29.91 4.85
C HIS B 601 22.85 -30.19 5.43
N ALA B 602 23.05 -29.86 6.70
CA ALA B 602 24.32 -30.07 7.35
C ALA B 602 24.33 -31.41 8.07
N LYS B 603 25.50 -32.05 8.09
CA LYS B 603 25.62 -33.34 8.75
C LYS B 603 25.29 -33.20 10.24
N ALA B 604 24.68 -34.22 10.80
CA ALA B 604 24.20 -34.15 12.17
C ALA B 604 25.33 -33.82 13.13
N LYS B 605 25.04 -32.96 14.11
CA LYS B 605 26.02 -32.62 15.12
C LYS B 605 25.92 -33.53 16.33
N ASP B 606 24.71 -33.91 16.70
CA ASP B 606 24.46 -34.73 17.88
C ASP B 606 23.35 -35.73 17.56
N GLN B 607 22.87 -36.41 18.59
CA GLN B 607 21.78 -37.37 18.41
C GLN B 607 20.58 -36.68 17.79
N LEU B 608 20.39 -36.89 16.49
CA LEU B 608 19.29 -36.25 15.78
C LEU B 608 17.93 -36.75 16.24
N THR B 609 17.87 -37.93 16.87
CA THR B 609 16.61 -38.49 17.33
C THR B 609 16.84 -39.22 18.65
N CYS B 610 15.73 -39.44 19.35
CA CYS B 610 15.75 -40.12 20.64
C CYS B 610 16.63 -39.35 21.64
N ASN B 611 16.33 -38.07 21.79
CA ASN B 611 17.07 -37.22 22.73
C ASN B 611 16.33 -37.06 24.05
N LYS B 612 15.00 -36.95 24.00
CA LYS B 612 14.23 -36.75 25.22
C LYS B 612 14.10 -38.02 26.04
N PHE B 613 13.96 -39.17 25.39
CA PHE B 613 13.72 -40.43 26.06
C PHE B 613 14.88 -41.38 25.84
N ASP B 614 14.99 -42.36 26.74
CA ASP B 614 15.94 -43.46 26.58
C ASP B 614 15.19 -44.77 26.66
N LEU B 615 15.43 -45.65 25.70
CA LEU B 615 14.76 -46.93 25.61
C LEU B 615 15.80 -48.04 25.66
N LYS B 616 15.43 -49.15 26.29
CA LYS B 616 16.38 -50.22 26.60
C LYS B 616 15.75 -51.57 26.31
N VAL B 617 15.05 -51.69 25.18
CA VAL B 617 14.28 -52.89 24.90
C VAL B 617 15.18 -54.09 24.75
N THR B 618 14.81 -55.19 25.39
CA THR B 618 15.51 -56.46 25.26
C THR B 618 14.50 -57.59 25.34
N ILE B 619 14.84 -58.70 24.71
CA ILE B 619 13.99 -59.89 24.69
C ILE B 619 14.87 -61.10 24.96
N LYS B 620 14.39 -62.01 25.81
CA LYS B 620 15.15 -63.19 26.19
C LYS B 620 14.22 -64.40 26.26
N PRO B 621 14.75 -65.59 26.03
CA PRO B 621 13.91 -66.79 26.17
C PRO B 621 13.40 -66.93 27.60
N ALA B 622 12.17 -67.40 27.73
CA ALA B 622 11.61 -67.62 29.06
C ALA B 622 12.19 -68.89 29.67
N PRO B 623 12.40 -68.92 31.00
CA PRO B 623 12.91 -70.14 31.63
C PRO B 623 12.01 -71.35 31.39
N ASN B 634 7.01 -71.84 21.42
CA ASN B 634 8.11 -71.09 22.00
C ASN B 634 7.60 -69.86 22.73
N THR B 635 8.34 -69.43 23.75
CA THR B 635 7.95 -68.29 24.57
C THR B 635 9.17 -67.42 24.84
N MET B 636 8.93 -66.12 25.01
CA MET B 636 10.00 -65.16 25.28
C MET B 636 9.51 -64.17 26.32
N ILE B 637 10.47 -63.56 27.01
CA ILE B 637 10.19 -62.53 28.01
C ILE B 637 10.70 -61.21 27.47
N LEU B 638 9.78 -60.30 27.17
CA LEU B 638 10.12 -58.98 26.68
C LEU B 638 10.25 -58.03 27.86
N GLU B 639 11.38 -57.33 27.93
CA GLU B 639 11.68 -56.41 29.01
C GLU B 639 11.93 -55.02 28.42
N ILE B 640 11.22 -54.03 28.94
CA ILE B 640 11.34 -52.66 28.46
C ILE B 640 11.68 -51.77 29.65
N CYS B 641 12.71 -50.95 29.50
CA CYS B 641 13.09 -49.98 30.51
C CYS B 641 13.17 -48.61 29.85
N THR B 642 12.65 -47.60 30.54
CA THR B 642 12.55 -46.27 29.98
C THR B 642 13.02 -45.24 30.99
N ARG B 643 13.47 -44.10 30.48
CA ARG B 643 13.86 -42.98 31.32
C ARG B 643 13.63 -41.70 30.53
N TYR B 644 13.44 -40.61 31.25
CA TYR B 644 13.19 -39.31 30.66
C TYR B 644 14.42 -38.44 30.87
N ARG B 645 15.01 -37.95 29.78
CA ARG B 645 16.17 -37.08 29.87
C ARG B 645 15.69 -35.66 30.07
N GLY B 646 15.61 -35.25 31.33
CA GLY B 646 15.14 -33.91 31.63
C GLY B 646 15.19 -33.65 33.12
N ASP B 647 14.77 -32.45 33.49
CA ASP B 647 14.80 -32.02 34.88
C ASP B 647 13.64 -32.57 35.71
N GLN B 648 12.60 -33.09 35.07
CA GLN B 648 11.42 -33.54 35.80
C GLN B 648 10.83 -34.77 35.13
N ASP B 649 9.99 -35.48 35.87
CA ASP B 649 9.32 -36.66 35.34
C ASP B 649 8.38 -36.28 34.20
N ALA B 650 8.23 -37.20 33.25
CA ALA B 650 7.32 -36.96 32.14
C ALA B 650 5.88 -36.96 32.63
N THR B 651 5.09 -36.04 32.08
CA THR B 651 3.72 -35.87 32.56
C THR B 651 2.86 -37.10 32.27
N MET B 652 2.92 -37.62 31.04
CA MET B 652 2.16 -38.81 30.68
C MET B 652 2.68 -39.30 29.34
N SER B 653 3.01 -40.59 29.28
CA SER B 653 3.71 -41.15 28.13
C SER B 653 2.93 -42.31 27.56
N ILE B 654 2.96 -42.42 26.23
CA ILE B 654 2.41 -43.54 25.50
C ILE B 654 3.55 -44.47 25.13
N LEU B 655 3.45 -45.73 25.52
CA LEU B 655 4.47 -46.73 25.23
C LEU B 655 3.87 -47.71 24.23
N ASP B 656 4.03 -47.42 22.95
CA ASP B 656 3.47 -48.23 21.88
C ASP B 656 4.39 -49.41 21.61
N ILE B 657 3.82 -50.60 21.48
CA ILE B 657 4.57 -51.83 21.25
C ILE B 657 3.99 -52.50 20.01
N SER B 658 4.87 -52.90 19.10
CA SER B 658 4.49 -53.68 17.93
C SER B 658 5.14 -55.04 18.00
N MET B 659 4.33 -56.08 18.14
CA MET B 659 4.87 -57.42 18.30
C MET B 659 5.45 -57.92 16.99
N MET B 660 6.47 -58.76 17.10
CA MET B 660 7.02 -59.43 15.93
C MET B 660 6.02 -60.45 15.41
N THR B 661 6.20 -60.83 14.14
CA THR B 661 5.26 -61.74 13.50
C THR B 661 5.17 -63.05 14.29
N GLY B 662 3.94 -63.49 14.54
CA GLY B 662 3.71 -64.77 15.18
C GLY B 662 3.70 -64.76 16.69
N PHE B 663 4.07 -63.66 17.32
CA PHE B 663 4.10 -63.55 18.77
C PHE B 663 2.99 -62.64 19.27
N ALA B 664 2.40 -63.02 20.40
CA ALA B 664 1.36 -62.24 21.04
C ALA B 664 1.65 -62.15 22.53
N PRO B 665 1.26 -61.04 23.17
CA PRO B 665 1.48 -60.93 24.62
C PRO B 665 0.62 -61.92 25.38
N ASP B 666 1.11 -62.31 26.56
CA ASP B 666 0.35 -63.19 27.43
C ASP B 666 -0.78 -62.41 28.09
N THR B 667 -1.99 -62.99 28.08
CA THR B 667 -3.15 -62.27 28.60
C THR B 667 -2.98 -61.92 30.07
N ASP B 668 -2.53 -62.89 30.87
CA ASP B 668 -2.44 -62.66 32.31
C ASP B 668 -1.48 -61.53 32.64
N ASP B 669 -0.31 -61.49 31.99
CA ASP B 669 0.67 -60.45 32.29
C ASP B 669 0.09 -59.07 32.00
N LEU B 670 -0.63 -58.93 30.89
CA LEU B 670 -1.26 -57.65 30.58
C LEU B 670 -2.24 -57.26 31.68
N LYS B 671 -3.06 -58.22 32.13
CA LYS B 671 -4.00 -57.93 33.20
C LYS B 671 -3.27 -57.49 34.46
N GLN B 672 -2.17 -58.17 34.78
CA GLN B 672 -1.38 -57.77 35.93
C GLN B 672 -0.85 -56.35 35.77
N LEU B 673 -0.31 -56.03 34.60
CA LEU B 673 0.18 -54.68 34.36
C LEU B 673 -0.95 -53.68 34.37
N ALA B 674 -2.08 -54.02 33.73
CA ALA B 674 -3.23 -53.12 33.76
C ALA B 674 -3.69 -52.87 35.18
N ASN B 675 -3.59 -53.88 36.05
CA ASN B 675 -3.91 -53.73 37.45
C ASN B 675 -2.81 -53.02 38.22
N GLY B 676 -1.80 -52.49 37.53
CA GLY B 676 -0.72 -51.80 38.19
C GLY B 676 -1.13 -50.42 38.66
N VAL B 677 -0.17 -49.72 39.26
CA VAL B 677 -0.47 -48.43 39.87
C VAL B 677 -0.31 -47.29 38.85
N ASP B 678 0.83 -47.24 38.19
CA ASP B 678 1.16 -46.13 37.30
C ASP B 678 0.91 -46.44 35.83
N ARG B 679 0.41 -47.63 35.51
CA ARG B 679 0.23 -48.05 34.13
C ARG B 679 -1.23 -48.39 33.88
N TYR B 680 -1.72 -48.02 32.70
CA TYR B 680 -3.11 -48.22 32.34
C TYR B 680 -3.18 -48.78 30.93
N ILE B 681 -3.96 -49.85 30.77
CA ILE B 681 -4.18 -50.49 29.49
C ILE B 681 -5.67 -50.51 29.23
N SER B 682 -6.06 -50.11 28.02
CA SER B 682 -7.48 -49.99 27.70
C SER B 682 -8.18 -51.34 27.80
N LYS B 683 -9.43 -51.30 28.25
CA LYS B 683 -10.22 -52.53 28.27
C LYS B 683 -10.35 -53.12 26.88
N TYR B 684 -10.24 -52.28 25.85
CA TYR B 684 -10.33 -52.78 24.48
C TYR B 684 -9.28 -53.85 24.22
N GLU B 685 -8.04 -53.61 24.63
CA GLU B 685 -6.98 -54.60 24.42
C GLU B 685 -7.22 -55.86 25.23
N LEU B 686 -7.55 -55.74 26.51
CA LEU B 686 -7.72 -56.92 27.34
C LEU B 686 -8.85 -57.80 26.84
N ASP B 687 -9.90 -57.21 26.29
CA ASP B 687 -11.03 -57.98 25.78
C ASP B 687 -10.71 -58.69 24.48
N LYS B 688 -9.75 -58.18 23.70
CA LYS B 688 -9.44 -58.80 22.43
C LYS B 688 -8.88 -60.21 22.64
N ALA B 689 -9.20 -61.09 21.70
CA ALA B 689 -8.75 -62.47 21.78
C ALA B 689 -7.22 -62.53 21.83
N PHE B 690 -6.72 -63.65 22.33
CA PHE B 690 -5.26 -63.82 22.45
C PHE B 690 -4.59 -63.61 21.11
N SER B 691 -5.09 -64.26 20.07
CA SER B 691 -4.54 -64.06 18.73
C SER B 691 -4.95 -62.70 18.19
N ASP B 692 -4.21 -62.23 17.20
CA ASP B 692 -4.45 -60.96 16.51
C ASP B 692 -4.15 -59.74 17.36
N ARG B 693 -3.64 -59.94 18.58
CA ARG B 693 -3.22 -58.82 19.42
C ARG B 693 -1.76 -58.47 19.17
N ASN B 694 -1.43 -58.24 17.89
CA ASN B 694 -0.05 -58.00 17.49
C ASN B 694 0.42 -56.58 17.79
N THR B 695 -0.49 -55.66 18.07
CA THR B 695 -0.12 -54.29 18.44
C THR B 695 -0.75 -53.99 19.80
N LEU B 696 0.03 -53.34 20.66
CA LEU B 696 -0.42 -53.07 22.01
C LEU B 696 0.06 -51.69 22.42
N ILE B 697 -0.69 -51.05 23.31
CA ILE B 697 -0.33 -49.74 23.84
C ILE B 697 -0.43 -49.81 25.36
N ILE B 698 0.60 -49.33 26.04
CA ILE B 698 0.61 -49.20 27.49
C ILE B 698 0.76 -47.73 27.82
N TYR B 699 -0.22 -47.18 28.54
CA TYR B 699 -0.19 -45.79 28.96
C TYR B 699 0.51 -45.68 30.29
N LEU B 700 1.52 -44.83 30.36
CA LEU B 700 2.29 -44.61 31.57
C LEU B 700 1.93 -43.27 32.17
N ASP B 701 1.54 -43.27 33.44
CA ASP B 701 1.26 -42.01 34.13
C ASP B 701 2.51 -41.14 34.23
N LYS B 702 3.64 -41.75 34.53
CA LYS B 702 4.89 -41.01 34.66
C LYS B 702 6.05 -41.94 34.41
N VAL B 703 7.17 -41.37 33.98
CA VAL B 703 8.42 -42.09 33.86
C VAL B 703 9.52 -41.26 34.51
N SER B 704 10.22 -41.87 35.46
CA SER B 704 11.21 -41.13 36.22
C SER B 704 12.34 -40.63 35.33
N HIS B 705 12.88 -39.47 35.68
CA HIS B 705 14.04 -38.94 34.97
C HIS B 705 15.35 -39.30 35.65
N SER B 706 15.30 -39.78 36.89
CA SER B 706 16.50 -40.16 37.62
C SER B 706 16.69 -41.66 37.73
N GLU B 707 15.81 -42.45 37.12
CA GLU B 707 15.90 -43.90 37.23
C GLU B 707 15.23 -44.52 36.02
N ASP B 708 15.56 -45.79 35.77
CA ASP B 708 14.98 -46.52 34.64
C ASP B 708 13.72 -47.24 35.11
N ASP B 709 12.56 -46.75 34.66
CA ASP B 709 11.29 -47.41 34.95
C ASP B 709 11.12 -48.58 34.00
N CYS B 710 10.92 -49.77 34.54
CA CYS B 710 10.95 -51.00 33.77
C CYS B 710 9.65 -51.76 33.90
N LEU B 711 9.30 -52.49 32.85
CA LEU B 711 8.18 -53.42 32.85
C LEU B 711 8.54 -54.59 31.95
N ALA B 712 7.93 -55.73 32.22
CA ALA B 712 8.22 -56.93 31.46
C ALA B 712 7.01 -57.84 31.47
N PHE B 713 6.81 -58.56 30.37
CA PHE B 713 5.70 -59.48 30.26
C PHE B 713 6.04 -60.58 29.26
N LYS B 714 5.38 -61.72 29.42
CA LYS B 714 5.64 -62.86 28.55
C LYS B 714 5.05 -62.62 27.17
N VAL B 715 5.78 -63.08 26.15
CA VAL B 715 5.28 -63.13 24.78
C VAL B 715 5.68 -64.48 24.22
N HIS B 716 4.73 -65.15 23.54
CA HIS B 716 4.99 -66.48 23.03
C HIS B 716 4.27 -66.66 21.70
N GLN B 717 4.72 -67.67 20.96
CA GLN B 717 4.25 -67.89 19.60
C GLN B 717 2.85 -68.47 19.60
N TYR B 718 1.95 -67.84 18.85
CA TYR B 718 0.70 -68.47 18.46
C TYR B 718 0.76 -69.01 17.04
N PHE B 719 1.81 -68.67 16.30
CA PHE B 719 2.00 -69.11 14.93
C PHE B 719 3.48 -69.06 14.61
N ASN B 720 3.91 -69.95 13.72
CA ASN B 720 5.31 -70.05 13.34
C ASN B 720 5.48 -69.65 11.89
N VAL B 721 6.57 -68.92 11.61
CA VAL B 721 6.85 -68.41 10.27
C VAL B 721 8.31 -68.67 9.93
N GLU B 722 8.61 -68.59 8.64
CA GLU B 722 9.98 -68.80 8.19
C GLU B 722 10.89 -67.69 8.72
N LEU B 723 10.48 -66.44 8.56
CA LEU B 723 11.27 -65.28 8.97
C LEU B 723 10.44 -64.41 9.87
N ILE B 724 11.05 -63.92 10.95
CA ILE B 724 10.36 -63.13 11.96
C ILE B 724 10.75 -61.68 11.78
N GLN B 725 9.77 -60.84 11.45
CA GLN B 725 10.04 -59.42 11.33
C GLN B 725 10.33 -58.84 12.72
N PRO B 726 11.36 -58.01 12.85
CA PRO B 726 11.67 -57.44 14.18
C PRO B 726 10.49 -56.65 14.73
N GLY B 727 10.28 -56.78 16.04
CA GLY B 727 9.29 -55.95 16.70
C GLY B 727 9.81 -54.55 16.96
N ALA B 728 8.89 -53.68 17.37
CA ALA B 728 9.22 -52.28 17.57
C ALA B 728 8.57 -51.78 18.84
N VAL B 729 9.22 -50.80 19.47
CA VAL B 729 8.71 -50.12 20.64
C VAL B 729 8.92 -48.63 20.45
N LYS B 730 7.88 -47.84 20.71
CA LYS B 730 7.94 -46.40 20.58
C LYS B 730 7.43 -45.76 21.85
N VAL B 731 8.09 -44.69 22.29
CA VAL B 731 7.75 -43.99 23.51
C VAL B 731 7.70 -42.51 23.21
N TYR B 732 6.74 -41.81 23.82
CA TYR B 732 6.64 -40.37 23.64
C TYR B 732 5.60 -39.80 24.58
N ALA B 733 5.78 -38.54 24.93
CA ALA B 733 4.76 -37.84 25.71
C ALA B 733 3.54 -37.59 24.83
N TYR B 734 2.40 -37.36 25.49
CA TYR B 734 1.14 -37.31 24.78
C TYR B 734 1.03 -36.11 23.85
N TYR B 735 1.93 -35.14 23.95
CA TYR B 735 1.78 -33.88 23.24
C TYR B 735 2.85 -33.64 22.17
N ASN B 736 3.90 -34.44 22.12
CA ASN B 736 5.02 -34.17 21.21
C ASN B 736 5.43 -35.45 20.50
N LEU B 737 4.46 -36.14 19.90
CA LEU B 737 4.76 -37.36 19.15
C LEU B 737 5.98 -37.20 18.26
N GLU B 738 6.17 -36.02 17.68
CA GLU B 738 7.34 -35.79 16.84
C GLU B 738 8.66 -35.94 17.60
N GLU B 739 8.63 -35.87 18.93
CA GLU B 739 9.83 -35.99 19.76
C GLU B 739 9.95 -37.37 20.37
N SER B 740 9.56 -38.41 19.64
CA SER B 740 9.54 -39.75 20.19
C SER B 740 10.92 -40.38 20.15
N CYS B 741 11.02 -41.56 20.75
CA CYS B 741 12.17 -42.44 20.61
C CYS B 741 11.67 -43.84 20.32
N THR B 742 12.41 -44.56 19.48
CA THR B 742 11.99 -45.87 19.02
C THR B 742 13.13 -46.86 19.14
N ARG B 743 12.79 -48.14 19.25
CA ARG B 743 13.77 -49.20 19.33
C ARG B 743 13.18 -50.46 18.75
N PHE B 744 14.04 -51.40 18.38
CA PHE B 744 13.63 -52.65 17.78
C PHE B 744 14.27 -53.80 18.53
N TYR B 745 13.57 -54.93 18.54
CA TYR B 745 14.06 -56.13 19.21
C TYR B 745 13.78 -57.33 18.32
N HIS B 746 14.63 -58.34 18.44
CA HIS B 746 14.52 -59.53 17.62
C HIS B 746 15.21 -60.67 18.34
N PRO B 747 14.59 -61.85 18.42
CA PRO B 747 15.21 -62.94 19.18
C PRO B 747 16.59 -63.31 18.69
N GLU B 748 16.82 -63.30 17.38
CA GLU B 748 18.11 -63.68 16.81
C GLU B 748 19.02 -62.48 16.58
N LYS B 749 18.59 -61.55 15.72
CA LYS B 749 19.38 -60.36 15.42
C LYS B 749 19.33 -59.44 16.62
N GLU B 750 20.25 -59.66 17.55
CA GLU B 750 20.21 -58.96 18.83
C GLU B 750 20.13 -57.44 18.66
N ASP B 751 20.81 -56.89 17.66
CA ASP B 751 20.75 -55.45 17.44
C ASP B 751 19.34 -54.97 17.12
N GLY B 752 18.52 -55.83 16.52
CA GLY B 752 17.20 -55.45 16.10
C GLY B 752 17.11 -54.82 14.73
N LYS B 753 18.24 -54.60 14.06
CA LYS B 753 18.25 -53.98 12.75
C LYS B 753 18.37 -55.05 11.68
N LEU B 754 17.70 -54.81 10.55
CA LEU B 754 17.81 -55.74 9.42
C LEU B 754 19.22 -55.73 8.87
N ASN B 755 19.67 -56.89 8.40
CA ASN B 755 21.02 -57.02 7.88
C ASN B 755 21.18 -56.13 6.65
N LYS B 756 22.26 -55.36 6.62
CA LYS B 756 22.58 -54.52 5.47
C LYS B 756 24.04 -54.11 5.55
N LEU B 757 24.65 -53.95 4.38
CA LEU B 757 26.06 -53.59 4.27
C LEU B 757 26.15 -52.18 3.72
N CYS B 758 26.63 -51.25 4.55
CA CYS B 758 26.73 -49.84 4.18
C CYS B 758 28.17 -49.53 3.77
N ARG B 759 28.52 -49.93 2.56
CA ARG B 759 29.82 -49.58 2.01
C ARG B 759 29.81 -48.12 1.57
N ASP B 760 30.70 -47.33 2.13
CA ASP B 760 30.87 -45.93 1.74
C ASP B 760 29.56 -45.17 1.92
N GLU B 761 28.84 -45.47 3.00
CA GLU B 761 27.60 -44.78 3.35
C GLU B 761 26.48 -45.03 2.33
N LEU B 762 26.63 -46.06 1.51
CA LEU B 762 25.56 -46.54 0.63
C LEU B 762 25.25 -47.97 1.03
N CYS B 763 24.01 -48.23 1.41
CA CYS B 763 23.65 -49.47 2.08
C CYS B 763 22.96 -50.42 1.11
N ARG B 764 23.40 -51.67 1.15
CA ARG B 764 22.86 -52.74 0.32
C ARG B 764 22.03 -53.68 1.18
N CYS B 765 20.81 -53.95 0.75
CA CYS B 765 19.94 -54.84 1.51
C CYS B 765 20.50 -56.25 1.51
N ALA B 766 20.23 -56.98 2.59
CA ALA B 766 20.71 -58.35 2.71
C ALA B 766 19.81 -59.16 3.65
N ASP C 1 49.56 10.52 -28.41
CA ASP C 1 48.83 9.22 -28.50
C ASP C 1 49.68 8.08 -27.94
N ASN C 2 51.00 8.20 -28.09
CA ASN C 2 51.93 7.17 -27.66
C ASN C 2 53.10 7.79 -26.92
N ARG C 3 53.70 6.99 -26.03
CA ARG C 3 54.74 7.48 -25.15
C ARG C 3 56.06 7.59 -25.89
N VAL C 4 56.97 8.41 -25.35
CA VAL C 4 58.30 8.59 -25.90
C VAL C 4 59.24 8.98 -24.77
N PRO C 5 60.54 8.79 -24.93
CA PRO C 5 61.48 9.23 -23.89
C PRO C 5 61.45 10.74 -23.72
N GLY C 6 61.69 11.18 -22.49
CA GLY C 6 61.60 12.59 -22.17
C GLY C 6 62.81 13.12 -21.43
N ASP C 7 62.70 14.36 -20.93
CA ASP C 7 63.81 15.02 -20.27
C ASP C 7 63.82 14.84 -18.76
N LYS C 8 62.66 14.74 -18.13
CA LYS C 8 62.59 14.64 -16.68
C LYS C 8 61.24 14.04 -16.30
N ASN C 9 61.11 13.71 -15.03
CA ASN C 9 59.82 13.25 -14.53
C ASN C 9 58.84 14.41 -14.46
N LEU C 10 57.56 14.08 -14.56
CA LEU C 10 56.50 15.08 -14.61
C LEU C 10 56.28 15.63 -13.21
N THR C 11 56.68 16.88 -12.99
CA THR C 11 56.49 17.49 -11.68
C THR C 11 55.01 17.81 -11.45
N LYS C 12 54.67 17.98 -10.17
CA LYS C 12 53.28 18.30 -9.81
C LYS C 12 52.79 19.52 -10.58
N GLU C 13 53.67 20.49 -10.82
CA GLU C 13 53.27 21.67 -11.57
C GLU C 13 52.82 21.29 -12.97
N GLY C 14 53.53 20.34 -13.60
CA GLY C 14 53.13 19.90 -14.93
C GLY C 14 51.75 19.27 -14.92
N ALA C 15 51.46 18.44 -13.92
CA ALA C 15 50.14 17.84 -13.83
C ALA C 15 49.07 18.91 -13.62
N ALA C 16 49.36 19.89 -12.76
CA ALA C 16 48.40 20.97 -12.55
C ALA C 16 48.15 21.72 -13.85
N ALA C 17 49.20 21.98 -14.61
CA ALA C 17 49.04 22.69 -15.88
C ALA C 17 48.21 21.86 -16.84
N LEU C 18 48.46 20.55 -16.92
CA LEU C 18 47.69 19.72 -17.82
C LEU C 18 46.22 19.71 -17.43
N CYS C 19 45.94 19.61 -16.14
CA CYS C 19 44.55 19.62 -15.69
C CYS C 19 43.90 20.97 -15.99
N LYS C 20 44.65 22.06 -15.85
CA LYS C 20 44.13 23.35 -16.24
C LYS C 20 43.79 23.37 -17.72
N MET C 21 44.67 22.84 -18.56
CA MET C 21 44.37 22.72 -19.98
C MET C 21 43.05 22.02 -20.19
N LYS C 22 42.91 20.84 -19.58
CA LYS C 22 41.73 20.02 -19.80
C LYS C 22 40.48 20.73 -19.33
N HIS C 23 40.54 21.36 -18.15
CA HIS C 23 39.38 22.03 -17.61
C HIS C 23 38.95 23.18 -18.50
N LEU C 24 39.90 24.01 -18.94
CA LEU C 24 39.54 25.11 -19.81
C LEU C 24 38.97 24.62 -21.12
N ALA C 25 39.58 23.58 -21.71
CA ALA C 25 39.08 23.06 -22.96
C ALA C 25 37.65 22.55 -22.81
N ASP C 26 37.38 21.81 -21.73
CA ASP C 26 36.03 21.30 -21.52
C ASP C 26 35.04 22.44 -21.34
N LYS C 27 35.40 23.45 -20.53
CA LYS C 27 34.49 24.56 -20.34
C LYS C 27 34.20 25.28 -21.65
N VAL C 28 35.22 25.51 -22.47
CA VAL C 28 34.99 26.13 -23.76
C VAL C 28 34.04 25.27 -24.58
N ALA C 29 34.24 23.96 -24.57
CA ALA C 29 33.39 23.08 -25.35
C ALA C 29 31.94 23.16 -24.90
N GLU C 30 31.70 23.22 -23.59
CA GLU C 30 30.33 23.16 -23.09
C GLU C 30 29.63 24.51 -23.16
N LYS C 31 30.17 25.53 -22.47
CA LYS C 31 29.38 26.71 -22.18
C LYS C 31 29.86 27.95 -22.94
N ARG C 32 31.16 28.24 -22.87
CA ARG C 32 31.64 29.54 -23.31
C ARG C 32 31.27 29.82 -24.76
N SER C 33 31.45 28.85 -25.66
CA SER C 33 31.14 29.08 -27.06
C SER C 33 29.66 29.40 -27.24
N GLN C 34 28.80 28.62 -26.59
CA GLN C 34 27.36 28.87 -26.70
C GLN C 34 27.01 30.26 -26.19
N GLU C 35 27.58 30.64 -25.04
CA GLU C 35 27.33 31.98 -24.51
C GLU C 35 27.74 33.04 -25.51
N LEU C 36 28.92 32.90 -26.09
CA LEU C 36 29.40 33.91 -27.03
C LEU C 36 28.48 34.00 -28.24
N LYS C 37 28.09 32.87 -28.81
CA LYS C 37 27.21 32.89 -29.97
C LYS C 37 25.89 33.55 -29.63
N ASP C 38 25.31 33.20 -28.49
CA ASP C 38 24.02 33.75 -28.11
C ASP C 38 24.11 35.25 -27.92
N ARG C 39 25.12 35.72 -27.19
CA ARG C 39 25.23 37.15 -26.92
C ARG C 39 25.58 37.91 -28.20
N THR C 40 26.22 37.25 -29.15
CA THR C 40 26.48 37.90 -30.43
C THR C 40 25.19 38.08 -31.22
N GLN C 41 24.39 37.01 -31.33
CA GLN C 41 23.15 37.12 -32.08
C GLN C 41 22.16 38.05 -31.40
N ASN C 42 22.26 38.19 -30.08
CA ASN C 42 21.36 39.09 -29.38
C ASN C 42 21.53 40.54 -29.81
N PHE C 43 22.71 40.91 -30.31
CA PHE C 43 22.87 42.28 -30.82
C PHE C 43 22.01 42.49 -32.06
N ALA C 44 22.04 41.54 -32.99
CA ALA C 44 21.17 41.62 -34.15
C ALA C 44 19.70 41.58 -33.73
N GLY C 45 19.38 40.85 -32.68
CA GLY C 45 18.01 40.89 -32.17
C GLY C 45 17.63 42.27 -31.68
N TYR C 46 18.51 42.87 -30.88
CA TYR C 46 18.20 44.15 -30.24
C TYR C 46 18.09 45.26 -31.28
N ILE C 47 18.96 45.26 -32.28
CA ILE C 47 18.91 46.33 -33.27
C ILE C 47 17.57 46.31 -34.01
N GLU C 48 17.13 45.11 -34.40
CA GLU C 48 15.82 44.99 -35.04
C GLU C 48 14.70 45.37 -34.10
N PHE C 49 14.81 45.00 -32.82
CA PHE C 49 13.79 45.41 -31.86
C PHE C 49 13.69 46.93 -31.80
N GLU C 50 14.82 47.61 -31.79
CA GLU C 50 14.80 49.07 -31.76
C GLU C 50 14.20 49.65 -33.03
N LEU C 51 14.48 49.03 -34.19
CA LEU C 51 13.81 49.47 -35.40
C LEU C 51 12.30 49.35 -35.24
N TYR C 52 11.84 48.21 -34.68
CA TYR C 52 10.42 48.01 -34.48
C TYR C 52 9.84 49.07 -33.56
N ARG C 53 10.56 49.40 -32.48
CA ARG C 53 10.08 50.42 -31.55
C ARG C 53 10.00 51.78 -32.23
N ILE C 54 10.97 52.11 -33.07
CA ILE C 54 10.94 53.37 -33.79
C ILE C 54 9.71 53.41 -34.68
N ASP C 55 9.43 52.31 -35.38
CA ASP C 55 8.26 52.26 -36.25
C ASP C 55 6.99 52.43 -35.42
N TYR C 56 6.93 51.79 -34.26
CA TYR C 56 5.75 51.91 -33.40
C TYR C 56 5.54 53.35 -32.94
N TRP C 57 6.61 54.01 -32.52
CA TRP C 57 6.49 55.41 -32.11
C TRP C 57 6.03 56.28 -33.27
N LEU C 58 6.58 56.06 -34.46
CA LEU C 58 6.14 56.83 -35.61
C LEU C 58 4.67 56.59 -35.90
N GLU C 59 4.22 55.34 -35.84
CA GLU C 59 2.80 55.05 -36.03
C GLU C 59 1.96 55.78 -35.00
N LYS C 60 2.41 55.81 -33.75
CA LYS C 60 1.70 56.62 -32.75
C LYS C 60 1.62 58.07 -33.17
N LEU C 61 2.72 58.61 -33.68
CA LEU C 61 2.73 60.00 -34.12
C LEU C 61 1.73 60.22 -35.26
N ASN C 62 1.80 59.38 -36.28
CA ASN C 62 0.90 59.47 -37.43
C ASN C 62 0.24 58.12 -37.63
N GLY C 63 -1.09 58.12 -37.69
CA GLY C 63 -1.84 56.89 -37.83
C GLY C 63 -3.31 57.07 -37.52
N PRO C 64 -3.98 55.99 -37.11
CA PRO C 64 -5.43 56.10 -36.86
C PRO C 64 -5.78 57.15 -35.83
N LYS C 65 -4.96 57.32 -34.79
CA LYS C 65 -5.29 58.22 -33.70
C LYS C 65 -4.11 59.09 -33.30
N GLY C 66 -3.38 59.62 -34.28
CA GLY C 66 -2.28 60.51 -33.97
C GLY C 66 -2.72 61.76 -33.24
N ARG C 67 -3.94 62.21 -33.48
CA ARG C 67 -4.48 63.43 -32.88
C ARG C 67 -5.29 63.16 -31.62
N LYS C 68 -5.27 61.93 -31.10
CA LYS C 68 -6.04 61.61 -29.90
C LYS C 68 -5.22 60.96 -28.81
N ASP C 69 -4.24 60.11 -29.17
CA ASP C 69 -3.56 59.27 -28.20
C ASP C 69 -2.34 59.99 -27.62
N GLY C 70 -2.61 60.89 -26.68
CA GLY C 70 -1.55 61.53 -25.94
C GLY C 70 -0.77 62.54 -26.76
N TYR C 71 -0.23 62.08 -27.88
CA TYR C 71 0.55 62.96 -28.75
C TYR C 71 -0.28 64.12 -29.28
N ALA C 72 -1.61 64.01 -29.21
CA ALA C 72 -2.49 65.06 -29.71
C ALA C 72 -2.03 66.45 -29.31
N LYS C 73 -1.42 66.60 -28.13
CA LYS C 73 -1.00 67.91 -27.68
C LYS C 73 -0.03 68.56 -28.65
N LEU C 74 0.68 67.74 -29.44
CA LEU C 74 1.68 68.29 -30.36
C LEU C 74 1.01 69.11 -31.46
N SER C 75 1.61 70.26 -31.76
CA SER C 75 1.17 71.04 -32.91
C SER C 75 1.92 70.58 -34.16
N ASP C 76 1.51 71.14 -35.30
CA ASP C 76 2.09 70.71 -36.58
C ASP C 76 3.60 70.95 -36.61
N SER C 77 4.06 72.11 -36.15
CA SER C 77 5.50 72.36 -36.10
C SER C 77 6.17 71.37 -35.16
N ASP C 78 5.56 71.11 -34.01
CA ASP C 78 6.08 70.08 -33.12
C ASP C 78 6.05 68.73 -33.80
N ILE C 79 4.97 68.44 -34.53
CA ILE C 79 4.90 67.18 -35.27
C ILE C 79 6.07 67.09 -36.25
N GLU C 80 6.35 68.19 -36.96
CA GLU C 80 7.41 68.16 -37.96
C GLU C 80 8.77 67.95 -37.30
N LYS C 81 9.05 68.64 -36.21
CA LYS C 81 10.35 68.49 -35.56
C LYS C 81 10.50 67.10 -34.97
N VAL C 82 9.44 66.56 -34.39
CA VAL C 82 9.48 65.20 -33.86
C VAL C 82 9.71 64.22 -35.00
N LYS C 83 9.07 64.44 -36.14
CA LYS C 83 9.30 63.61 -37.30
C LYS C 83 10.77 63.65 -37.72
N GLU C 84 11.34 64.85 -37.74
CA GLU C 84 12.73 64.99 -38.12
C GLU C 84 13.64 64.19 -37.20
N ILE C 85 13.47 64.36 -35.88
CA ILE C 85 14.34 63.67 -34.94
C ILE C 85 14.15 62.16 -35.04
N PHE C 86 12.90 61.71 -35.14
CA PHE C 86 12.65 60.28 -35.25
C PHE C 86 13.26 59.70 -36.52
N ASP C 87 13.16 60.43 -37.63
CA ASP C 87 13.72 59.94 -38.88
C ASP C 87 15.24 59.88 -38.81
N LYS C 88 15.85 60.89 -38.19
CA LYS C 88 17.30 60.85 -38.02
C LYS C 88 17.71 59.65 -37.18
N ALA C 89 16.97 59.39 -36.10
CA ALA C 89 17.28 58.24 -35.27
C ALA C 89 17.10 56.95 -36.04
N LYS C 90 16.04 56.87 -36.86
CA LYS C 90 15.80 55.67 -37.66
C LYS C 90 16.94 55.43 -38.63
N ASP C 91 17.40 56.48 -39.31
CA ASP C 91 18.53 56.32 -40.22
C ASP C 91 19.77 55.85 -39.47
N GLY C 92 20.03 56.46 -38.32
CA GLY C 92 21.20 56.05 -37.55
C GLY C 92 21.15 54.59 -37.16
N ILE C 93 20.01 54.14 -36.64
CA ILE C 93 19.90 52.75 -36.22
C ILE C 93 20.05 51.82 -37.41
N ALA C 94 19.37 52.16 -38.53
CA ALA C 94 19.42 51.31 -39.70
C ALA C 94 20.85 51.18 -40.22
N LYS C 95 21.65 52.24 -40.08
CA LYS C 95 23.02 52.20 -40.58
C LYS C 95 23.83 51.07 -39.95
N GLN C 96 23.42 50.57 -38.78
CA GLN C 96 24.21 49.58 -38.06
C GLN C 96 23.72 48.16 -38.23
N LEU C 97 22.49 47.96 -38.72
CA LEU C 97 21.93 46.61 -38.80
C LEU C 97 22.81 45.65 -39.57
N PRO C 98 23.28 45.96 -40.79
CA PRO C 98 24.02 44.94 -41.54
C PRO C 98 25.26 44.47 -40.83
N GLU C 99 25.95 45.37 -40.12
CA GLU C 99 27.15 44.96 -39.39
C GLU C 99 26.82 43.92 -38.34
N ALA C 100 25.78 44.17 -37.55
CA ALA C 100 25.39 43.22 -36.51
C ALA C 100 24.96 41.90 -37.13
N LYS C 101 24.20 41.94 -38.21
CA LYS C 101 23.77 40.71 -38.85
C LYS C 101 24.97 39.91 -39.35
N LYS C 102 25.94 40.60 -39.96
CA LYS C 102 27.13 39.92 -40.44
C LYS C 102 27.90 39.29 -39.28
N ALA C 103 28.02 40.02 -38.18
CA ALA C 103 28.73 39.48 -37.02
C ALA C 103 28.03 38.23 -36.49
N GLY C 104 26.71 38.27 -36.39
CA GLY C 104 25.98 37.10 -35.92
C GLY C 104 26.14 35.92 -36.85
N GLU C 105 26.07 36.17 -38.16
CA GLU C 105 26.27 35.10 -39.12
C GLU C 105 27.65 34.48 -38.97
N ASP C 106 28.68 35.31 -38.83
CA ASP C 106 30.03 34.78 -38.62
C ASP C 106 30.08 33.92 -37.37
N ALA C 107 29.56 34.46 -36.26
CA ALA C 107 29.57 33.71 -35.00
C ALA C 107 28.86 32.38 -35.15
N GLU C 108 27.84 32.31 -36.02
CA GLU C 108 27.11 31.06 -36.16
C GLU C 108 28.05 29.92 -36.53
N LYS C 109 28.87 30.11 -37.57
CA LYS C 109 29.78 29.04 -37.99
C LYS C 109 30.98 28.95 -37.05
N LEU C 110 31.44 30.08 -36.52
CA LEU C 110 32.56 30.04 -35.61
C LEU C 110 32.24 29.21 -34.39
N HIS C 111 30.98 29.23 -33.95
CA HIS C 111 30.61 28.42 -32.79
C HIS C 111 30.79 26.94 -33.09
N THR C 112 30.34 26.48 -34.24
CA THR C 112 30.53 25.08 -34.59
C THR C 112 32.01 24.76 -34.68
N GLU C 113 32.79 25.65 -35.29
CA GLU C 113 34.22 25.41 -35.41
C GLU C 113 34.86 25.22 -34.04
N VAL C 114 34.61 26.16 -33.13
CA VAL C 114 35.23 26.11 -31.81
C VAL C 114 34.72 24.90 -31.04
N LYS C 115 33.42 24.63 -31.12
CA LYS C 115 32.86 23.47 -30.43
C LYS C 115 33.59 22.21 -30.86
N GLU C 116 33.71 21.99 -32.16
CA GLU C 116 34.36 20.78 -32.65
C GLU C 116 35.82 20.74 -32.20
N ALA C 117 36.54 21.85 -32.35
CA ALA C 117 37.96 21.85 -32.01
C ALA C 117 38.16 21.55 -30.53
N ALA C 118 37.43 22.25 -29.66
CA ALA C 118 37.59 22.05 -28.22
C ALA C 118 37.18 20.64 -27.82
N ALA C 119 36.06 20.14 -28.34
CA ALA C 119 35.65 18.79 -28.00
C ALA C 119 36.70 17.77 -28.41
N ASN C 120 37.26 17.91 -29.61
CA ASN C 120 38.32 17.01 -30.02
C ASN C 120 39.52 17.13 -29.09
N ALA C 121 39.88 18.34 -28.70
CA ALA C 121 41.03 18.52 -27.82
C ALA C 121 40.81 17.84 -26.48
N ARG C 122 39.60 17.98 -25.92
CA ARG C 122 39.33 17.42 -24.60
C ARG C 122 39.48 15.90 -24.60
N GLY C 123 38.93 15.24 -25.61
CA GLY C 123 38.93 13.79 -25.63
C GLY C 123 37.67 13.22 -25.02
N GLN C 124 37.63 11.88 -24.97
CA GLN C 124 36.44 11.17 -24.52
C GLN C 124 36.62 10.45 -23.20
N ASP C 125 37.85 10.20 -22.76
CA ASP C 125 38.11 9.54 -21.48
C ASP C 125 37.68 8.08 -21.50
N LEU C 126 37.94 7.40 -22.60
CA LEU C 126 37.56 5.99 -22.71
C LEU C 126 38.56 5.11 -21.96
N ASP C 127 38.17 3.86 -21.73
CA ASP C 127 39.03 2.87 -21.11
C ASP C 127 40.11 2.49 -22.12
N ASP C 128 41.31 3.04 -21.91
CA ASP C 128 42.34 2.97 -22.93
C ASP C 128 42.72 1.54 -23.29
N HIS C 129 42.90 0.68 -22.30
CA HIS C 129 43.38 -0.67 -22.57
C HIS C 129 42.37 -1.52 -23.33
N LYS C 130 41.13 -1.05 -23.47
CA LYS C 130 40.18 -1.69 -24.39
C LYS C 130 39.92 -0.77 -25.58
N GLN C 131 39.51 0.46 -25.32
CA GLN C 131 39.27 1.46 -26.34
C GLN C 131 40.09 2.70 -26.01
N LYS C 132 40.98 3.08 -26.93
CA LYS C 132 41.91 4.17 -26.66
C LYS C 132 41.14 5.45 -26.33
N SER C 133 41.65 6.19 -25.34
CA SER C 133 41.11 7.51 -25.05
C SER C 133 41.59 8.50 -26.11
N THR C 134 41.31 9.77 -25.88
CA THR C 134 41.62 10.80 -26.85
C THR C 134 42.05 12.08 -26.14
N GLY C 135 42.79 12.91 -26.87
CA GLY C 135 43.11 14.26 -26.45
C GLY C 135 43.77 14.30 -25.09
N LEU C 136 43.56 15.42 -24.40
CA LEU C 136 44.15 15.60 -23.09
C LEU C 136 43.72 14.50 -22.14
N TYR C 137 42.53 13.93 -22.33
CA TYR C 137 42.16 12.75 -21.55
C TYR C 137 43.13 11.60 -21.83
N ARG C 138 43.44 11.38 -23.10
CA ARG C 138 44.43 10.35 -23.44
C ARG C 138 45.75 10.64 -22.76
N VAL C 139 46.19 11.89 -22.78
CA VAL C 139 47.46 12.24 -22.16
C VAL C 139 47.42 11.94 -20.68
N LEU C 140 46.38 12.44 -20.00
CA LEU C 140 46.31 12.29 -18.56
C LEU C 140 46.23 10.84 -18.14
N ASN C 141 45.46 10.03 -18.86
CA ASN C 141 45.26 8.64 -18.47
C ASN C 141 46.48 7.78 -18.74
N TRP C 142 47.18 8.03 -19.85
CA TRP C 142 48.22 7.13 -20.32
C TRP C 142 49.64 7.58 -19.96
N TYR C 143 49.80 8.70 -19.27
CA TYR C 143 51.15 9.24 -19.09
C TYR C 143 51.90 8.48 -18.00
N CYS C 144 51.42 8.55 -16.77
CA CYS C 144 52.22 8.18 -15.61
C CYS C 144 52.02 6.73 -15.20
N ILE C 145 52.45 5.80 -16.06
CA ILE C 145 52.34 4.39 -15.76
C ILE C 145 53.31 4.03 -14.63
N THR C 146 52.96 2.96 -13.91
CA THR C 146 53.83 2.43 -12.85
C THR C 146 54.21 0.99 -13.14
N PRO C 155 57.96 4.96 -12.12
CA PRO C 155 58.85 5.94 -11.50
C PRO C 155 59.01 7.21 -12.34
N ASN C 156 58.18 7.35 -13.36
CA ASN C 156 58.27 8.48 -14.27
C ASN C 156 57.52 9.71 -13.78
N CYS C 157 56.75 9.60 -12.69
CA CYS C 157 55.95 10.70 -12.17
C CYS C 157 55.95 10.62 -10.64
N ASP C 158 56.53 11.63 -10.00
CA ASP C 158 56.58 11.67 -8.54
C ASP C 158 55.81 12.87 -8.02
N GLY C 159 54.94 12.63 -7.04
CA GLY C 159 54.14 13.67 -6.45
C GLY C 159 52.78 13.87 -7.09
N ILE C 160 52.02 12.81 -7.32
CA ILE C 160 50.73 12.89 -7.98
C ILE C 160 49.74 12.00 -7.24
N GLN C 161 48.47 12.31 -7.38
CA GLN C 161 47.38 11.49 -6.86
C GLN C 161 46.58 10.97 -8.04
N PHE C 162 46.42 9.65 -8.10
CA PHE C 162 45.79 9.02 -9.24
C PHE C 162 44.34 8.67 -8.94
N ARG C 163 43.55 8.56 -10.00
CA ARG C 163 42.16 8.19 -9.86
C ARG C 163 42.05 6.74 -9.37
N ASN C 164 41.03 6.48 -8.55
CA ASN C 164 40.82 5.16 -7.97
C ASN C 164 39.78 4.35 -8.73
N HIS C 165 39.61 4.62 -10.02
CA HIS C 165 38.56 3.96 -10.78
C HIS C 165 38.78 2.44 -10.80
N TYR C 166 37.69 1.70 -10.72
CA TYR C 166 37.76 0.25 -10.81
C TYR C 166 38.21 -0.22 -12.19
N LEU C 167 38.12 0.64 -13.19
CA LEU C 167 38.61 0.34 -14.53
C LEU C 167 40.08 0.68 -14.71
N SER C 168 40.83 0.80 -13.62
CA SER C 168 42.24 1.18 -13.65
C SER C 168 43.16 -0.02 -13.54
N VAL C 169 42.80 -1.13 -14.19
CA VAL C 169 43.55 -2.39 -14.10
C VAL C 169 45.05 -2.11 -14.19
N ASN C 170 45.44 -1.37 -15.22
CA ASN C 170 46.84 -1.03 -15.44
C ASN C 170 46.97 0.41 -15.89
N ARG C 171 46.21 1.30 -15.25
CA ARG C 171 46.25 2.71 -15.58
C ARG C 171 46.40 3.53 -14.30
N SER C 172 47.04 4.70 -14.45
CA SER C 172 47.32 5.58 -13.32
C SER C 172 46.86 7.00 -13.68
N ALA C 173 45.63 7.09 -14.18
CA ALA C 173 45.13 8.38 -14.64
C ALA C 173 45.20 9.42 -13.53
N ILE C 174 45.65 10.62 -13.90
CA ILE C 174 45.80 11.69 -12.92
C ILE C 174 44.42 12.15 -12.47
N ASP C 175 44.26 12.34 -11.17
CA ASP C 175 43.02 12.89 -10.62
C ASP C 175 43.16 14.41 -10.60
N CYS C 176 42.42 15.08 -11.49
CA CYS C 176 42.57 16.52 -11.63
C CYS C 176 42.02 17.26 -10.43
N SER C 177 40.97 16.74 -9.79
CA SER C 177 40.40 17.41 -8.64
C SER C 177 41.44 17.61 -7.54
N SER C 178 42.46 16.75 -7.49
CA SER C 178 43.49 16.85 -6.47
C SER C 178 44.53 17.92 -6.78
N THR C 179 44.60 18.39 -8.03
CA THR C 179 45.58 19.40 -8.38
C THR C 179 45.35 20.72 -7.68
N GLY C 180 44.13 20.98 -7.21
CA GLY C 180 43.86 22.18 -6.44
C GLY C 180 43.91 23.46 -7.24
N TYR C 181 43.70 23.40 -8.54
CA TYR C 181 43.66 24.61 -9.33
C TYR C 181 42.45 25.45 -8.95
N GLU C 182 42.61 26.77 -8.98
CA GLU C 182 41.51 27.66 -8.67
C GLU C 182 40.45 27.58 -9.76
N GLU C 183 39.19 27.76 -9.35
CA GLU C 183 38.07 27.70 -10.27
C GLU C 183 37.74 29.11 -10.79
N ASN C 184 38.78 29.76 -11.31
CA ASN C 184 38.59 31.06 -11.93
C ASN C 184 37.71 30.92 -13.16
N TYR C 185 36.92 31.97 -13.43
CA TYR C 185 35.93 31.94 -14.48
C TYR C 185 36.37 32.67 -15.73
N ASP C 186 37.65 33.04 -15.83
CA ASP C 186 38.16 33.67 -17.04
C ASP C 186 38.40 32.59 -18.09
N TRP C 187 37.66 32.67 -19.20
CA TRP C 187 37.74 31.69 -20.27
C TRP C 187 37.97 32.37 -21.62
N SER C 188 38.72 33.47 -21.62
CA SER C 188 39.02 34.18 -22.85
C SER C 188 40.08 33.43 -23.64
N ALA C 189 40.42 33.99 -24.81
CA ALA C 189 41.50 33.41 -25.59
C ALA C 189 42.80 33.40 -24.81
N ASN C 190 43.12 34.51 -24.15
CA ASN C 190 44.35 34.56 -23.36
C ASN C 190 44.36 33.46 -22.31
N ALA C 191 43.21 33.16 -21.73
CA ALA C 191 43.16 32.12 -20.71
C ALA C 191 43.74 30.81 -21.24
N LEU C 192 43.27 30.37 -22.40
CA LEU C 192 43.87 29.19 -23.02
C LEU C 192 45.32 29.45 -23.37
N GLN C 193 45.61 30.60 -23.98
CA GLN C 193 46.97 30.88 -24.41
C GLN C 193 47.93 30.89 -23.22
N VAL C 194 47.56 31.55 -22.13
CA VAL C 194 48.43 31.62 -20.98
C VAL C 194 48.73 30.22 -20.46
N ALA C 195 47.69 29.43 -20.23
CA ALA C 195 47.89 28.09 -19.72
C ALA C 195 48.76 27.27 -20.67
N LEU C 196 48.51 27.41 -21.98
CA LEU C 196 49.35 26.74 -22.95
C LEU C 196 50.81 27.13 -22.77
N ASN C 197 51.07 28.43 -22.60
CA ASN C 197 52.43 28.87 -22.37
C ASN C 197 53.01 28.22 -21.11
N SER C 198 52.19 28.11 -20.06
CA SER C 198 52.66 27.47 -18.84
C SER C 198 53.07 26.03 -19.10
N TRP C 199 52.26 25.29 -19.84
CA TRP C 199 52.61 23.91 -20.14
C TRP C 199 53.94 23.82 -20.86
N GLU C 200 54.11 24.63 -21.91
CA GLU C 200 55.37 24.61 -22.63
C GLU C 200 56.54 24.88 -21.71
N ASN C 201 56.40 25.85 -20.81
CA ASN C 201 57.48 26.17 -19.89
C ASN C 201 57.80 24.98 -18.99
N VAL C 202 56.77 24.31 -18.49
CA VAL C 202 56.99 23.19 -17.58
C VAL C 202 57.02 21.85 -18.30
N LYS C 203 56.54 21.79 -19.54
CA LYS C 203 56.48 20.54 -20.26
C LYS C 203 57.87 19.92 -20.39
N PRO C 204 58.08 18.70 -19.90
CA PRO C 204 59.38 18.06 -20.11
C PRO C 204 59.66 17.90 -21.59
N LYS C 205 60.91 18.11 -21.97
CA LYS C 205 61.27 18.05 -23.38
C LYS C 205 61.40 16.60 -23.84
N LYS C 206 61.09 16.38 -25.11
CA LYS C 206 61.20 15.06 -25.72
C LYS C 206 62.68 14.76 -25.96
N LEU C 207 63.12 13.60 -25.48
CA LEU C 207 64.50 13.18 -25.73
C LEU C 207 64.70 12.96 -27.23
N GLU C 208 65.87 13.35 -27.72
CA GLU C 208 66.11 13.35 -29.15
C GLU C 208 65.85 11.97 -29.76
N SER C 209 66.42 10.93 -29.17
CA SER C 209 66.26 9.58 -29.68
C SER C 209 66.51 8.55 -28.59
N HIS C 225 65.74 5.89 -19.20
CA HIS C 225 65.32 7.29 -19.20
C HIS C 225 63.81 7.41 -19.04
N PRO C 226 63.35 8.55 -18.52
CA PRO C 226 61.91 8.74 -18.33
C PRO C 226 61.18 8.87 -19.65
N CYS C 227 59.94 8.41 -19.66
CA CYS C 227 59.09 8.50 -20.85
C CYS C 227 58.17 9.71 -20.74
N THR C 228 57.56 10.07 -21.87
CA THR C 228 56.65 11.20 -21.93
C THR C 228 55.68 10.99 -23.07
N MET C 229 54.61 11.78 -23.05
CA MET C 229 53.50 11.63 -24.00
C MET C 229 53.72 12.58 -25.16
N THR C 230 53.31 12.15 -26.36
CA THR C 230 53.46 12.99 -27.54
C THR C 230 52.52 14.20 -27.47
N GLU C 231 52.89 15.25 -28.19
CA GLU C 231 52.15 16.52 -28.17
C GLU C 231 51.08 16.60 -29.24
N GLU C 232 50.55 15.45 -29.68
CA GLU C 232 49.60 15.46 -30.79
C GLU C 232 48.37 16.31 -30.47
N TRP C 233 47.89 16.24 -29.24
CA TRP C 233 46.70 16.99 -28.85
C TRP C 233 46.85 18.48 -29.14
N GLN C 234 48.07 19.00 -29.09
CA GLN C 234 48.27 20.43 -29.30
C GLN C 234 47.70 20.88 -30.65
N THR C 235 47.63 19.97 -31.61
CA THR C 235 47.08 20.34 -32.91
C THR C 235 45.69 20.94 -32.76
N HIS C 236 44.80 20.23 -32.05
CA HIS C 236 43.46 20.75 -31.87
C HIS C 236 43.43 21.90 -30.88
N TYR C 237 44.06 21.73 -29.72
CA TYR C 237 43.99 22.77 -28.70
C TYR C 237 44.48 24.09 -29.25
N LYS C 238 45.66 24.10 -29.87
CA LYS C 238 46.17 25.35 -30.42
C LYS C 238 45.21 25.94 -31.44
N GLU C 239 44.58 25.10 -32.26
CA GLU C 239 43.59 25.60 -33.19
C GLU C 239 42.42 26.25 -32.46
N THR C 240 41.96 25.62 -31.38
CA THR C 240 40.83 26.17 -30.64
C THR C 240 41.09 27.61 -30.25
N VAL C 241 42.30 27.92 -29.80
CA VAL C 241 42.63 29.30 -29.44
C VAL C 241 42.41 30.22 -30.63
N LYS C 242 42.89 29.81 -31.80
CA LYS C 242 42.73 30.62 -33.00
C LYS C 242 41.26 30.92 -33.25
N LYS C 243 40.46 29.88 -33.41
CA LYS C 243 39.04 30.08 -33.71
C LYS C 243 38.35 30.85 -32.59
N LEU C 244 38.56 30.43 -31.34
CA LEU C 244 37.92 31.13 -30.23
C LEU C 244 38.27 32.61 -30.24
N LYS C 245 39.51 32.96 -30.58
CA LYS C 245 39.86 34.36 -30.73
C LYS C 245 38.98 35.03 -31.77
N GLU C 246 38.79 34.37 -32.91
CA GLU C 246 37.92 34.92 -33.94
C GLU C 246 36.50 35.06 -33.43
N LEU C 247 35.96 34.02 -32.79
CA LEU C 247 34.61 34.10 -32.25
C LEU C 247 34.47 35.27 -31.30
N GLU C 248 35.43 35.42 -30.37
CA GLU C 248 35.39 36.56 -29.47
C GLU C 248 35.48 37.87 -30.24
N GLY C 249 36.30 37.91 -31.30
CA GLY C 249 36.37 39.11 -32.12
C GLY C 249 35.03 39.46 -32.72
N ALA C 250 34.32 38.46 -33.25
CA ALA C 250 33.00 38.72 -33.81
C ALA C 250 32.08 39.31 -32.75
N HIS C 251 32.06 38.72 -31.56
CA HIS C 251 31.27 39.29 -30.47
C HIS C 251 31.63 40.75 -30.26
N GLU C 252 32.91 41.07 -30.28
CA GLU C 252 33.33 42.46 -30.13
C GLU C 252 32.78 43.31 -31.26
N LYS C 253 32.84 42.79 -32.49
CA LYS C 253 32.33 43.55 -33.62
C LYS C 253 30.85 43.86 -33.43
N GLY C 254 30.05 42.84 -33.09
CA GLY C 254 28.64 43.10 -32.82
C GLY C 254 28.44 44.02 -31.64
N ARG C 255 29.16 43.77 -30.56
CA ARG C 255 29.06 44.65 -29.39
C ARG C 255 29.34 46.09 -29.78
N ARG C 256 30.37 46.31 -30.60
CA ARG C 256 30.67 47.66 -31.05
C ARG C 256 29.48 48.25 -31.80
N ALA C 257 28.89 47.48 -32.71
CA ALA C 257 27.69 47.96 -33.39
C ALA C 257 26.59 48.27 -32.38
N HIS C 258 26.43 47.39 -31.40
CA HIS C 258 25.40 47.62 -30.39
C HIS C 258 25.58 48.95 -29.70
N ASP C 259 26.83 49.34 -29.46
CA ASP C 259 27.12 50.62 -28.82
C ASP C 259 26.65 51.78 -29.69
N ALA C 260 26.89 51.69 -31.00
CA ALA C 260 26.51 52.79 -31.88
C ALA C 260 25.02 53.06 -31.82
N MET C 261 24.21 52.01 -31.77
CA MET C 261 22.77 52.20 -31.81
C MET C 261 22.26 52.93 -30.57
N LEU C 262 22.82 52.62 -29.41
CA LEU C 262 22.36 53.26 -28.18
C LEU C 262 22.42 54.77 -28.26
N GLY C 263 23.41 55.31 -28.98
CA GLY C 263 23.50 56.75 -29.13
C GLY C 263 22.25 57.32 -29.75
N TYR C 264 21.78 56.69 -30.84
CA TYR C 264 20.55 57.14 -31.47
C TYR C 264 19.32 56.65 -30.69
N ALA C 265 19.35 55.40 -30.24
CA ALA C 265 18.18 54.83 -29.59
C ALA C 265 17.79 55.62 -28.36
N ASN C 266 18.77 55.98 -27.52
CA ASN C 266 18.47 56.73 -26.32
C ASN C 266 17.83 58.08 -26.68
N THR C 267 18.34 58.73 -27.72
CA THR C 267 17.71 59.97 -28.16
C THR C 267 16.26 59.72 -28.56
N ALA C 268 16.01 58.62 -29.28
CA ALA C 268 14.65 58.28 -29.66
C ALA C 268 13.78 57.99 -28.44
N TYR C 269 14.33 57.31 -27.43
CA TYR C 269 13.54 57.02 -26.25
C TYR C 269 13.26 58.27 -25.44
N ALA C 270 14.26 59.14 -25.30
CA ALA C 270 14.10 60.32 -24.46
C ALA C 270 12.98 61.20 -24.98
N VAL C 271 12.95 61.45 -26.28
CA VAL C 271 11.94 62.33 -26.84
C VAL C 271 10.55 61.76 -26.59
N ASN C 272 10.39 60.45 -26.76
CA ASN C 272 9.09 59.83 -26.52
C ASN C 272 8.68 59.99 -25.07
N THR C 273 9.62 59.87 -24.14
CA THR C 273 9.29 60.02 -22.73
C THR C 273 8.77 61.42 -22.43
N LYS C 274 9.46 62.45 -22.95
CA LYS C 274 9.07 63.82 -22.65
C LYS C 274 7.69 64.15 -23.18
N VAL C 275 7.41 63.77 -24.43
CA VAL C 275 6.12 64.09 -25.03
C VAL C 275 5.00 63.41 -24.26
N GLU C 276 5.18 62.14 -23.88
CA GLU C 276 4.16 61.45 -23.11
C GLU C 276 3.90 62.16 -21.78
N GLN C 277 4.88 62.90 -21.27
CA GLN C 277 4.68 63.73 -20.09
C GLN C 277 4.06 65.07 -20.43
N GLU C 278 3.77 65.33 -21.70
CA GLU C 278 3.20 66.59 -22.15
C GLU C 278 4.13 67.77 -21.85
N LYS C 279 5.43 67.53 -21.77
CA LYS C 279 6.38 68.58 -21.51
C LYS C 279 6.50 69.50 -22.73
N PRO C 280 6.93 70.74 -22.53
CA PRO C 280 7.00 71.69 -23.65
C PRO C 280 8.04 71.27 -24.69
N LEU C 281 7.82 71.77 -25.91
CA LEU C 281 8.70 71.41 -27.02
C LEU C 281 10.16 71.70 -26.70
N ALA C 282 10.43 72.87 -26.11
CA ALA C 282 11.81 73.23 -25.80
C ALA C 282 12.50 72.11 -25.02
N GLU C 283 11.83 71.57 -24.00
CA GLU C 283 12.36 70.41 -23.31
C GLU C 283 12.49 69.23 -24.25
N VAL C 284 11.49 69.01 -25.10
CA VAL C 284 11.51 67.88 -26.02
C VAL C 284 12.74 67.97 -26.92
N ILE C 285 12.95 69.12 -27.55
CA ILE C 285 14.13 69.29 -28.39
C ILE C 285 15.39 69.22 -27.54
N ALA C 286 15.39 69.87 -26.38
CA ALA C 286 16.55 69.84 -25.51
C ALA C 286 16.85 68.42 -25.06
N ALA C 287 15.83 67.65 -24.71
CA ALA C 287 16.04 66.29 -24.22
C ALA C 287 16.75 65.44 -25.26
N ALA C 288 16.32 65.53 -26.52
CA ALA C 288 16.99 64.78 -27.58
C ALA C 288 18.45 65.19 -27.70
N LYS C 289 18.71 66.50 -27.65
CA LYS C 289 20.07 67.01 -27.76
C LYS C 289 20.79 66.91 -26.43
#